data_8YEQ
# 
_entry.id   8YEQ 
# 
_audit_conform.dict_name       mmcif_pdbx.dic 
_audit_conform.dict_version    5.403 
_audit_conform.dict_location   http://mmcif.pdb.org/dictionaries/ascii/mmcif_pdbx.dic 
# 
loop_
_database_2.database_id 
_database_2.database_code 
_database_2.pdbx_database_accession 
_database_2.pdbx_DOI 
PDB   8YEQ         pdb_00008yeq 10.2210/pdb8yeq/pdb 
WWPDB D_1300045465 ?            ?                   
# 
loop_
_pdbx_audit_revision_history.ordinal 
_pdbx_audit_revision_history.data_content_type 
_pdbx_audit_revision_history.major_revision 
_pdbx_audit_revision_history.minor_revision 
_pdbx_audit_revision_history.revision_date 
_pdbx_audit_revision_history.part_number 
1 'Structure model' 1 0 2024-09-04 ? 
2 'Structure model' 1 1 2025-06-18 ? 
# 
_pdbx_audit_revision_details.ordinal             1 
_pdbx_audit_revision_details.revision_ordinal    1 
_pdbx_audit_revision_details.data_content_type   'Structure model' 
_pdbx_audit_revision_details.provider            repository 
_pdbx_audit_revision_details.type                'Initial release' 
_pdbx_audit_revision_details.description         ? 
_pdbx_audit_revision_details.details             ? 
# 
loop_
_pdbx_audit_revision_group.ordinal 
_pdbx_audit_revision_group.revision_ordinal 
_pdbx_audit_revision_group.data_content_type 
_pdbx_audit_revision_group.group 
1 2 'Structure model' 'Database references' 
2 2 'Structure model' 'Structure summary'   
# 
loop_
_pdbx_audit_revision_category.ordinal 
_pdbx_audit_revision_category.revision_ordinal 
_pdbx_audit_revision_category.data_content_type 
_pdbx_audit_revision_category.category 
1 2 'Structure model' citation           
2 2 'Structure model' citation_author    
3 2 'Structure model' pdbx_entry_details 
# 
loop_
_pdbx_audit_revision_item.ordinal 
_pdbx_audit_revision_item.revision_ordinal 
_pdbx_audit_revision_item.data_content_type 
_pdbx_audit_revision_item.item 
1  2 'Structure model' '_citation.country'                            
2  2 'Structure model' '_citation.journal_abbrev'                     
3  2 'Structure model' '_citation.journal_id_ASTM'                    
4  2 'Structure model' '_citation.journal_id_CSD'                     
5  2 'Structure model' '_citation.journal_id_ISSN'                    
6  2 'Structure model' '_citation.journal_volume'                     
7  2 'Structure model' '_citation.page_first'                         
8  2 'Structure model' '_citation.page_last'                          
9  2 'Structure model' '_citation.pdbx_database_id_DOI'               
10 2 'Structure model' '_citation.pdbx_database_id_PubMed'            
11 2 'Structure model' '_citation.title'                              
12 2 'Structure model' '_citation.year'                               
13 2 'Structure model' '_citation_author.identifier_ORCID'            
14 2 'Structure model' '_citation_author.name'                        
15 2 'Structure model' '_pdbx_entry_details.has_protein_modification' 
# 
_pdbx_database_status.status_code                     REL 
_pdbx_database_status.status_code_sf                  REL 
_pdbx_database_status.status_code_mr                  ? 
_pdbx_database_status.entry_id                        8YEQ 
_pdbx_database_status.recvd_initial_deposition_date   2024-02-23 
_pdbx_database_status.SG_entry                        N 
_pdbx_database_status.deposit_site                    PDBJ 
_pdbx_database_status.process_site                    PDBJ 
_pdbx_database_status.status_code_cs                  ? 
_pdbx_database_status.status_code_nmr_data            ? 
_pdbx_database_status.methods_development_category    ? 
_pdbx_database_status.pdb_format_compatible           Y 
# 
_pdbx_contact_author.id                 2 
_pdbx_contact_author.email              lata@barc.gov.in 
_pdbx_contact_author.name_first         Lata 
_pdbx_contact_author.name_last          Panicker 
_pdbx_contact_author.name_mi            ? 
_pdbx_contact_author.role               'principal investigator/group leader' 
_pdbx_contact_author.identifier_ORCID   0000-0002-8564-5304 
# 
loop_
_audit_author.name 
_audit_author.pdbx_ordinal 
_audit_author.identifier_ORCID 
'Panicker, L.' 1 0000-0002-8564-5304 
'Tripathi, P.' 2 0009-0004-1580-4615 
# 
_citation.abstract                  ? 
_citation.abstract_id_CAS           ? 
_citation.book_id_ISBN              ? 
_citation.book_publisher            ? 
_citation.book_publisher_city       ? 
_citation.book_title                ? 
_citation.coordinate_linkage        ? 
_citation.country                   US 
_citation.database_id_Medline       ? 
_citation.details                   ? 
_citation.id                        primary 
_citation.journal_abbrev            Arch.Biochem.Biophys. 
_citation.journal_id_ASTM           ABBIA4 
_citation.journal_id_CSD            0158 
_citation.journal_id_ISSN           1096-0384 
_citation.journal_full              ? 
_citation.journal_issue             ? 
_citation.journal_volume            771 
_citation.language                  ? 
_citation.page_first                110489 
_citation.page_last                 110489 
_citation.title                     
;Crystal structure, biophysical characterisation, modeling and docking studies of bL12 ribosomal protein from Mycobacterium tuberculosis.
;
_citation.year                      2025 
_citation.database_id_CSD           ? 
_citation.pdbx_database_id_DOI      10.1016/j.abb.2025.110489 
_citation.pdbx_database_id_PubMed   40466900 
_citation.pdbx_database_id_patent   ? 
_citation.unpublished_flag          ? 
# 
loop_
_citation_author.citation_id 
_citation_author.name 
_citation_author.ordinal 
_citation_author.identifier_ORCID 
primary 'Tripathi, P.' 1 ? 
primary 'Panicker, L.' 2 ? 
# 
loop_
_entity.id 
_entity.type 
_entity.src_method 
_entity.pdbx_description 
_entity.formula_weight 
_entity.pdbx_number_of_molecules 
_entity.pdbx_ec 
_entity.pdbx_mutation 
_entity.pdbx_fragment 
_entity.details 
1 polymer     man 'Large ribosomal subunit protein bL12' 18183.834 1   ? ? ? 
'His tag, thrombin cleavage site and also extra amino acid from the vector construct are contained.' 
2 non-polymer syn 1,2-ETHANEDIOL                         62.068    1   ? ? ? ? 
3 water       nat water                                  18.015    105 ? ? ? ? 
# 
_entity_name_com.entity_id   1 
_entity_name_com.name        '50S ribosomal protein L7/L12' 
# 
_entity_poly.entity_id                      1 
_entity_poly.type                           'polypeptide(L)' 
_entity_poly.nstd_linkage                   no 
_entity_poly.nstd_monomer                   no 
_entity_poly.pdbx_seq_one_letter_code       
;FCLTLRRRYTMGSSHHHHHHSSGLVPRGSHMENLYFQGMAGMAKLSTDELLDAFKEMTLLELSDFVKKFEETFEVTAAAP
VAVAAAGAAPAGAAVEAAEEQSEFDVILEAAGDKKIGVIKVVREIVSGLGLKEAKDLVDGAPKPLLEKVAKEAADEAKAK
LEAAGATVTVK
;
_entity_poly.pdbx_seq_one_letter_code_can   
;FCLTLRRRYTMGSSHHHHHHSSGLVPRGSHMENLYFQGMAGMAKLSTDELLDAFKEMTLLELSDFVKKFEETFEVTAAAP
VAVAAAGAAPAGAAVEAAEEQSEFDVILEAAGDKKIGVIKVVREIVSGLGLKEAKDLVDGAPKPLLEKVAKEAADEAKAK
LEAAGATVTVK
;
_entity_poly.pdbx_strand_id                 A 
_entity_poly.pdbx_target_identifier         ? 
# 
loop_
_pdbx_entity_nonpoly.entity_id 
_pdbx_entity_nonpoly.name 
_pdbx_entity_nonpoly.comp_id 
2 1,2-ETHANEDIOL EDO 
3 water          HOH 
# 
loop_
_entity_poly_seq.entity_id 
_entity_poly_seq.num 
_entity_poly_seq.mon_id 
_entity_poly_seq.hetero 
1 1   PHE n 
1 2   CYS n 
1 3   LEU n 
1 4   THR n 
1 5   LEU n 
1 6   ARG n 
1 7   ARG n 
1 8   ARG n 
1 9   TYR n 
1 10  THR n 
1 11  MET n 
1 12  GLY n 
1 13  SER n 
1 14  SER n 
1 15  HIS n 
1 16  HIS n 
1 17  HIS n 
1 18  HIS n 
1 19  HIS n 
1 20  HIS n 
1 21  SER n 
1 22  SER n 
1 23  GLY n 
1 24  LEU n 
1 25  VAL n 
1 26  PRO n 
1 27  ARG n 
1 28  GLY n 
1 29  SER n 
1 30  HIS n 
1 31  MET n 
1 32  GLU n 
1 33  ASN n 
1 34  LEU n 
1 35  TYR n 
1 36  PHE n 
1 37  GLN n 
1 38  GLY n 
1 39  MET n 
1 40  ALA n 
1 41  GLY n 
1 42  MET n 
1 43  ALA n 
1 44  LYS n 
1 45  LEU n 
1 46  SER n 
1 47  THR n 
1 48  ASP n 
1 49  GLU n 
1 50  LEU n 
1 51  LEU n 
1 52  ASP n 
1 53  ALA n 
1 54  PHE n 
1 55  LYS n 
1 56  GLU n 
1 57  MET n 
1 58  THR n 
1 59  LEU n 
1 60  LEU n 
1 61  GLU n 
1 62  LEU n 
1 63  SER n 
1 64  ASP n 
1 65  PHE n 
1 66  VAL n 
1 67  LYS n 
1 68  LYS n 
1 69  PHE n 
1 70  GLU n 
1 71  GLU n 
1 72  THR n 
1 73  PHE n 
1 74  GLU n 
1 75  VAL n 
1 76  THR n 
1 77  ALA n 
1 78  ALA n 
1 79  ALA n 
1 80  PRO n 
1 81  VAL n 
1 82  ALA n 
1 83  VAL n 
1 84  ALA n 
1 85  ALA n 
1 86  ALA n 
1 87  GLY n 
1 88  ALA n 
1 89  ALA n 
1 90  PRO n 
1 91  ALA n 
1 92  GLY n 
1 93  ALA n 
1 94  ALA n 
1 95  VAL n 
1 96  GLU n 
1 97  ALA n 
1 98  ALA n 
1 99  GLU n 
1 100 GLU n 
1 101 GLN n 
1 102 SER n 
1 103 GLU n 
1 104 PHE n 
1 105 ASP n 
1 106 VAL n 
1 107 ILE n 
1 108 LEU n 
1 109 GLU n 
1 110 ALA n 
1 111 ALA n 
1 112 GLY n 
1 113 ASP n 
1 114 LYS n 
1 115 LYS n 
1 116 ILE n 
1 117 GLY n 
1 118 VAL n 
1 119 ILE n 
1 120 LYS n 
1 121 VAL n 
1 122 VAL n 
1 123 ARG n 
1 124 GLU n 
1 125 ILE n 
1 126 VAL n 
1 127 SER n 
1 128 GLY n 
1 129 LEU n 
1 130 GLY n 
1 131 LEU n 
1 132 LYS n 
1 133 GLU n 
1 134 ALA n 
1 135 LYS n 
1 136 ASP n 
1 137 LEU n 
1 138 VAL n 
1 139 ASP n 
1 140 GLY n 
1 141 ALA n 
1 142 PRO n 
1 143 LYS n 
1 144 PRO n 
1 145 LEU n 
1 146 LEU n 
1 147 GLU n 
1 148 LYS n 
1 149 VAL n 
1 150 ALA n 
1 151 LYS n 
1 152 GLU n 
1 153 ALA n 
1 154 ALA n 
1 155 ASP n 
1 156 GLU n 
1 157 ALA n 
1 158 LYS n 
1 159 ALA n 
1 160 LYS n 
1 161 LEU n 
1 162 GLU n 
1 163 ALA n 
1 164 ALA n 
1 165 GLY n 
1 166 ALA n 
1 167 THR n 
1 168 VAL n 
1 169 THR n 
1 170 VAL n 
1 171 LYS n 
# 
_entity_src_gen.entity_id                          1 
_entity_src_gen.pdbx_src_id                        1 
_entity_src_gen.pdbx_alt_source_flag               sample 
_entity_src_gen.pdbx_seq_type                      'Biological sequence' 
_entity_src_gen.pdbx_beg_seq_num                   1 
_entity_src_gen.pdbx_end_seq_num                   171 
_entity_src_gen.gene_src_common_name               ? 
_entity_src_gen.gene_src_genus                     ? 
_entity_src_gen.pdbx_gene_src_gene                 rplL 
_entity_src_gen.gene_src_species                   ? 
_entity_src_gen.gene_src_strain                    CDC1551 
_entity_src_gen.gene_src_tissue                    ? 
_entity_src_gen.gene_src_tissue_fraction           ? 
_entity_src_gen.gene_src_details                   ? 
_entity_src_gen.pdbx_gene_src_fragment             ? 
_entity_src_gen.pdbx_gene_src_scientific_name      'Mycobacterium tuberculosis CDC1551' 
_entity_src_gen.pdbx_gene_src_ncbi_taxonomy_id     83332 
_entity_src_gen.pdbx_gene_src_variant              ? 
_entity_src_gen.pdbx_gene_src_cell_line            ? 
_entity_src_gen.pdbx_gene_src_atcc                 ? 
_entity_src_gen.pdbx_gene_src_organ                ? 
_entity_src_gen.pdbx_gene_src_organelle            ? 
_entity_src_gen.pdbx_gene_src_cell                 ? 
_entity_src_gen.pdbx_gene_src_cellular_location    ? 
_entity_src_gen.host_org_common_name               ? 
_entity_src_gen.pdbx_host_org_scientific_name      'Escherichia coli BL21(DE3)' 
_entity_src_gen.pdbx_host_org_ncbi_taxonomy_id     469008 
_entity_src_gen.host_org_genus                     ? 
_entity_src_gen.pdbx_host_org_gene                 ? 
_entity_src_gen.pdbx_host_org_organ                ? 
_entity_src_gen.host_org_species                   ? 
_entity_src_gen.pdbx_host_org_tissue               ? 
_entity_src_gen.pdbx_host_org_tissue_fraction      ? 
_entity_src_gen.pdbx_host_org_strain               'BL21(DE3)' 
_entity_src_gen.pdbx_host_org_variant              ? 
_entity_src_gen.pdbx_host_org_cell_line            pLysS 
_entity_src_gen.pdbx_host_org_atcc                 ? 
_entity_src_gen.pdbx_host_org_culture_collection   ? 
_entity_src_gen.pdbx_host_org_cell                 ? 
_entity_src_gen.pdbx_host_org_organelle            ? 
_entity_src_gen.pdbx_host_org_cellular_location    ? 
_entity_src_gen.pdbx_host_org_vector_type          ? 
_entity_src_gen.pdbx_host_org_vector               ? 
_entity_src_gen.host_org_details                   ? 
_entity_src_gen.expression_system_id               ? 
_entity_src_gen.plasmid_name                       ? 
_entity_src_gen.plasmid_details                    ? 
_entity_src_gen.pdbx_description                   ? 
# 
loop_
_chem_comp.id 
_chem_comp.type 
_chem_comp.mon_nstd_flag 
_chem_comp.name 
_chem_comp.pdbx_synonyms 
_chem_comp.formula 
_chem_comp.formula_weight 
ALA 'L-peptide linking' y ALANINE         ?                 'C3 H7 N O2'     89.093  
ARG 'L-peptide linking' y ARGININE        ?                 'C6 H15 N4 O2 1' 175.209 
ASN 'L-peptide linking' y ASPARAGINE      ?                 'C4 H8 N2 O3'    132.118 
ASP 'L-peptide linking' y 'ASPARTIC ACID' ?                 'C4 H7 N O4'     133.103 
CYS 'L-peptide linking' y CYSTEINE        ?                 'C3 H7 N O2 S'   121.158 
EDO non-polymer         . 1,2-ETHANEDIOL  'ETHYLENE GLYCOL' 'C2 H6 O2'       62.068  
GLN 'L-peptide linking' y GLUTAMINE       ?                 'C5 H10 N2 O3'   146.144 
GLU 'L-peptide linking' y 'GLUTAMIC ACID' ?                 'C5 H9 N O4'     147.129 
GLY 'peptide linking'   y GLYCINE         ?                 'C2 H5 N O2'     75.067  
HIS 'L-peptide linking' y HISTIDINE       ?                 'C6 H10 N3 O2 1' 156.162 
HOH non-polymer         . WATER           ?                 'H2 O'           18.015  
ILE 'L-peptide linking' y ISOLEUCINE      ?                 'C6 H13 N O2'    131.173 
LEU 'L-peptide linking' y LEUCINE         ?                 'C6 H13 N O2'    131.173 
LYS 'L-peptide linking' y LYSINE          ?                 'C6 H15 N2 O2 1' 147.195 
MET 'L-peptide linking' y METHIONINE      ?                 'C5 H11 N O2 S'  149.211 
PHE 'L-peptide linking' y PHENYLALANINE   ?                 'C9 H11 N O2'    165.189 
PRO 'L-peptide linking' y PROLINE         ?                 'C5 H9 N O2'     115.130 
SER 'L-peptide linking' y SERINE          ?                 'C3 H7 N O3'     105.093 
THR 'L-peptide linking' y THREONINE       ?                 'C4 H9 N O3'     119.119 
TYR 'L-peptide linking' y TYROSINE        ?                 'C9 H11 N O3'    181.189 
VAL 'L-peptide linking' y VALINE          ?                 'C5 H11 N O2'    117.146 
# 
loop_
_pdbx_poly_seq_scheme.asym_id 
_pdbx_poly_seq_scheme.entity_id 
_pdbx_poly_seq_scheme.seq_id 
_pdbx_poly_seq_scheme.mon_id 
_pdbx_poly_seq_scheme.ndb_seq_num 
_pdbx_poly_seq_scheme.pdb_seq_num 
_pdbx_poly_seq_scheme.auth_seq_num 
_pdbx_poly_seq_scheme.pdb_mon_id 
_pdbx_poly_seq_scheme.auth_mon_id 
_pdbx_poly_seq_scheme.pdb_strand_id 
_pdbx_poly_seq_scheme.pdb_ins_code 
_pdbx_poly_seq_scheme.hetero 
A 1 1   PHE 1   -41 ?   ?   ?   A . n 
A 1 2   CYS 2   -40 ?   ?   ?   A . n 
A 1 3   LEU 3   -39 ?   ?   ?   A . n 
A 1 4   THR 4   -38 ?   ?   ?   A . n 
A 1 5   LEU 5   -37 ?   ?   ?   A . n 
A 1 6   ARG 6   -36 ?   ?   ?   A . n 
A 1 7   ARG 7   -35 ?   ?   ?   A . n 
A 1 8   ARG 8   -34 ?   ?   ?   A . n 
A 1 9   TYR 9   -33 ?   ?   ?   A . n 
A 1 10  THR 10  -32 ?   ?   ?   A . n 
A 1 11  MET 11  -31 ?   ?   ?   A . n 
A 1 12  GLY 12  -30 ?   ?   ?   A . n 
A 1 13  SER 13  -29 ?   ?   ?   A . n 
A 1 14  SER 14  -28 ?   ?   ?   A . n 
A 1 15  HIS 15  -27 ?   ?   ?   A . n 
A 1 16  HIS 16  -26 ?   ?   ?   A . n 
A 1 17  HIS 17  -25 ?   ?   ?   A . n 
A 1 18  HIS 18  -24 ?   ?   ?   A . n 
A 1 19  HIS 19  -23 ?   ?   ?   A . n 
A 1 20  HIS 20  -22 ?   ?   ?   A . n 
A 1 21  SER 21  -21 ?   ?   ?   A . n 
A 1 22  SER 22  -20 ?   ?   ?   A . n 
A 1 23  GLY 23  -19 ?   ?   ?   A . n 
A 1 24  LEU 24  -18 ?   ?   ?   A . n 
A 1 25  VAL 25  -17 ?   ?   ?   A . n 
A 1 26  PRO 26  -16 ?   ?   ?   A . n 
A 1 27  ARG 27  -15 ?   ?   ?   A . n 
A 1 28  GLY 28  -14 ?   ?   ?   A . n 
A 1 29  SER 29  -13 ?   ?   ?   A . n 
A 1 30  HIS 30  -12 ?   ?   ?   A . n 
A 1 31  MET 31  -11 ?   ?   ?   A . n 
A 1 32  GLU 32  -10 ?   ?   ?   A . n 
A 1 33  ASN 33  -9  ?   ?   ?   A . n 
A 1 34  LEU 34  -8  ?   ?   ?   A . n 
A 1 35  TYR 35  -7  ?   ?   ?   A . n 
A 1 36  PHE 36  -6  ?   ?   ?   A . n 
A 1 37  GLN 37  -5  ?   ?   ?   A . n 
A 1 38  GLY 38  -4  ?   ?   ?   A . n 
A 1 39  MET 39  -3  ?   ?   ?   A . n 
A 1 40  ALA 40  -2  ?   ?   ?   A . n 
A 1 41  GLY 41  -1  ?   ?   ?   A . n 
A 1 42  MET 42  0   ?   ?   ?   A . n 
A 1 43  ALA 43  1   ?   ?   ?   A . n 
A 1 44  LYS 44  2   ?   ?   ?   A . n 
A 1 45  LEU 45  3   ?   ?   ?   A . n 
A 1 46  SER 46  4   ?   ?   ?   A . n 
A 1 47  THR 47  5   ?   ?   ?   A . n 
A 1 48  ASP 48  6   ?   ?   ?   A . n 
A 1 49  GLU 49  7   ?   ?   ?   A . n 
A 1 50  LEU 50  8   ?   ?   ?   A . n 
A 1 51  LEU 51  9   ?   ?   ?   A . n 
A 1 52  ASP 52  10  ?   ?   ?   A . n 
A 1 53  ALA 53  11  ?   ?   ?   A . n 
A 1 54  PHE 54  12  ?   ?   ?   A . n 
A 1 55  LYS 55  13  ?   ?   ?   A . n 
A 1 56  GLU 56  14  ?   ?   ?   A . n 
A 1 57  MET 57  15  ?   ?   ?   A . n 
A 1 58  THR 58  16  ?   ?   ?   A . n 
A 1 59  LEU 59  17  ?   ?   ?   A . n 
A 1 60  LEU 60  18  ?   ?   ?   A . n 
A 1 61  GLU 61  19  ?   ?   ?   A . n 
A 1 62  LEU 62  20  ?   ?   ?   A . n 
A 1 63  SER 63  21  ?   ?   ?   A . n 
A 1 64  ASP 64  22  ?   ?   ?   A . n 
A 1 65  PHE 65  23  ?   ?   ?   A . n 
A 1 66  VAL 66  24  ?   ?   ?   A . n 
A 1 67  LYS 67  25  ?   ?   ?   A . n 
A 1 68  LYS 68  26  ?   ?   ?   A . n 
A 1 69  PHE 69  27  ?   ?   ?   A . n 
A 1 70  GLU 70  28  ?   ?   ?   A . n 
A 1 71  GLU 71  29  ?   ?   ?   A . n 
A 1 72  THR 72  30  ?   ?   ?   A . n 
A 1 73  PHE 73  31  ?   ?   ?   A . n 
A 1 74  GLU 74  32  ?   ?   ?   A . n 
A 1 75  VAL 75  33  ?   ?   ?   A . n 
A 1 76  THR 76  34  ?   ?   ?   A . n 
A 1 77  ALA 77  35  ?   ?   ?   A . n 
A 1 78  ALA 78  36  ?   ?   ?   A . n 
A 1 79  ALA 79  37  ?   ?   ?   A . n 
A 1 80  PRO 80  38  ?   ?   ?   A . n 
A 1 81  VAL 81  39  ?   ?   ?   A . n 
A 1 82  ALA 82  40  ?   ?   ?   A . n 
A 1 83  VAL 83  41  ?   ?   ?   A . n 
A 1 84  ALA 84  42  ?   ?   ?   A . n 
A 1 85  ALA 85  43  ?   ?   ?   A . n 
A 1 86  ALA 86  44  ?   ?   ?   A . n 
A 1 87  GLY 87  45  ?   ?   ?   A . n 
A 1 88  ALA 88  46  ?   ?   ?   A . n 
A 1 89  ALA 89  47  ?   ?   ?   A . n 
A 1 90  PRO 90  48  ?   ?   ?   A . n 
A 1 91  ALA 91  49  ?   ?   ?   A . n 
A 1 92  GLY 92  50  ?   ?   ?   A . n 
A 1 93  ALA 93  51  ?   ?   ?   A . n 
A 1 94  ALA 94  52  ?   ?   ?   A . n 
A 1 95  VAL 95  53  ?   ?   ?   A . n 
A 1 96  GLU 96  54  ?   ?   ?   A . n 
A 1 97  ALA 97  55  ?   ?   ?   A . n 
A 1 98  ALA 98  56  ?   ?   ?   A . n 
A 1 99  GLU 99  57  ?   ?   ?   A . n 
A 1 100 GLU 100 58  58  GLU GLU A . n 
A 1 101 GLN 101 59  59  GLN GLN A . n 
A 1 102 SER 102 60  60  SER SER A . n 
A 1 103 GLU 103 61  61  GLU GLU A . n 
A 1 104 PHE 104 62  62  PHE PHE A . n 
A 1 105 ASP 105 63  63  ASP ASP A . n 
A 1 106 VAL 106 64  64  VAL VAL A . n 
A 1 107 ILE 107 65  65  ILE ILE A . n 
A 1 108 LEU 108 66  66  LEU LEU A . n 
A 1 109 GLU 109 67  67  GLU GLU A . n 
A 1 110 ALA 110 68  68  ALA ALA A . n 
A 1 111 ALA 111 69  69  ALA ALA A . n 
A 1 112 GLY 112 70  70  GLY GLY A . n 
A 1 113 ASP 113 71  71  ASP ASP A . n 
A 1 114 LYS 114 72  72  LYS LYS A . n 
A 1 115 LYS 115 73  73  LYS LYS A . n 
A 1 116 ILE 116 74  74  ILE ILE A . n 
A 1 117 GLY 117 75  75  GLY GLY A . n 
A 1 118 VAL 118 76  76  VAL VAL A . n 
A 1 119 ILE 119 77  77  ILE ILE A . n 
A 1 120 LYS 120 78  78  LYS LYS A . n 
A 1 121 VAL 121 79  79  VAL VAL A . n 
A 1 122 VAL 122 80  80  VAL VAL A . n 
A 1 123 ARG 123 81  81  ARG ARG A . n 
A 1 124 GLU 124 82  82  GLU GLU A . n 
A 1 125 ILE 125 83  83  ILE ILE A . n 
A 1 126 VAL 126 84  84  VAL VAL A . n 
A 1 127 SER 127 85  85  SER SER A . n 
A 1 128 GLY 128 86  86  GLY GLY A . n 
A 1 129 LEU 129 87  87  LEU LEU A . n 
A 1 130 GLY 130 88  88  GLY GLY A . n 
A 1 131 LEU 131 89  89  LEU LEU A . n 
A 1 132 LYS 132 90  90  LYS LYS A . n 
A 1 133 GLU 133 91  91  GLU GLU A . n 
A 1 134 ALA 134 92  92  ALA ALA A . n 
A 1 135 LYS 135 93  93  LYS LYS A . n 
A 1 136 ASP 136 94  94  ASP ASP A . n 
A 1 137 LEU 137 95  95  LEU LEU A . n 
A 1 138 VAL 138 96  96  VAL VAL A . n 
A 1 139 ASP 139 97  97  ASP ASP A . n 
A 1 140 GLY 140 98  98  GLY GLY A . n 
A 1 141 ALA 141 99  99  ALA ALA A . n 
A 1 142 PRO 142 100 100 PRO PRO A . n 
A 1 143 LYS 143 101 101 LYS LYS A . n 
A 1 144 PRO 144 102 102 PRO PRO A . n 
A 1 145 LEU 145 103 103 LEU LEU A . n 
A 1 146 LEU 146 104 104 LEU LEU A . n 
A 1 147 GLU 147 105 105 GLU GLU A . n 
A 1 148 LYS 148 106 106 LYS LYS A . n 
A 1 149 VAL 149 107 107 VAL VAL A . n 
A 1 150 ALA 150 108 108 ALA ALA A . n 
A 1 151 LYS 151 109 109 LYS LYS A . n 
A 1 152 GLU 152 110 110 GLU GLU A . n 
A 1 153 ALA 153 111 111 ALA ALA A . n 
A 1 154 ALA 154 112 112 ALA ALA A . n 
A 1 155 ASP 155 113 113 ASP ASP A . n 
A 1 156 GLU 156 114 114 GLU GLU A . n 
A 1 157 ALA 157 115 115 ALA ALA A . n 
A 1 158 LYS 158 116 116 LYS LYS A . n 
A 1 159 ALA 159 117 117 ALA ALA A . n 
A 1 160 LYS 160 118 118 LYS LYS A . n 
A 1 161 LEU 161 119 119 LEU LEU A . n 
A 1 162 GLU 162 120 120 GLU GLU A . n 
A 1 163 ALA 163 121 121 ALA ALA A . n 
A 1 164 ALA 164 122 122 ALA ALA A . n 
A 1 165 GLY 165 123 123 GLY GLY A . n 
A 1 166 ALA 166 124 124 ALA ALA A . n 
A 1 167 THR 167 125 125 THR THR A . n 
A 1 168 VAL 168 126 126 VAL VAL A . n 
A 1 169 THR 169 127 127 THR THR A . n 
A 1 170 VAL 170 128 128 VAL VAL A . n 
A 1 171 LYS 171 129 129 LYS LYS A . n 
# 
loop_
_pdbx_nonpoly_scheme.asym_id 
_pdbx_nonpoly_scheme.entity_id 
_pdbx_nonpoly_scheme.mon_id 
_pdbx_nonpoly_scheme.ndb_seq_num 
_pdbx_nonpoly_scheme.pdb_seq_num 
_pdbx_nonpoly_scheme.auth_seq_num 
_pdbx_nonpoly_scheme.pdb_mon_id 
_pdbx_nonpoly_scheme.auth_mon_id 
_pdbx_nonpoly_scheme.pdb_strand_id 
_pdbx_nonpoly_scheme.pdb_ins_code 
B 2 EDO 1   201 1   EDO EDO A . 
C 3 HOH 1   301 114 HOH HOH A . 
C 3 HOH 2   302 24  HOH HOH A . 
C 3 HOH 3   303 25  HOH HOH A . 
C 3 HOH 4   304 46  HOH HOH A . 
C 3 HOH 5   305 22  HOH HOH A . 
C 3 HOH 6   306 23  HOH HOH A . 
C 3 HOH 7   307 3   HOH HOH A . 
C 3 HOH 8   308 66  HOH HOH A . 
C 3 HOH 9   309 2   HOH HOH A . 
C 3 HOH 10  310 86  HOH HOH A . 
C 3 HOH 11  311 109 HOH HOH A . 
C 3 HOH 12  312 1   HOH HOH A . 
C 3 HOH 13  313 5   HOH HOH A . 
C 3 HOH 14  314 68  HOH HOH A . 
C 3 HOH 15  315 84  HOH HOH A . 
C 3 HOH 16  316 65  HOH HOH A . 
C 3 HOH 17  317 14  HOH HOH A . 
C 3 HOH 18  318 48  HOH HOH A . 
C 3 HOH 19  319 36  HOH HOH A . 
C 3 HOH 20  320 28  HOH HOH A . 
C 3 HOH 21  321 7   HOH HOH A . 
C 3 HOH 22  322 11  HOH HOH A . 
C 3 HOH 23  323 76  HOH HOH A . 
C 3 HOH 24  324 34  HOH HOH A . 
C 3 HOH 25  325 53  HOH HOH A . 
C 3 HOH 26  326 87  HOH HOH A . 
C 3 HOH 27  327 75  HOH HOH A . 
C 3 HOH 28  328 85  HOH HOH A . 
C 3 HOH 29  329 10  HOH HOH A . 
C 3 HOH 30  330 44  HOH HOH A . 
C 3 HOH 31  331 31  HOH HOH A . 
C 3 HOH 32  332 38  HOH HOH A . 
C 3 HOH 33  333 42  HOH HOH A . 
C 3 HOH 34  334 16  HOH HOH A . 
C 3 HOH 35  335 15  HOH HOH A . 
C 3 HOH 36  336 6   HOH HOH A . 
C 3 HOH 37  337 8   HOH HOH A . 
C 3 HOH 38  338 62  HOH HOH A . 
C 3 HOH 39  339 4   HOH HOH A . 
C 3 HOH 40  340 39  HOH HOH A . 
C 3 HOH 41  341 82  HOH HOH A . 
C 3 HOH 42  342 9   HOH HOH A . 
C 3 HOH 43  343 60  HOH HOH A . 
C 3 HOH 44  344 18  HOH HOH A . 
C 3 HOH 45  345 17  HOH HOH A . 
C 3 HOH 46  346 61  HOH HOH A . 
C 3 HOH 47  347 105 HOH HOH A . 
C 3 HOH 48  348 29  HOH HOH A . 
C 3 HOH 49  349 54  HOH HOH A . 
C 3 HOH 50  350 88  HOH HOH A . 
C 3 HOH 51  351 30  HOH HOH A . 
C 3 HOH 52  352 21  HOH HOH A . 
C 3 HOH 53  353 27  HOH HOH A . 
C 3 HOH 54  354 12  HOH HOH A . 
C 3 HOH 55  355 50  HOH HOH A . 
C 3 HOH 56  356 35  HOH HOH A . 
C 3 HOH 57  357 104 HOH HOH A . 
C 3 HOH 58  358 121 HOH HOH A . 
C 3 HOH 59  359 20  HOH HOH A . 
C 3 HOH 60  360 74  HOH HOH A . 
C 3 HOH 61  361 56  HOH HOH A . 
C 3 HOH 62  362 97  HOH HOH A . 
C 3 HOH 63  363 63  HOH HOH A . 
C 3 HOH 64  364 19  HOH HOH A . 
C 3 HOH 65  365 78  HOH HOH A . 
C 3 HOH 66  366 72  HOH HOH A . 
C 3 HOH 67  367 123 HOH HOH A . 
C 3 HOH 68  368 13  HOH HOH A . 
C 3 HOH 69  369 43  HOH HOH A . 
C 3 HOH 70  370 55  HOH HOH A . 
C 3 HOH 71  371 26  HOH HOH A . 
C 3 HOH 72  372 69  HOH HOH A . 
C 3 HOH 73  373 115 HOH HOH A . 
C 3 HOH 74  374 45  HOH HOH A . 
C 3 HOH 75  375 64  HOH HOH A . 
C 3 HOH 76  376 119 HOH HOH A . 
C 3 HOH 77  377 71  HOH HOH A . 
C 3 HOH 78  378 108 HOH HOH A . 
C 3 HOH 79  379 90  HOH HOH A . 
C 3 HOH 80  380 93  HOH HOH A . 
C 3 HOH 81  381 40  HOH HOH A . 
C 3 HOH 82  382 73  HOH HOH A . 
C 3 HOH 83  383 79  HOH HOH A . 
C 3 HOH 84  384 99  HOH HOH A . 
C 3 HOH 85  385 41  HOH HOH A . 
C 3 HOH 86  386 89  HOH HOH A . 
C 3 HOH 87  387 52  HOH HOH A . 
C 3 HOH 88  388 112 HOH HOH A . 
C 3 HOH 89  389 57  HOH HOH A . 
C 3 HOH 90  390 49  HOH HOH A . 
C 3 HOH 91  391 33  HOH HOH A . 
C 3 HOH 92  392 94  HOH HOH A . 
C 3 HOH 93  393 116 HOH HOH A . 
C 3 HOH 94  394 67  HOH HOH A . 
C 3 HOH 95  395 120 HOH HOH A . 
C 3 HOH 96  396 47  HOH HOH A . 
C 3 HOH 97  397 51  HOH HOH A . 
C 3 HOH 98  398 81  HOH HOH A . 
C 3 HOH 99  399 95  HOH HOH A . 
C 3 HOH 100 400 110 HOH HOH A . 
C 3 HOH 101 401 102 HOH HOH A . 
C 3 HOH 102 402 101 HOH HOH A . 
C 3 HOH 103 403 58  HOH HOH A . 
C 3 HOH 104 404 118 HOH HOH A . 
C 3 HOH 105 405 122 HOH HOH A . 
# 
loop_
_software.citation_id 
_software.classification 
_software.compiler_name 
_software.compiler_version 
_software.contact_author 
_software.contact_author_email 
_software.date 
_software.description 
_software.dependencies 
_software.hardware 
_software.language 
_software.location 
_software.mods 
_software.name 
_software.os 
_software.os_version 
_software.type 
_software.version 
_software.pdbx_ordinal 
? refinement       ? ? ? ? ? ? ? ? ? ? ? PHENIX  ? ? ? '(1.17.1_3660: ???)' 1 
? 'data reduction' ? ? ? ? ? ? ? ? ? ? ? XDS     ? ? ? .                    2 
? 'data scaling'   ? ? ? ? ? ? ? ? ? ? ? Aimless ? ? ? .                    3 
? phasing          ? ? ? ? ? ? ? ? ? ? ? PHENIX  ? ? ? .                    4 
# 
_cell.angle_alpha                  90.00 
_cell.angle_alpha_esd              ? 
_cell.angle_beta                   90.00 
_cell.angle_beta_esd               ? 
_cell.angle_gamma                  90.00 
_cell.angle_gamma_esd              ? 
_cell.entry_id                     8YEQ 
_cell.details                      ? 
_cell.formula_units_Z              ? 
_cell.length_a                     25.931 
_cell.length_a_esd                 ? 
_cell.length_b                     47.282 
_cell.length_b_esd                 ? 
_cell.length_c                     61.637 
_cell.length_c_esd                 ? 
_cell.volume                       ? 
_cell.volume_esd                   ? 
_cell.Z_PDB                        4 
_cell.reciprocal_angle_alpha       ? 
_cell.reciprocal_angle_beta        ? 
_cell.reciprocal_angle_gamma       ? 
_cell.reciprocal_angle_alpha_esd   ? 
_cell.reciprocal_angle_beta_esd    ? 
_cell.reciprocal_angle_gamma_esd   ? 
_cell.reciprocal_length_a          ? 
_cell.reciprocal_length_b          ? 
_cell.reciprocal_length_c          ? 
_cell.reciprocal_length_a_esd      ? 
_cell.reciprocal_length_b_esd      ? 
_cell.reciprocal_length_c_esd      ? 
_cell.pdbx_unique_axis             ? 
_cell.pdbx_esd_method              ? 
# 
_symmetry.entry_id                         8YEQ 
_symmetry.cell_setting                     ? 
_symmetry.Int_Tables_number                18 
_symmetry.space_group_name_Hall            ? 
_symmetry.space_group_name_H-M             'P 2 21 21' 
_symmetry.pdbx_full_space_group_name_H-M   ? 
# 
_exptl.absorpt_coefficient_mu     ? 
_exptl.absorpt_correction_T_max   ? 
_exptl.absorpt_correction_T_min   ? 
_exptl.absorpt_correction_type    ? 
_exptl.absorpt_process_details    ? 
_exptl.entry_id                   8YEQ 
_exptl.crystals_number            1 
_exptl.details                    ? 
_exptl.method                     'X-RAY DIFFRACTION' 
_exptl.method_details             ? 
# 
_exptl_crystal.colour                       ? 
_exptl_crystal.density_diffrn               ? 
_exptl_crystal.density_Matthews             1.04 
_exptl_crystal.density_method               ? 
_exptl_crystal.density_percent_sol          12.39 
_exptl_crystal.description                  ? 
_exptl_crystal.F_000                        ? 
_exptl_crystal.id                           1 
_exptl_crystal.preparation                  ? 
_exptl_crystal.size_max                     ? 
_exptl_crystal.size_mid                     ? 
_exptl_crystal.size_min                     ? 
_exptl_crystal.size_rad                     ? 
_exptl_crystal.colour_lustre                ? 
_exptl_crystal.colour_modifier              ? 
_exptl_crystal.colour_primary               ? 
_exptl_crystal.density_meas                 ? 
_exptl_crystal.density_meas_esd             ? 
_exptl_crystal.density_meas_gt              ? 
_exptl_crystal.density_meas_lt              ? 
_exptl_crystal.density_meas_temp            ? 
_exptl_crystal.density_meas_temp_esd        ? 
_exptl_crystal.density_meas_temp_gt         ? 
_exptl_crystal.density_meas_temp_lt         ? 
_exptl_crystal.pdbx_crystal_image_url       ? 
_exptl_crystal.pdbx_crystal_image_format    ? 
_exptl_crystal.pdbx_mosaicity               ? 
_exptl_crystal.pdbx_mosaicity_esd           ? 
_exptl_crystal.pdbx_mosaic_method           ? 
_exptl_crystal.pdbx_mosaic_block_size       ? 
_exptl_crystal.pdbx_mosaic_block_size_esd   ? 
# 
_exptl_crystal_grow.apparatus       ? 
_exptl_crystal_grow.atmosphere      ? 
_exptl_crystal_grow.crystal_id      1 
_exptl_crystal_grow.details         ? 
_exptl_crystal_grow.method          'VAPOR DIFFUSION, HANGING DROP' 
_exptl_crystal_grow.method_ref      ? 
_exptl_crystal_grow.pH              7.0 
_exptl_crystal_grow.pressure        ? 
_exptl_crystal_grow.pressure_esd    ? 
_exptl_crystal_grow.seeding         ? 
_exptl_crystal_grow.seeding_ref     ? 
_exptl_crystal_grow.temp_details    ? 
_exptl_crystal_grow.temp_esd        ? 
_exptl_crystal_grow.time            ? 
_exptl_crystal_grow.pdbx_details    
;0.1M Ammonium Acetate pH 7.0, 
25% PEG 8000
25% Ethylene Glycol
;
_exptl_crystal_grow.pdbx_pH_range   ? 
_exptl_crystal_grow.temp            293 
# 
_diffrn.ambient_environment              ? 
_diffrn.ambient_temp                     100 
_diffrn.ambient_temp_details             ? 
_diffrn.ambient_temp_esd                 ? 
_diffrn.crystal_id                       1 
_diffrn.crystal_support                  ? 
_diffrn.crystal_treatment                ? 
_diffrn.details                          ? 
_diffrn.id                               1 
_diffrn.ambient_pressure                 ? 
_diffrn.ambient_pressure_esd             ? 
_diffrn.ambient_pressure_gt              ? 
_diffrn.ambient_pressure_lt              ? 
_diffrn.ambient_temp_gt                  ? 
_diffrn.ambient_temp_lt                  ? 
_diffrn.pdbx_serial_crystal_experiment   N 
# 
_diffrn_detector.details                      ? 
_diffrn_detector.detector                     PIXEL 
_diffrn_detector.diffrn_id                    1 
_diffrn_detector.type                         'DECTRIS PILATUS3 R 1M' 
_diffrn_detector.area_resol_mean              ? 
_diffrn_detector.dtime                        ? 
_diffrn_detector.pdbx_frames_total            ? 
_diffrn_detector.pdbx_collection_time_total   ? 
_diffrn_detector.pdbx_collection_date         2021-02-08 
_diffrn_detector.pdbx_frequency               ? 
_diffrn_detector.id                           ? 
_diffrn_detector.number_of_axes               ? 
# 
_diffrn_radiation.collimation                      ? 
_diffrn_radiation.diffrn_id                        1 
_diffrn_radiation.filter_edge                      ? 
_diffrn_radiation.inhomogeneity                    ? 
_diffrn_radiation.monochromator                    ? 
_diffrn_radiation.polarisn_norm                    ? 
_diffrn_radiation.polarisn_ratio                   ? 
_diffrn_radiation.probe                            ? 
_diffrn_radiation.type                             ? 
_diffrn_radiation.xray_symbol                      ? 
_diffrn_radiation.wavelength_id                    1 
_diffrn_radiation.pdbx_monochromatic_or_laue_m_l   M 
_diffrn_radiation.pdbx_wavelength_list             ? 
_diffrn_radiation.pdbx_wavelength                  ? 
_diffrn_radiation.pdbx_diffrn_protocol             'SINGLE WAVELENGTH' 
_diffrn_radiation.pdbx_analyzer                    ? 
_diffrn_radiation.pdbx_scattering_type             x-ray 
# 
_diffrn_radiation_wavelength.id           1 
_diffrn_radiation_wavelength.wavelength   1.36 
_diffrn_radiation_wavelength.wt           1.0 
# 
_diffrn_source.current                     ? 
_diffrn_source.details                     ? 
_diffrn_source.diffrn_id                   1 
_diffrn_source.power                       ? 
_diffrn_source.size                        ? 
_diffrn_source.source                      'LIQUID ANODE' 
_diffrn_source.target                      ? 
_diffrn_source.type                        'Excillum MetalJet D2+ 160 kV' 
_diffrn_source.voltage                     ? 
_diffrn_source.take-off_angle              ? 
_diffrn_source.pdbx_wavelength_list        1.36 
_diffrn_source.pdbx_wavelength             ? 
_diffrn_source.pdbx_synchrotron_beamline   ? 
_diffrn_source.pdbx_synchrotron_site       ? 
# 
_reflns.B_iso_Wilson_estimate                          ? 
_reflns.entry_id                                       8YEQ 
_reflns.data_reduction_details                         ? 
_reflns.data_reduction_method                          ? 
_reflns.d_resolution_high                              1.50 
_reflns.d_resolution_low                               23.90 
_reflns.details                                        ? 
_reflns.limit_h_max                                    ? 
_reflns.limit_h_min                                    ? 
_reflns.limit_k_max                                    ? 
_reflns.limit_k_min                                    ? 
_reflns.limit_l_max                                    ? 
_reflns.limit_l_min                                    ? 
_reflns.number_all                                     ? 
_reflns.number_obs                                     12351 
_reflns.observed_criterion                             ? 
_reflns.observed_criterion_F_max                       ? 
_reflns.observed_criterion_F_min                       ? 
_reflns.observed_criterion_I_max                       ? 
_reflns.observed_criterion_I_min                       ? 
_reflns.observed_criterion_sigma_F                     ? 
_reflns.observed_criterion_sigma_I                     ? 
_reflns.percent_possible_obs                           97.5 
_reflns.R_free_details                                 ? 
_reflns.Rmerge_F_all                                   ? 
_reflns.Rmerge_F_obs                                   ? 
_reflns.Friedel_coverage                               ? 
_reflns.number_gt                                      ? 
_reflns.threshold_expression                           ? 
_reflns.pdbx_redundancy                                9.9 
_reflns.pdbx_netI_over_av_sigmaI                       ? 
_reflns.pdbx_netI_over_sigmaI                          55.1 
_reflns.pdbx_res_netI_over_av_sigmaI_2                 ? 
_reflns.pdbx_res_netI_over_sigmaI_2                    ? 
_reflns.pdbx_chi_squared                               1.0 
_reflns.pdbx_scaling_rejects                           ? 
_reflns.pdbx_d_res_high_opt                            ? 
_reflns.pdbx_d_res_low_opt                             ? 
_reflns.pdbx_d_res_opt_method                          ? 
_reflns.phase_calculation_details                      ? 
_reflns.pdbx_Rrim_I_all                                0.026 
_reflns.pdbx_Rpim_I_all                                0.008 
_reflns.pdbx_d_opt                                     ? 
_reflns.pdbx_number_measured_all                       ? 
_reflns.pdbx_diffrn_id                                 1 
_reflns.pdbx_ordinal                                   1 
_reflns.pdbx_CC_half                                   1.00 
_reflns.pdbx_CC_star                                   ? 
_reflns.pdbx_R_split                                   ? 
_reflns.pdbx_Rmerge_I_obs                              0.024 
_reflns.pdbx_Rmerge_I_all                              ? 
_reflns.pdbx_Rsym_value                                ? 
_reflns.pdbx_CC_split_method                           ? 
_reflns.pdbx_aniso_diffraction_limit_axis_1_ortho[1]   ? 
_reflns.pdbx_aniso_diffraction_limit_axis_1_ortho[2]   ? 
_reflns.pdbx_aniso_diffraction_limit_axis_1_ortho[3]   ? 
_reflns.pdbx_aniso_diffraction_limit_axis_2_ortho[1]   ? 
_reflns.pdbx_aniso_diffraction_limit_axis_2_ortho[2]   ? 
_reflns.pdbx_aniso_diffraction_limit_axis_2_ortho[3]   ? 
_reflns.pdbx_aniso_diffraction_limit_axis_3_ortho[1]   ? 
_reflns.pdbx_aniso_diffraction_limit_axis_3_ortho[2]   ? 
_reflns.pdbx_aniso_diffraction_limit_axis_3_ortho[3]   ? 
_reflns.pdbx_aniso_diffraction_limit_1                 ? 
_reflns.pdbx_aniso_diffraction_limit_2                 ? 
_reflns.pdbx_aniso_diffraction_limit_3                 ? 
_reflns.pdbx_aniso_B_tensor_eigenvector_1_ortho[1]     ? 
_reflns.pdbx_aniso_B_tensor_eigenvector_1_ortho[2]     ? 
_reflns.pdbx_aniso_B_tensor_eigenvector_1_ortho[3]     ? 
_reflns.pdbx_aniso_B_tensor_eigenvector_2_ortho[1]     ? 
_reflns.pdbx_aniso_B_tensor_eigenvector_2_ortho[2]     ? 
_reflns.pdbx_aniso_B_tensor_eigenvector_2_ortho[3]     ? 
_reflns.pdbx_aniso_B_tensor_eigenvector_3_ortho[1]     ? 
_reflns.pdbx_aniso_B_tensor_eigenvector_3_ortho[2]     ? 
_reflns.pdbx_aniso_B_tensor_eigenvector_3_ortho[3]     ? 
_reflns.pdbx_aniso_B_tensor_eigenvalue_1               ? 
_reflns.pdbx_aniso_B_tensor_eigenvalue_2               ? 
_reflns.pdbx_aniso_B_tensor_eigenvalue_3               ? 
_reflns.pdbx_orthogonalization_convention              ? 
_reflns.pdbx_percent_possible_ellipsoidal              ? 
_reflns.pdbx_percent_possible_spherical                ? 
_reflns.pdbx_percent_possible_ellipsoidal_anomalous    ? 
_reflns.pdbx_percent_possible_spherical_anomalous      ? 
_reflns.pdbx_redundancy_anomalous                      ? 
_reflns.pdbx_CC_half_anomalous                         ? 
_reflns.pdbx_absDiff_over_sigma_anomalous              ? 
_reflns.pdbx_percent_possible_anomalous                ? 
_reflns.pdbx_observed_signal_threshold                 ? 
_reflns.pdbx_signal_type                               ? 
_reflns.pdbx_signal_details                            ? 
_reflns.pdbx_signal_software_id                        ? 
# 
_reflns_shell.d_res_high                                    1.50 
_reflns_shell.d_res_low                                     1.53 
_reflns_shell.meanI_over_sigI_all                           ? 
_reflns_shell.meanI_over_sigI_obs                           13.1 
_reflns_shell.number_measured_all                           ? 
_reflns_shell.number_measured_obs                           ? 
_reflns_shell.number_possible                               ? 
_reflns_shell.number_unique_all                             ? 
_reflns_shell.number_unique_obs                             546 
_reflns_shell.percent_possible_obs                          ? 
_reflns_shell.Rmerge_F_all                                  ? 
_reflns_shell.Rmerge_F_obs                                  ? 
_reflns_shell.meanI_over_sigI_gt                            ? 
_reflns_shell.meanI_over_uI_all                             ? 
_reflns_shell.meanI_over_uI_gt                              ? 
_reflns_shell.number_measured_gt                            ? 
_reflns_shell.number_unique_gt                              ? 
_reflns_shell.percent_possible_gt                           ? 
_reflns_shell.Rmerge_F_gt                                   ? 
_reflns_shell.Rmerge_I_gt                                   ? 
_reflns_shell.pdbx_redundancy                               ? 
_reflns_shell.pdbx_chi_squared                              0.67 
_reflns_shell.pdbx_netI_over_sigmaI_all                     ? 
_reflns_shell.pdbx_netI_over_sigmaI_obs                     ? 
_reflns_shell.pdbx_Rrim_I_all                               0.103 
_reflns_shell.pdbx_Rpim_I_all                               0.042 
_reflns_shell.pdbx_rejects                                  ? 
_reflns_shell.pdbx_ordinal                                  1 
_reflns_shell.pdbx_diffrn_id                                1 
_reflns_shell.pdbx_CC_half                                  0.996 
_reflns_shell.pdbx_CC_star                                  ? 
_reflns_shell.pdbx_R_split                                  ? 
_reflns_shell.percent_possible_all                          85.4 
_reflns_shell.Rmerge_I_all                                  ? 
_reflns_shell.Rmerge_I_obs                                  0.093 
_reflns_shell.pdbx_Rsym_value                               ? 
_reflns_shell.pdbx_percent_possible_ellipsoidal             ? 
_reflns_shell.pdbx_percent_possible_spherical               ? 
_reflns_shell.pdbx_percent_possible_ellipsoidal_anomalous   ? 
_reflns_shell.pdbx_percent_possible_spherical_anomalous     ? 
_reflns_shell.pdbx_redundancy_anomalous                     ? 
_reflns_shell.pdbx_CC_half_anomalous                        ? 
_reflns_shell.pdbx_absDiff_over_sigma_anomalous             ? 
_reflns_shell.pdbx_percent_possible_anomalous               ? 
# 
_refine.aniso_B[1][1]                            ? 
_refine.aniso_B[1][2]                            ? 
_refine.aniso_B[1][3]                            ? 
_refine.aniso_B[2][2]                            ? 
_refine.aniso_B[2][3]                            ? 
_refine.aniso_B[3][3]                            ? 
_refine.B_iso_max                                ? 
_refine.B_iso_mean                               ? 
_refine.B_iso_min                                ? 
_refine.correlation_coeff_Fo_to_Fc               ? 
_refine.correlation_coeff_Fo_to_Fc_free          ? 
_refine.details                                  ? 
_refine.diff_density_max                         ? 
_refine.diff_density_max_esd                     ? 
_refine.diff_density_min                         ? 
_refine.diff_density_min_esd                     ? 
_refine.diff_density_rms                         ? 
_refine.diff_density_rms_esd                     ? 
_refine.entry_id                                 8YEQ 
_refine.pdbx_refine_id                           'X-RAY DIFFRACTION' 
_refine.ls_abs_structure_details                 ? 
_refine.ls_abs_structure_Flack                   ? 
_refine.ls_abs_structure_Flack_esd               ? 
_refine.ls_abs_structure_Rogers                  ? 
_refine.ls_abs_structure_Rogers_esd              ? 
_refine.ls_d_res_high                            1.50 
_refine.ls_d_res_low                             23.90 
_refine.ls_extinction_coef                       ? 
_refine.ls_extinction_coef_esd                   ? 
_refine.ls_extinction_expression                 ? 
_refine.ls_extinction_method                     ? 
_refine.ls_goodness_of_fit_all                   ? 
_refine.ls_goodness_of_fit_all_esd               ? 
_refine.ls_goodness_of_fit_obs                   ? 
_refine.ls_goodness_of_fit_obs_esd               ? 
_refine.ls_hydrogen_treatment                    ? 
_refine.ls_matrix_type                           ? 
_refine.ls_number_constraints                    ? 
_refine.ls_number_parameters                     ? 
_refine.ls_number_reflns_all                     ? 
_refine.ls_number_reflns_obs                     12314 
_refine.ls_number_reflns_R_free                  615 
_refine.ls_number_reflns_R_work                  ? 
_refine.ls_number_restraints                     ? 
_refine.ls_percent_reflns_obs                    97.08 
_refine.ls_percent_reflns_R_free                 4.99 
_refine.ls_R_factor_all                          ? 
_refine.ls_R_factor_obs                          0.1674 
_refine.ls_R_factor_R_free                       0.1943 
_refine.ls_R_factor_R_free_error                 ? 
_refine.ls_R_factor_R_free_error_details         ? 
_refine.ls_R_factor_R_work                       0.1660 
_refine.ls_R_Fsqd_factor_obs                     ? 
_refine.ls_R_I_factor_obs                        ? 
_refine.ls_redundancy_reflns_all                 ? 
_refine.ls_redundancy_reflns_obs                 ? 
_refine.ls_restrained_S_all                      ? 
_refine.ls_restrained_S_obs                      ? 
_refine.ls_shift_over_esd_max                    ? 
_refine.ls_shift_over_esd_mean                   ? 
_refine.ls_structure_factor_coef                 ? 
_refine.ls_weighting_details                     ? 
_refine.ls_weighting_scheme                      ? 
_refine.ls_wR_factor_all                         ? 
_refine.ls_wR_factor_obs                         ? 
_refine.ls_wR_factor_R_free                      ? 
_refine.ls_wR_factor_R_work                      ? 
_refine.occupancy_max                            ? 
_refine.occupancy_min                            ? 
_refine.solvent_model_details                    'FLAT BULK SOLVENT MODEL' 
_refine.solvent_model_param_bsol                 ? 
_refine.solvent_model_param_ksol                 ? 
_refine.pdbx_R_complete                          ? 
_refine.ls_R_factor_gt                           ? 
_refine.ls_goodness_of_fit_gt                    ? 
_refine.ls_goodness_of_fit_ref                   ? 
_refine.ls_shift_over_su_max                     ? 
_refine.ls_shift_over_su_max_lt                  ? 
_refine.ls_shift_over_su_mean                    ? 
_refine.ls_shift_over_su_mean_lt                 ? 
_refine.pdbx_ls_sigma_I                          ? 
_refine.pdbx_ls_sigma_F                          1.38 
_refine.pdbx_ls_sigma_Fsqd                       ? 
_refine.pdbx_data_cutoff_high_absF               ? 
_refine.pdbx_data_cutoff_high_rms_absF           ? 
_refine.pdbx_data_cutoff_low_absF                ? 
_refine.pdbx_isotropic_thermal_model             ? 
_refine.pdbx_ls_cross_valid_method               'FREE R-VALUE' 
_refine.pdbx_method_to_determine_struct          'MOLECULAR REPLACEMENT' 
_refine.pdbx_starting_model                      ? 
_refine.pdbx_stereochemistry_target_values       ML 
_refine.pdbx_R_Free_selection_details            ? 
_refine.pdbx_stereochem_target_val_spec_case     ? 
_refine.pdbx_overall_ESU_R                       ? 
_refine.pdbx_overall_ESU_R_Free                  ? 
_refine.pdbx_solvent_vdw_probe_radii             1.11 
_refine.pdbx_solvent_ion_probe_radii             ? 
_refine.pdbx_solvent_shrinkage_radii             0.90 
_refine.pdbx_real_space_R                        ? 
_refine.pdbx_density_correlation                 ? 
_refine.pdbx_pd_number_of_powder_patterns        ? 
_refine.pdbx_pd_number_of_points                 ? 
_refine.pdbx_pd_meas_number_of_points            ? 
_refine.pdbx_pd_proc_ls_prof_R_factor            ? 
_refine.pdbx_pd_proc_ls_prof_wR_factor           ? 
_refine.pdbx_pd_Marquardt_correlation_coeff      ? 
_refine.pdbx_pd_Fsqrd_R_factor                   ? 
_refine.pdbx_pd_ls_matrix_band_width             ? 
_refine.pdbx_overall_phase_error                 19.05 
_refine.pdbx_overall_SU_R_free_Cruickshank_DPI   ? 
_refine.pdbx_overall_SU_R_free_Blow_DPI          ? 
_refine.pdbx_overall_SU_R_Blow_DPI               ? 
_refine.pdbx_TLS_residual_ADP_flag               ? 
_refine.pdbx_diffrn_id                           1 
_refine.overall_SU_B                             ? 
_refine.overall_SU_ML                            0.15 
_refine.overall_SU_R_Cruickshank_DPI             ? 
_refine.overall_SU_R_free                        ? 
_refine.overall_FOM_free_R_set                   ? 
_refine.overall_FOM_work_R_set                   ? 
_refine.pdbx_average_fsc_overall                 ? 
_refine.pdbx_average_fsc_work                    ? 
_refine.pdbx_average_fsc_free                    ? 
# 
_refine_hist.pdbx_refine_id                   'X-RAY DIFFRACTION' 
_refine_hist.cycle_id                         LAST 
_refine_hist.pdbx_number_atoms_protein        527 
_refine_hist.pdbx_number_atoms_nucleic_acid   0 
_refine_hist.pdbx_number_atoms_ligand         4 
_refine_hist.number_atoms_solvent             105 
_refine_hist.number_atoms_total               636 
_refine_hist.d_res_high                       1.50 
_refine_hist.d_res_low                        23.90 
# 
loop_
_refine_ls_restr.pdbx_refine_id 
_refine_ls_restr.criterion 
_refine_ls_restr.dev_ideal 
_refine_ls_restr.dev_ideal_target 
_refine_ls_restr.number 
_refine_ls_restr.rejects 
_refine_ls_restr.type 
_refine_ls_restr.weight 
_refine_ls_restr.pdbx_restraint_function 
'X-RAY DIFFRACTION' ? 0.006 ? 548 ? f_bond_d           ? ? 
'X-RAY DIFFRACTION' ? 0.761 ? 736 ? f_angle_d          ? ? 
'X-RAY DIFFRACTION' ? 5.345 ? 78  ? f_dihedral_angle_d ? ? 
'X-RAY DIFFRACTION' ? 0.052 ? 91  ? f_chiral_restr     ? ? 
'X-RAY DIFFRACTION' ? 0.004 ? 94  ? f_plane_restr      ? ? 
# 
loop_
_refine_ls_shell.pdbx_refine_id 
_refine_ls_shell.d_res_high 
_refine_ls_shell.d_res_low 
_refine_ls_shell.number_reflns_all 
_refine_ls_shell.number_reflns_obs 
_refine_ls_shell.number_reflns_R_free 
_refine_ls_shell.number_reflns_R_work 
_refine_ls_shell.percent_reflns_obs 
_refine_ls_shell.percent_reflns_R_free 
_refine_ls_shell.R_factor_all 
_refine_ls_shell.R_factor_obs 
_refine_ls_shell.R_factor_R_free_error 
_refine_ls_shell.R_factor_R_work 
_refine_ls_shell.redundancy_reflns_all 
_refine_ls_shell.redundancy_reflns_obs 
_refine_ls_shell.wR_factor_all 
_refine_ls_shell.wR_factor_obs 
_refine_ls_shell.wR_factor_R_free 
_refine_ls_shell.wR_factor_R_work 
_refine_ls_shell.pdbx_R_complete 
_refine_ls_shell.pdbx_total_number_of_bins_used 
_refine_ls_shell.pdbx_phase_error 
_refine_ls_shell.pdbx_fsc_work 
_refine_ls_shell.pdbx_fsc_free 
_refine_ls_shell.R_factor_R_free 
'X-RAY DIFFRACTION' 1.50 1.65  . . 135 2718 92.00 . . . . 0.1639 . . . . . . . . . . . 0.2228 
'X-RAY DIFFRACTION' 1.65 1.89  . . 164 2907 98.00 . . . . 0.1665 . . . . . . . . . . . 0.2031 
'X-RAY DIFFRACTION' 1.89 2.38  . . 147 2989 99.00 . . . . 0.1657 . . . . . . . . . . . 0.1782 
'X-RAY DIFFRACTION' 2.38 23.90 . . 169 3085 98.00 . . . . 0.1665 . . . . . . . . . . . 0.1951 
# 
_struct.entry_id                     8YEQ 
_struct.title                        'Crystal structure of L7/L12 Ribosomal Protein from Mycobacterium tuberculosis' 
_struct.pdbx_model_details           ? 
_struct.pdbx_formula_weight          ? 
_struct.pdbx_formula_weight_method   ? 
_struct.pdbx_model_type_details      ? 
_struct.pdbx_CASP_flag               N 
# 
_struct_keywords.entry_id        8YEQ 
_struct_keywords.text            'Ribosomal protein, single crystal, Structural protein, Translational protein' 
_struct_keywords.pdbx_keywords   'RIBOSOMAL PROTEIN' 
# 
loop_
_struct_asym.id 
_struct_asym.pdbx_blank_PDB_chainid_flag 
_struct_asym.pdbx_modified 
_struct_asym.entity_id 
_struct_asym.details 
A N N 1 ? 
B N N 2 ? 
C N N 3 ? 
# 
_struct_ref.id                         1 
_struct_ref.db_name                    UNP 
_struct_ref.db_code                    RL7_MYCTU 
_struct_ref.pdbx_db_accession          P9WHE3 
_struct_ref.pdbx_db_isoform            ? 
_struct_ref.entity_id                  1 
_struct_ref.pdbx_seq_one_letter_code   
;MAKLSTDELLDAFKEMTLLELSDFVKKFEETFEVTAAAPVAVAAAGAAPAGAAVEAAEEQSEFDVILEAAGDKKIGVIKV
VREIVSGLGLKEAKDLVDGAPKPLLEKVAKEAADEAKAKLEAAGATVTVK
;
_struct_ref.pdbx_align_begin           1 
# 
_struct_ref_seq.align_id                      1 
_struct_ref_seq.ref_id                        1 
_struct_ref_seq.pdbx_PDB_id_code              8YEQ 
_struct_ref_seq.pdbx_strand_id                A 
_struct_ref_seq.seq_align_beg                 42 
_struct_ref_seq.pdbx_seq_align_beg_ins_code   ? 
_struct_ref_seq.seq_align_end                 171 
_struct_ref_seq.pdbx_seq_align_end_ins_code   ? 
_struct_ref_seq.pdbx_db_accession             P9WHE3 
_struct_ref_seq.db_align_beg                  1 
_struct_ref_seq.pdbx_db_align_beg_ins_code    ? 
_struct_ref_seq.db_align_end                  130 
_struct_ref_seq.pdbx_db_align_end_ins_code    ? 
_struct_ref_seq.pdbx_auth_seq_align_beg       0 
_struct_ref_seq.pdbx_auth_seq_align_end       129 
# 
loop_
_struct_ref_seq_dif.align_id 
_struct_ref_seq_dif.pdbx_pdb_id_code 
_struct_ref_seq_dif.mon_id 
_struct_ref_seq_dif.pdbx_pdb_strand_id 
_struct_ref_seq_dif.seq_num 
_struct_ref_seq_dif.pdbx_pdb_ins_code 
_struct_ref_seq_dif.pdbx_seq_db_name 
_struct_ref_seq_dif.pdbx_seq_db_accession_code 
_struct_ref_seq_dif.db_mon_id 
_struct_ref_seq_dif.pdbx_seq_db_seq_num 
_struct_ref_seq_dif.details 
_struct_ref_seq_dif.pdbx_auth_seq_num 
_struct_ref_seq_dif.pdbx_ordinal 
1 8YEQ PHE A 1  ? UNP P9WHE3 ? ? 'expression tag' -41 1  
1 8YEQ CYS A 2  ? UNP P9WHE3 ? ? 'expression tag' -40 2  
1 8YEQ LEU A 3  ? UNP P9WHE3 ? ? 'expression tag' -39 3  
1 8YEQ THR A 4  ? UNP P9WHE3 ? ? 'expression tag' -38 4  
1 8YEQ LEU A 5  ? UNP P9WHE3 ? ? 'expression tag' -37 5  
1 8YEQ ARG A 6  ? UNP P9WHE3 ? ? 'expression tag' -36 6  
1 8YEQ ARG A 7  ? UNP P9WHE3 ? ? 'expression tag' -35 7  
1 8YEQ ARG A 8  ? UNP P9WHE3 ? ? 'expression tag' -34 8  
1 8YEQ TYR A 9  ? UNP P9WHE3 ? ? 'expression tag' -33 9  
1 8YEQ THR A 10 ? UNP P9WHE3 ? ? 'expression tag' -32 10 
1 8YEQ MET A 11 ? UNP P9WHE3 ? ? 'expression tag' -31 11 
1 8YEQ GLY A 12 ? UNP P9WHE3 ? ? 'expression tag' -30 12 
1 8YEQ SER A 13 ? UNP P9WHE3 ? ? 'expression tag' -29 13 
1 8YEQ SER A 14 ? UNP P9WHE3 ? ? 'expression tag' -28 14 
1 8YEQ HIS A 15 ? UNP P9WHE3 ? ? 'expression tag' -27 15 
1 8YEQ HIS A 16 ? UNP P9WHE3 ? ? 'expression tag' -26 16 
1 8YEQ HIS A 17 ? UNP P9WHE3 ? ? 'expression tag' -25 17 
1 8YEQ HIS A 18 ? UNP P9WHE3 ? ? 'expression tag' -24 18 
1 8YEQ HIS A 19 ? UNP P9WHE3 ? ? 'expression tag' -23 19 
1 8YEQ HIS A 20 ? UNP P9WHE3 ? ? 'expression tag' -22 20 
1 8YEQ SER A 21 ? UNP P9WHE3 ? ? 'expression tag' -21 21 
1 8YEQ SER A 22 ? UNP P9WHE3 ? ? 'expression tag' -20 22 
1 8YEQ GLY A 23 ? UNP P9WHE3 ? ? 'expression tag' -19 23 
1 8YEQ LEU A 24 ? UNP P9WHE3 ? ? 'expression tag' -18 24 
1 8YEQ VAL A 25 ? UNP P9WHE3 ? ? 'expression tag' -17 25 
1 8YEQ PRO A 26 ? UNP P9WHE3 ? ? 'expression tag' -16 26 
1 8YEQ ARG A 27 ? UNP P9WHE3 ? ? 'expression tag' -15 27 
1 8YEQ GLY A 28 ? UNP P9WHE3 ? ? 'expression tag' -14 28 
1 8YEQ SER A 29 ? UNP P9WHE3 ? ? 'expression tag' -13 29 
1 8YEQ HIS A 30 ? UNP P9WHE3 ? ? 'expression tag' -12 30 
1 8YEQ MET A 31 ? UNP P9WHE3 ? ? 'expression tag' -11 31 
1 8YEQ GLU A 32 ? UNP P9WHE3 ? ? 'expression tag' -10 32 
1 8YEQ ASN A 33 ? UNP P9WHE3 ? ? 'expression tag' -9  33 
1 8YEQ LEU A 34 ? UNP P9WHE3 ? ? 'expression tag' -8  34 
1 8YEQ TYR A 35 ? UNP P9WHE3 ? ? 'expression tag' -7  35 
1 8YEQ PHE A 36 ? UNP P9WHE3 ? ? 'expression tag' -6  36 
1 8YEQ GLN A 37 ? UNP P9WHE3 ? ? 'expression tag' -5  37 
1 8YEQ GLY A 38 ? UNP P9WHE3 ? ? 'expression tag' -4  38 
1 8YEQ MET A 39 ? UNP P9WHE3 ? ? 'expression tag' -3  39 
1 8YEQ ALA A 40 ? UNP P9WHE3 ? ? 'expression tag' -2  40 
1 8YEQ GLY A 41 ? UNP P9WHE3 ? ? 'expression tag' -1  41 
# 
_pdbx_struct_assembly.id                   1 
_pdbx_struct_assembly.details              author_and_software_defined_assembly 
_pdbx_struct_assembly.method_details       ? 
_pdbx_struct_assembly.oligomeric_details   monomeric 
_pdbx_struct_assembly.oligomeric_count     1 
# 
_pdbx_struct_assembly_gen.assembly_id       1 
_pdbx_struct_assembly_gen.oper_expression   1 
_pdbx_struct_assembly_gen.asym_id_list      A,B,C 
# 
_pdbx_struct_assembly_auth_evidence.id                     1 
_pdbx_struct_assembly_auth_evidence.assembly_id            1 
_pdbx_struct_assembly_auth_evidence.experimental_support   none 
_pdbx_struct_assembly_auth_evidence.details                ? 
# 
_pdbx_struct_oper_list.id                   1 
_pdbx_struct_oper_list.type                 'identity operation' 
_pdbx_struct_oper_list.name                 1_555 
_pdbx_struct_oper_list.symmetry_operation   x,y,z 
_pdbx_struct_oper_list.matrix[1][1]         1.0 
_pdbx_struct_oper_list.matrix[1][2]         0.0 
_pdbx_struct_oper_list.matrix[1][3]         0.0 
_pdbx_struct_oper_list.vector[1]            0.0 
_pdbx_struct_oper_list.matrix[2][1]         0.0 
_pdbx_struct_oper_list.matrix[2][2]         1.0 
_pdbx_struct_oper_list.matrix[2][3]         0.0 
_pdbx_struct_oper_list.vector[2]            0.0 
_pdbx_struct_oper_list.matrix[3][1]         0.0 
_pdbx_struct_oper_list.matrix[3][2]         0.0 
_pdbx_struct_oper_list.matrix[3][3]         1.0 
_pdbx_struct_oper_list.vector[3]            0.0 
# 
loop_
_struct_conf.conf_type_id 
_struct_conf.id 
_struct_conf.pdbx_PDB_helix_id 
_struct_conf.beg_label_comp_id 
_struct_conf.beg_label_asym_id 
_struct_conf.beg_label_seq_id 
_struct_conf.pdbx_beg_PDB_ins_code 
_struct_conf.end_label_comp_id 
_struct_conf.end_label_asym_id 
_struct_conf.end_label_seq_id 
_struct_conf.pdbx_end_PDB_ins_code 
_struct_conf.beg_auth_comp_id 
_struct_conf.beg_auth_asym_id 
_struct_conf.beg_auth_seq_id 
_struct_conf.end_auth_comp_id 
_struct_conf.end_auth_asym_id 
_struct_conf.end_auth_seq_id 
_struct_conf.pdbx_PDB_helix_class 
_struct_conf.details 
_struct_conf.pdbx_PDB_helix_length 
HELX_P HELX_P1 AA1 LYS A 114 ? VAL A 126 ? LYS A 72  VAL A 84  1 ? 13 
HELX_P HELX_P2 AA2 GLY A 130 ? GLY A 140 ? GLY A 88  GLY A 98  1 ? 11 
HELX_P HELX_P3 AA3 ALA A 150 ? ALA A 164 ? ALA A 108 ALA A 122 1 ? 15 
# 
_struct_conf_type.id          HELX_P 
_struct_conf_type.criteria    ? 
_struct_conf_type.reference   ? 
# 
_struct_mon_prot_cis.pdbx_id                1 
_struct_mon_prot_cis.label_comp_id          ALA 
_struct_mon_prot_cis.label_seq_id           141 
_struct_mon_prot_cis.label_asym_id          A 
_struct_mon_prot_cis.label_alt_id           . 
_struct_mon_prot_cis.pdbx_PDB_ins_code      ? 
_struct_mon_prot_cis.auth_comp_id           ALA 
_struct_mon_prot_cis.auth_seq_id            99 
_struct_mon_prot_cis.auth_asym_id           A 
_struct_mon_prot_cis.pdbx_label_comp_id_2   PRO 
_struct_mon_prot_cis.pdbx_label_seq_id_2    142 
_struct_mon_prot_cis.pdbx_label_asym_id_2   A 
_struct_mon_prot_cis.pdbx_PDB_ins_code_2    ? 
_struct_mon_prot_cis.pdbx_auth_comp_id_2    PRO 
_struct_mon_prot_cis.pdbx_auth_seq_id_2     100 
_struct_mon_prot_cis.pdbx_auth_asym_id_2    A 
_struct_mon_prot_cis.pdbx_PDB_model_num     1 
_struct_mon_prot_cis.pdbx_omega_angle       1.93 
# 
_struct_sheet.id               AA1 
_struct_sheet.type             ? 
_struct_sheet.number_strands   3 
_struct_sheet.details          ? 
# 
loop_
_struct_sheet_order.sheet_id 
_struct_sheet_order.range_id_1 
_struct_sheet_order.range_id_2 
_struct_sheet_order.offset 
_struct_sheet_order.sense 
AA1 1 2 ? anti-parallel 
AA1 2 3 ? anti-parallel 
# 
loop_
_struct_sheet_range.sheet_id 
_struct_sheet_range.id 
_struct_sheet_range.beg_label_comp_id 
_struct_sheet_range.beg_label_asym_id 
_struct_sheet_range.beg_label_seq_id 
_struct_sheet_range.pdbx_beg_PDB_ins_code 
_struct_sheet_range.end_label_comp_id 
_struct_sheet_range.end_label_asym_id 
_struct_sheet_range.end_label_seq_id 
_struct_sheet_range.pdbx_end_PDB_ins_code 
_struct_sheet_range.beg_auth_comp_id 
_struct_sheet_range.beg_auth_asym_id 
_struct_sheet_range.beg_auth_seq_id 
_struct_sheet_range.end_auth_comp_id 
_struct_sheet_range.end_auth_asym_id 
_struct_sheet_range.end_auth_seq_id 
AA1 1 LYS A 143 ? VAL A 149 ? LYS A 101 VAL A 107 
AA1 2 PHE A 104 ? ALA A 110 ? PHE A 62  ALA A 68  
AA1 3 THR A 167 ? LYS A 171 ? THR A 125 LYS A 129 
# 
loop_
_pdbx_struct_sheet_hbond.sheet_id 
_pdbx_struct_sheet_hbond.range_id_1 
_pdbx_struct_sheet_hbond.range_id_2 
_pdbx_struct_sheet_hbond.range_1_label_atom_id 
_pdbx_struct_sheet_hbond.range_1_label_comp_id 
_pdbx_struct_sheet_hbond.range_1_label_asym_id 
_pdbx_struct_sheet_hbond.range_1_label_seq_id 
_pdbx_struct_sheet_hbond.range_1_PDB_ins_code 
_pdbx_struct_sheet_hbond.range_1_auth_atom_id 
_pdbx_struct_sheet_hbond.range_1_auth_comp_id 
_pdbx_struct_sheet_hbond.range_1_auth_asym_id 
_pdbx_struct_sheet_hbond.range_1_auth_seq_id 
_pdbx_struct_sheet_hbond.range_2_label_atom_id 
_pdbx_struct_sheet_hbond.range_2_label_comp_id 
_pdbx_struct_sheet_hbond.range_2_label_asym_id 
_pdbx_struct_sheet_hbond.range_2_label_seq_id 
_pdbx_struct_sheet_hbond.range_2_PDB_ins_code 
_pdbx_struct_sheet_hbond.range_2_auth_atom_id 
_pdbx_struct_sheet_hbond.range_2_auth_comp_id 
_pdbx_struct_sheet_hbond.range_2_auth_asym_id 
_pdbx_struct_sheet_hbond.range_2_auth_seq_id 
AA1 1 2 O LEU A 145 ? O LEU A 103 N VAL A 106 ? N VAL A 64  
AA1 2 3 N ILE A 107 ? N ILE A 65  O THR A 169 ? O THR A 127 
# 
_pdbx_entry_details.entry_id                   8YEQ 
_pdbx_entry_details.has_ligand_of_interest     N 
_pdbx_entry_details.compound_details           ? 
_pdbx_entry_details.source_details             ? 
_pdbx_entry_details.nonpolymer_details         ? 
_pdbx_entry_details.sequence_details           ? 
_pdbx_entry_details.has_protein_modification   N 
# 
_pdbx_refine_tls.id               1 
_pdbx_refine_tls.pdbx_refine_id   'X-RAY DIFFRACTION' 
_pdbx_refine_tls.details          ? 
_pdbx_refine_tls.method           refined 
_pdbx_refine_tls.origin_x         -0.1944 
_pdbx_refine_tls.origin_y         0.2356 
_pdbx_refine_tls.origin_z         0.5019 
_pdbx_refine_tls.T[1][1]          0.0683 
_pdbx_refine_tls.T[1][1]_esd      ? 
_pdbx_refine_tls.T[1][2]          0.0042 
_pdbx_refine_tls.T[1][2]_esd      ? 
_pdbx_refine_tls.T[1][3]          0.0011 
_pdbx_refine_tls.T[1][3]_esd      ? 
_pdbx_refine_tls.T[2][2]          0.0705 
_pdbx_refine_tls.T[2][2]_esd      ? 
_pdbx_refine_tls.T[2][3]          -0.0021 
_pdbx_refine_tls.T[2][3]_esd      ? 
_pdbx_refine_tls.T[3][3]          0.0724 
_pdbx_refine_tls.T[3][3]_esd      ? 
_pdbx_refine_tls.L[1][1]          0.8271 
_pdbx_refine_tls.L[1][1]_esd      ? 
_pdbx_refine_tls.L[1][2]          0.0566 
_pdbx_refine_tls.L[1][2]_esd      ? 
_pdbx_refine_tls.L[1][3]          0.2795 
_pdbx_refine_tls.L[1][3]_esd      ? 
_pdbx_refine_tls.L[2][2]          0.4738 
_pdbx_refine_tls.L[2][2]_esd      ? 
_pdbx_refine_tls.L[2][3]          -0.1854 
_pdbx_refine_tls.L[2][3]_esd      ? 
_pdbx_refine_tls.L[3][3]          1.1793 
_pdbx_refine_tls.L[3][3]_esd      ? 
_pdbx_refine_tls.S[1][1]          -0.0186 
_pdbx_refine_tls.S[1][1]_esd      ? 
_pdbx_refine_tls.S[1][2]          -0.0207 
_pdbx_refine_tls.S[1][2]_esd      ? 
_pdbx_refine_tls.S[1][3]          0.0301 
_pdbx_refine_tls.S[1][3]_esd      ? 
_pdbx_refine_tls.S[2][1]          0.0267 
_pdbx_refine_tls.S[2][1]_esd      ? 
_pdbx_refine_tls.S[2][2]          0.0056 
_pdbx_refine_tls.S[2][2]_esd      ? 
_pdbx_refine_tls.S[2][3]          0.0318 
_pdbx_refine_tls.S[2][3]_esd      ? 
_pdbx_refine_tls.S[3][1]          -0.0651 
_pdbx_refine_tls.S[3][1]_esd      ? 
_pdbx_refine_tls.S[3][2]          -0.0053 
_pdbx_refine_tls.S[3][2]_esd      ? 
_pdbx_refine_tls.S[3][3]          -0.0163 
_pdbx_refine_tls.S[3][3]_esd      ? 
# 
_pdbx_refine_tls_group.id                  1 
_pdbx_refine_tls_group.pdbx_refine_id      'X-RAY DIFFRACTION' 
_pdbx_refine_tls_group.refine_tls_id       1 
_pdbx_refine_tls_group.beg_label_asym_id   ? 
_pdbx_refine_tls_group.beg_label_seq_id    ? 
_pdbx_refine_tls_group.beg_auth_asym_id    ? 
_pdbx_refine_tls_group.beg_auth_seq_id     ? 
_pdbx_refine_tls_group.beg_PDB_ins_code    ? 
_pdbx_refine_tls_group.end_label_asym_id   ? 
_pdbx_refine_tls_group.end_label_seq_id    ? 
_pdbx_refine_tls_group.end_auth_asym_id    ? 
_pdbx_refine_tls_group.end_auth_seq_id     ? 
_pdbx_refine_tls_group.end_PDB_ins_code    ? 
_pdbx_refine_tls_group.selection           ? 
_pdbx_refine_tls_group.selection_details   all 
# 
loop_
_pdbx_distant_solvent_atoms.id 
_pdbx_distant_solvent_atoms.PDB_model_num 
_pdbx_distant_solvent_atoms.auth_atom_id 
_pdbx_distant_solvent_atoms.label_alt_id 
_pdbx_distant_solvent_atoms.auth_asym_id 
_pdbx_distant_solvent_atoms.auth_comp_id 
_pdbx_distant_solvent_atoms.auth_seq_id 
_pdbx_distant_solvent_atoms.PDB_ins_code 
_pdbx_distant_solvent_atoms.neighbor_macromolecule_distance 
_pdbx_distant_solvent_atoms.neighbor_ligand_distance 
1 1 O ? A HOH 404 ? 6.10 . 
2 1 O ? A HOH 405 ? 6.99 . 
# 
loop_
_pdbx_unobs_or_zero_occ_residues.id 
_pdbx_unobs_or_zero_occ_residues.PDB_model_num 
_pdbx_unobs_or_zero_occ_residues.polymer_flag 
_pdbx_unobs_or_zero_occ_residues.occupancy_flag 
_pdbx_unobs_or_zero_occ_residues.auth_asym_id 
_pdbx_unobs_or_zero_occ_residues.auth_comp_id 
_pdbx_unobs_or_zero_occ_residues.auth_seq_id 
_pdbx_unobs_or_zero_occ_residues.PDB_ins_code 
_pdbx_unobs_or_zero_occ_residues.label_asym_id 
_pdbx_unobs_or_zero_occ_residues.label_comp_id 
_pdbx_unobs_or_zero_occ_residues.label_seq_id 
1  1 Y 1 A PHE -41 ? A PHE 1  
2  1 Y 1 A CYS -40 ? A CYS 2  
3  1 Y 1 A LEU -39 ? A LEU 3  
4  1 Y 1 A THR -38 ? A THR 4  
5  1 Y 1 A LEU -37 ? A LEU 5  
6  1 Y 1 A ARG -36 ? A ARG 6  
7  1 Y 1 A ARG -35 ? A ARG 7  
8  1 Y 1 A ARG -34 ? A ARG 8  
9  1 Y 1 A TYR -33 ? A TYR 9  
10 1 Y 1 A THR -32 ? A THR 10 
11 1 Y 1 A MET -31 ? A MET 11 
12 1 Y 1 A GLY -30 ? A GLY 12 
13 1 Y 1 A SER -29 ? A SER 13 
14 1 Y 1 A SER -28 ? A SER 14 
15 1 Y 1 A HIS -27 ? A HIS 15 
16 1 Y 1 A HIS -26 ? A HIS 16 
17 1 Y 1 A HIS -25 ? A HIS 17 
18 1 Y 1 A HIS -24 ? A HIS 18 
19 1 Y 1 A HIS -23 ? A HIS 19 
20 1 Y 1 A HIS -22 ? A HIS 20 
21 1 Y 1 A SER -21 ? A SER 21 
22 1 Y 1 A SER -20 ? A SER 22 
23 1 Y 1 A GLY -19 ? A GLY 23 
24 1 Y 1 A LEU -18 ? A LEU 24 
25 1 Y 1 A VAL -17 ? A VAL 25 
26 1 Y 1 A PRO -16 ? A PRO 26 
27 1 Y 1 A ARG -15 ? A ARG 27 
28 1 Y 1 A GLY -14 ? A GLY 28 
29 1 Y 1 A SER -13 ? A SER 29 
30 1 Y 1 A HIS -12 ? A HIS 30 
31 1 Y 1 A MET -11 ? A MET 31 
32 1 Y 1 A GLU -10 ? A GLU 32 
33 1 Y 1 A ASN -9  ? A ASN 33 
34 1 Y 1 A LEU -8  ? A LEU 34 
35 1 Y 1 A TYR -7  ? A TYR 35 
36 1 Y 1 A PHE -6  ? A PHE 36 
37 1 Y 1 A GLN -5  ? A GLN 37 
38 1 Y 1 A GLY -4  ? A GLY 38 
39 1 Y 1 A MET -3  ? A MET 39 
40 1 Y 1 A ALA -2  ? A ALA 40 
41 1 Y 1 A GLY -1  ? A GLY 41 
42 1 Y 1 A MET 0   ? A MET 42 
43 1 Y 1 A ALA 1   ? A ALA 43 
44 1 Y 1 A LYS 2   ? A LYS 44 
45 1 Y 1 A LEU 3   ? A LEU 45 
46 1 Y 1 A SER 4   ? A SER 46 
47 1 Y 1 A THR 5   ? A THR 47 
48 1 Y 1 A ASP 6   ? A ASP 48 
49 1 Y 1 A GLU 7   ? A GLU 49 
50 1 Y 1 A LEU 8   ? A LEU 50 
51 1 Y 1 A LEU 9   ? A LEU 51 
52 1 Y 1 A ASP 10  ? A ASP 52 
53 1 Y 1 A ALA 11  ? A ALA 53 
54 1 Y 1 A PHE 12  ? A PHE 54 
55 1 Y 1 A LYS 13  ? A LYS 55 
56 1 Y 1 A GLU 14  ? A GLU 56 
57 1 Y 1 A MET 15  ? A MET 57 
58 1 Y 1 A THR 16  ? A THR 58 
59 1 Y 1 A LEU 17  ? A LEU 59 
60 1 Y 1 A LEU 18  ? A LEU 60 
61 1 Y 1 A GLU 19  ? A GLU 61 
62 1 Y 1 A LEU 20  ? A LEU 62 
63 1 Y 1 A SER 21  ? A SER 63 
64 1 Y 1 A ASP 22  ? A ASP 64 
65 1 Y 1 A PHE 23  ? A PHE 65 
66 1 Y 1 A VAL 24  ? A VAL 66 
67 1 Y 1 A LYS 25  ? A LYS 67 
68 1 Y 1 A LYS 26  ? A LYS 68 
69 1 Y 1 A PHE 27  ? A PHE 69 
70 1 Y 1 A GLU 28  ? A GLU 70 
71 1 Y 1 A GLU 29  ? A GLU 71 
72 1 Y 1 A THR 30  ? A THR 72 
73 1 Y 1 A PHE 31  ? A PHE 73 
74 1 Y 1 A GLU 32  ? A GLU 74 
75 1 Y 1 A VAL 33  ? A VAL 75 
76 1 Y 1 A THR 34  ? A THR 76 
77 1 Y 1 A ALA 35  ? A ALA 77 
78 1 Y 1 A ALA 36  ? A ALA 78 
79 1 Y 1 A ALA 37  ? A ALA 79 
80 1 Y 1 A PRO 38  ? A PRO 80 
81 1 Y 1 A VAL 39  ? A VAL 81 
82 1 Y 1 A ALA 40  ? A ALA 82 
83 1 Y 1 A VAL 41  ? A VAL 83 
84 1 Y 1 A ALA 42  ? A ALA 84 
85 1 Y 1 A ALA 43  ? A ALA 85 
86 1 Y 1 A ALA 44  ? A ALA 86 
87 1 Y 1 A GLY 45  ? A GLY 87 
88 1 Y 1 A ALA 46  ? A ALA 88 
89 1 Y 1 A ALA 47  ? A ALA 89 
90 1 Y 1 A PRO 48  ? A PRO 90 
91 1 Y 1 A ALA 49  ? A ALA 91 
92 1 Y 1 A GLY 50  ? A GLY 92 
93 1 Y 1 A ALA 51  ? A ALA 93 
94 1 Y 1 A ALA 52  ? A ALA 94 
95 1 Y 1 A VAL 53  ? A VAL 95 
96 1 Y 1 A GLU 54  ? A GLU 96 
97 1 Y 1 A ALA 55  ? A ALA 97 
98 1 Y 1 A ALA 56  ? A ALA 98 
99 1 Y 1 A GLU 57  ? A GLU 99 
# 
loop_
_chem_comp_atom.comp_id 
_chem_comp_atom.atom_id 
_chem_comp_atom.type_symbol 
_chem_comp_atom.pdbx_aromatic_flag 
_chem_comp_atom.pdbx_stereo_config 
_chem_comp_atom.pdbx_ordinal 
ALA N    N N N 1   
ALA CA   C N S 2   
ALA C    C N N 3   
ALA O    O N N 4   
ALA CB   C N N 5   
ALA OXT  O N N 6   
ALA H    H N N 7   
ALA H2   H N N 8   
ALA HA   H N N 9   
ALA HB1  H N N 10  
ALA HB2  H N N 11  
ALA HB3  H N N 12  
ALA HXT  H N N 13  
ARG N    N N N 14  
ARG CA   C N S 15  
ARG C    C N N 16  
ARG O    O N N 17  
ARG CB   C N N 18  
ARG CG   C N N 19  
ARG CD   C N N 20  
ARG NE   N N N 21  
ARG CZ   C N N 22  
ARG NH1  N N N 23  
ARG NH2  N N N 24  
ARG OXT  O N N 25  
ARG H    H N N 26  
ARG H2   H N N 27  
ARG HA   H N N 28  
ARG HB2  H N N 29  
ARG HB3  H N N 30  
ARG HG2  H N N 31  
ARG HG3  H N N 32  
ARG HD2  H N N 33  
ARG HD3  H N N 34  
ARG HE   H N N 35  
ARG HH11 H N N 36  
ARG HH12 H N N 37  
ARG HH21 H N N 38  
ARG HH22 H N N 39  
ARG HXT  H N N 40  
ASN N    N N N 41  
ASN CA   C N S 42  
ASN C    C N N 43  
ASN O    O N N 44  
ASN CB   C N N 45  
ASN CG   C N N 46  
ASN OD1  O N N 47  
ASN ND2  N N N 48  
ASN OXT  O N N 49  
ASN H    H N N 50  
ASN H2   H N N 51  
ASN HA   H N N 52  
ASN HB2  H N N 53  
ASN HB3  H N N 54  
ASN HD21 H N N 55  
ASN HD22 H N N 56  
ASN HXT  H N N 57  
ASP N    N N N 58  
ASP CA   C N S 59  
ASP C    C N N 60  
ASP O    O N N 61  
ASP CB   C N N 62  
ASP CG   C N N 63  
ASP OD1  O N N 64  
ASP OD2  O N N 65  
ASP OXT  O N N 66  
ASP H    H N N 67  
ASP H2   H N N 68  
ASP HA   H N N 69  
ASP HB2  H N N 70  
ASP HB3  H N N 71  
ASP HD2  H N N 72  
ASP HXT  H N N 73  
CYS N    N N N 74  
CYS CA   C N R 75  
CYS C    C N N 76  
CYS O    O N N 77  
CYS CB   C N N 78  
CYS SG   S N N 79  
CYS OXT  O N N 80  
CYS H    H N N 81  
CYS H2   H N N 82  
CYS HA   H N N 83  
CYS HB2  H N N 84  
CYS HB3  H N N 85  
CYS HG   H N N 86  
CYS HXT  H N N 87  
EDO C1   C N N 88  
EDO O1   O N N 89  
EDO C2   C N N 90  
EDO O2   O N N 91  
EDO H11  H N N 92  
EDO H12  H N N 93  
EDO HO1  H N N 94  
EDO H21  H N N 95  
EDO H22  H N N 96  
EDO HO2  H N N 97  
GLN N    N N N 98  
GLN CA   C N S 99  
GLN C    C N N 100 
GLN O    O N N 101 
GLN CB   C N N 102 
GLN CG   C N N 103 
GLN CD   C N N 104 
GLN OE1  O N N 105 
GLN NE2  N N N 106 
GLN OXT  O N N 107 
GLN H    H N N 108 
GLN H2   H N N 109 
GLN HA   H N N 110 
GLN HB2  H N N 111 
GLN HB3  H N N 112 
GLN HG2  H N N 113 
GLN HG3  H N N 114 
GLN HE21 H N N 115 
GLN HE22 H N N 116 
GLN HXT  H N N 117 
GLU N    N N N 118 
GLU CA   C N S 119 
GLU C    C N N 120 
GLU O    O N N 121 
GLU CB   C N N 122 
GLU CG   C N N 123 
GLU CD   C N N 124 
GLU OE1  O N N 125 
GLU OE2  O N N 126 
GLU OXT  O N N 127 
GLU H    H N N 128 
GLU H2   H N N 129 
GLU HA   H N N 130 
GLU HB2  H N N 131 
GLU HB3  H N N 132 
GLU HG2  H N N 133 
GLU HG3  H N N 134 
GLU HE2  H N N 135 
GLU HXT  H N N 136 
GLY N    N N N 137 
GLY CA   C N N 138 
GLY C    C N N 139 
GLY O    O N N 140 
GLY OXT  O N N 141 
GLY H    H N N 142 
GLY H2   H N N 143 
GLY HA2  H N N 144 
GLY HA3  H N N 145 
GLY HXT  H N N 146 
HIS N    N N N 147 
HIS CA   C N S 148 
HIS C    C N N 149 
HIS O    O N N 150 
HIS CB   C N N 151 
HIS CG   C Y N 152 
HIS ND1  N Y N 153 
HIS CD2  C Y N 154 
HIS CE1  C Y N 155 
HIS NE2  N Y N 156 
HIS OXT  O N N 157 
HIS H    H N N 158 
HIS H2   H N N 159 
HIS HA   H N N 160 
HIS HB2  H N N 161 
HIS HB3  H N N 162 
HIS HD1  H N N 163 
HIS HD2  H N N 164 
HIS HE1  H N N 165 
HIS HE2  H N N 166 
HIS HXT  H N N 167 
HOH O    O N N 168 
HOH H1   H N N 169 
HOH H2   H N N 170 
ILE N    N N N 171 
ILE CA   C N S 172 
ILE C    C N N 173 
ILE O    O N N 174 
ILE CB   C N S 175 
ILE CG1  C N N 176 
ILE CG2  C N N 177 
ILE CD1  C N N 178 
ILE OXT  O N N 179 
ILE H    H N N 180 
ILE H2   H N N 181 
ILE HA   H N N 182 
ILE HB   H N N 183 
ILE HG12 H N N 184 
ILE HG13 H N N 185 
ILE HG21 H N N 186 
ILE HG22 H N N 187 
ILE HG23 H N N 188 
ILE HD11 H N N 189 
ILE HD12 H N N 190 
ILE HD13 H N N 191 
ILE HXT  H N N 192 
LEU N    N N N 193 
LEU CA   C N S 194 
LEU C    C N N 195 
LEU O    O N N 196 
LEU CB   C N N 197 
LEU CG   C N N 198 
LEU CD1  C N N 199 
LEU CD2  C N N 200 
LEU OXT  O N N 201 
LEU H    H N N 202 
LEU H2   H N N 203 
LEU HA   H N N 204 
LEU HB2  H N N 205 
LEU HB3  H N N 206 
LEU HG   H N N 207 
LEU HD11 H N N 208 
LEU HD12 H N N 209 
LEU HD13 H N N 210 
LEU HD21 H N N 211 
LEU HD22 H N N 212 
LEU HD23 H N N 213 
LEU HXT  H N N 214 
LYS N    N N N 215 
LYS CA   C N S 216 
LYS C    C N N 217 
LYS O    O N N 218 
LYS CB   C N N 219 
LYS CG   C N N 220 
LYS CD   C N N 221 
LYS CE   C N N 222 
LYS NZ   N N N 223 
LYS OXT  O N N 224 
LYS H    H N N 225 
LYS H2   H N N 226 
LYS HA   H N N 227 
LYS HB2  H N N 228 
LYS HB3  H N N 229 
LYS HG2  H N N 230 
LYS HG3  H N N 231 
LYS HD2  H N N 232 
LYS HD3  H N N 233 
LYS HE2  H N N 234 
LYS HE3  H N N 235 
LYS HZ1  H N N 236 
LYS HZ2  H N N 237 
LYS HZ3  H N N 238 
LYS HXT  H N N 239 
MET N    N N N 240 
MET CA   C N S 241 
MET C    C N N 242 
MET O    O N N 243 
MET CB   C N N 244 
MET CG   C N N 245 
MET SD   S N N 246 
MET CE   C N N 247 
MET OXT  O N N 248 
MET H    H N N 249 
MET H2   H N N 250 
MET HA   H N N 251 
MET HB2  H N N 252 
MET HB3  H N N 253 
MET HG2  H N N 254 
MET HG3  H N N 255 
MET HE1  H N N 256 
MET HE2  H N N 257 
MET HE3  H N N 258 
MET HXT  H N N 259 
PHE N    N N N 260 
PHE CA   C N S 261 
PHE C    C N N 262 
PHE O    O N N 263 
PHE CB   C N N 264 
PHE CG   C Y N 265 
PHE CD1  C Y N 266 
PHE CD2  C Y N 267 
PHE CE1  C Y N 268 
PHE CE2  C Y N 269 
PHE CZ   C Y N 270 
PHE OXT  O N N 271 
PHE H    H N N 272 
PHE H2   H N N 273 
PHE HA   H N N 274 
PHE HB2  H N N 275 
PHE HB3  H N N 276 
PHE HD1  H N N 277 
PHE HD2  H N N 278 
PHE HE1  H N N 279 
PHE HE2  H N N 280 
PHE HZ   H N N 281 
PHE HXT  H N N 282 
PRO N    N N N 283 
PRO CA   C N S 284 
PRO C    C N N 285 
PRO O    O N N 286 
PRO CB   C N N 287 
PRO CG   C N N 288 
PRO CD   C N N 289 
PRO OXT  O N N 290 
PRO H    H N N 291 
PRO HA   H N N 292 
PRO HB2  H N N 293 
PRO HB3  H N N 294 
PRO HG2  H N N 295 
PRO HG3  H N N 296 
PRO HD2  H N N 297 
PRO HD3  H N N 298 
PRO HXT  H N N 299 
SER N    N N N 300 
SER CA   C N S 301 
SER C    C N N 302 
SER O    O N N 303 
SER CB   C N N 304 
SER OG   O N N 305 
SER OXT  O N N 306 
SER H    H N N 307 
SER H2   H N N 308 
SER HA   H N N 309 
SER HB2  H N N 310 
SER HB3  H N N 311 
SER HG   H N N 312 
SER HXT  H N N 313 
THR N    N N N 314 
THR CA   C N S 315 
THR C    C N N 316 
THR O    O N N 317 
THR CB   C N R 318 
THR OG1  O N N 319 
THR CG2  C N N 320 
THR OXT  O N N 321 
THR H    H N N 322 
THR H2   H N N 323 
THR HA   H N N 324 
THR HB   H N N 325 
THR HG1  H N N 326 
THR HG21 H N N 327 
THR HG22 H N N 328 
THR HG23 H N N 329 
THR HXT  H N N 330 
TYR N    N N N 331 
TYR CA   C N S 332 
TYR C    C N N 333 
TYR O    O N N 334 
TYR CB   C N N 335 
TYR CG   C Y N 336 
TYR CD1  C Y N 337 
TYR CD2  C Y N 338 
TYR CE1  C Y N 339 
TYR CE2  C Y N 340 
TYR CZ   C Y N 341 
TYR OH   O N N 342 
TYR OXT  O N N 343 
TYR H    H N N 344 
TYR H2   H N N 345 
TYR HA   H N N 346 
TYR HB2  H N N 347 
TYR HB3  H N N 348 
TYR HD1  H N N 349 
TYR HD2  H N N 350 
TYR HE1  H N N 351 
TYR HE2  H N N 352 
TYR HH   H N N 353 
TYR HXT  H N N 354 
VAL N    N N N 355 
VAL CA   C N S 356 
VAL C    C N N 357 
VAL O    O N N 358 
VAL CB   C N N 359 
VAL CG1  C N N 360 
VAL CG2  C N N 361 
VAL OXT  O N N 362 
VAL H    H N N 363 
VAL H2   H N N 364 
VAL HA   H N N 365 
VAL HB   H N N 366 
VAL HG11 H N N 367 
VAL HG12 H N N 368 
VAL HG13 H N N 369 
VAL HG21 H N N 370 
VAL HG22 H N N 371 
VAL HG23 H N N 372 
VAL HXT  H N N 373 
# 
loop_
_chem_comp_bond.comp_id 
_chem_comp_bond.atom_id_1 
_chem_comp_bond.atom_id_2 
_chem_comp_bond.value_order 
_chem_comp_bond.pdbx_aromatic_flag 
_chem_comp_bond.pdbx_stereo_config 
_chem_comp_bond.pdbx_ordinal 
ALA N   CA   sing N N 1   
ALA N   H    sing N N 2   
ALA N   H2   sing N N 3   
ALA CA  C    sing N N 4   
ALA CA  CB   sing N N 5   
ALA CA  HA   sing N N 6   
ALA C   O    doub N N 7   
ALA C   OXT  sing N N 8   
ALA CB  HB1  sing N N 9   
ALA CB  HB2  sing N N 10  
ALA CB  HB3  sing N N 11  
ALA OXT HXT  sing N N 12  
ARG N   CA   sing N N 13  
ARG N   H    sing N N 14  
ARG N   H2   sing N N 15  
ARG CA  C    sing N N 16  
ARG CA  CB   sing N N 17  
ARG CA  HA   sing N N 18  
ARG C   O    doub N N 19  
ARG C   OXT  sing N N 20  
ARG CB  CG   sing N N 21  
ARG CB  HB2  sing N N 22  
ARG CB  HB3  sing N N 23  
ARG CG  CD   sing N N 24  
ARG CG  HG2  sing N N 25  
ARG CG  HG3  sing N N 26  
ARG CD  NE   sing N N 27  
ARG CD  HD2  sing N N 28  
ARG CD  HD3  sing N N 29  
ARG NE  CZ   sing N N 30  
ARG NE  HE   sing N N 31  
ARG CZ  NH1  sing N N 32  
ARG CZ  NH2  doub N N 33  
ARG NH1 HH11 sing N N 34  
ARG NH1 HH12 sing N N 35  
ARG NH2 HH21 sing N N 36  
ARG NH2 HH22 sing N N 37  
ARG OXT HXT  sing N N 38  
ASN N   CA   sing N N 39  
ASN N   H    sing N N 40  
ASN N   H2   sing N N 41  
ASN CA  C    sing N N 42  
ASN CA  CB   sing N N 43  
ASN CA  HA   sing N N 44  
ASN C   O    doub N N 45  
ASN C   OXT  sing N N 46  
ASN CB  CG   sing N N 47  
ASN CB  HB2  sing N N 48  
ASN CB  HB3  sing N N 49  
ASN CG  OD1  doub N N 50  
ASN CG  ND2  sing N N 51  
ASN ND2 HD21 sing N N 52  
ASN ND2 HD22 sing N N 53  
ASN OXT HXT  sing N N 54  
ASP N   CA   sing N N 55  
ASP N   H    sing N N 56  
ASP N   H2   sing N N 57  
ASP CA  C    sing N N 58  
ASP CA  CB   sing N N 59  
ASP CA  HA   sing N N 60  
ASP C   O    doub N N 61  
ASP C   OXT  sing N N 62  
ASP CB  CG   sing N N 63  
ASP CB  HB2  sing N N 64  
ASP CB  HB3  sing N N 65  
ASP CG  OD1  doub N N 66  
ASP CG  OD2  sing N N 67  
ASP OD2 HD2  sing N N 68  
ASP OXT HXT  sing N N 69  
CYS N   CA   sing N N 70  
CYS N   H    sing N N 71  
CYS N   H2   sing N N 72  
CYS CA  C    sing N N 73  
CYS CA  CB   sing N N 74  
CYS CA  HA   sing N N 75  
CYS C   O    doub N N 76  
CYS C   OXT  sing N N 77  
CYS CB  SG   sing N N 78  
CYS CB  HB2  sing N N 79  
CYS CB  HB3  sing N N 80  
CYS SG  HG   sing N N 81  
CYS OXT HXT  sing N N 82  
EDO C1  O1   sing N N 83  
EDO C1  C2   sing N N 84  
EDO C1  H11  sing N N 85  
EDO C1  H12  sing N N 86  
EDO O1  HO1  sing N N 87  
EDO C2  O2   sing N N 88  
EDO C2  H21  sing N N 89  
EDO C2  H22  sing N N 90  
EDO O2  HO2  sing N N 91  
GLN N   CA   sing N N 92  
GLN N   H    sing N N 93  
GLN N   H2   sing N N 94  
GLN CA  C    sing N N 95  
GLN CA  CB   sing N N 96  
GLN CA  HA   sing N N 97  
GLN C   O    doub N N 98  
GLN C   OXT  sing N N 99  
GLN CB  CG   sing N N 100 
GLN CB  HB2  sing N N 101 
GLN CB  HB3  sing N N 102 
GLN CG  CD   sing N N 103 
GLN CG  HG2  sing N N 104 
GLN CG  HG3  sing N N 105 
GLN CD  OE1  doub N N 106 
GLN CD  NE2  sing N N 107 
GLN NE2 HE21 sing N N 108 
GLN NE2 HE22 sing N N 109 
GLN OXT HXT  sing N N 110 
GLU N   CA   sing N N 111 
GLU N   H    sing N N 112 
GLU N   H2   sing N N 113 
GLU CA  C    sing N N 114 
GLU CA  CB   sing N N 115 
GLU CA  HA   sing N N 116 
GLU C   O    doub N N 117 
GLU C   OXT  sing N N 118 
GLU CB  CG   sing N N 119 
GLU CB  HB2  sing N N 120 
GLU CB  HB3  sing N N 121 
GLU CG  CD   sing N N 122 
GLU CG  HG2  sing N N 123 
GLU CG  HG3  sing N N 124 
GLU CD  OE1  doub N N 125 
GLU CD  OE2  sing N N 126 
GLU OE2 HE2  sing N N 127 
GLU OXT HXT  sing N N 128 
GLY N   CA   sing N N 129 
GLY N   H    sing N N 130 
GLY N   H2   sing N N 131 
GLY CA  C    sing N N 132 
GLY CA  HA2  sing N N 133 
GLY CA  HA3  sing N N 134 
GLY C   O    doub N N 135 
GLY C   OXT  sing N N 136 
GLY OXT HXT  sing N N 137 
HIS N   CA   sing N N 138 
HIS N   H    sing N N 139 
HIS N   H2   sing N N 140 
HIS CA  C    sing N N 141 
HIS CA  CB   sing N N 142 
HIS CA  HA   sing N N 143 
HIS C   O    doub N N 144 
HIS C   OXT  sing N N 145 
HIS CB  CG   sing N N 146 
HIS CB  HB2  sing N N 147 
HIS CB  HB3  sing N N 148 
HIS CG  ND1  sing Y N 149 
HIS CG  CD2  doub Y N 150 
HIS ND1 CE1  doub Y N 151 
HIS ND1 HD1  sing N N 152 
HIS CD2 NE2  sing Y N 153 
HIS CD2 HD2  sing N N 154 
HIS CE1 NE2  sing Y N 155 
HIS CE1 HE1  sing N N 156 
HIS NE2 HE2  sing N N 157 
HIS OXT HXT  sing N N 158 
HOH O   H1   sing N N 159 
HOH O   H2   sing N N 160 
ILE N   CA   sing N N 161 
ILE N   H    sing N N 162 
ILE N   H2   sing N N 163 
ILE CA  C    sing N N 164 
ILE CA  CB   sing N N 165 
ILE CA  HA   sing N N 166 
ILE C   O    doub N N 167 
ILE C   OXT  sing N N 168 
ILE CB  CG1  sing N N 169 
ILE CB  CG2  sing N N 170 
ILE CB  HB   sing N N 171 
ILE CG1 CD1  sing N N 172 
ILE CG1 HG12 sing N N 173 
ILE CG1 HG13 sing N N 174 
ILE CG2 HG21 sing N N 175 
ILE CG2 HG22 sing N N 176 
ILE CG2 HG23 sing N N 177 
ILE CD1 HD11 sing N N 178 
ILE CD1 HD12 sing N N 179 
ILE CD1 HD13 sing N N 180 
ILE OXT HXT  sing N N 181 
LEU N   CA   sing N N 182 
LEU N   H    sing N N 183 
LEU N   H2   sing N N 184 
LEU CA  C    sing N N 185 
LEU CA  CB   sing N N 186 
LEU CA  HA   sing N N 187 
LEU C   O    doub N N 188 
LEU C   OXT  sing N N 189 
LEU CB  CG   sing N N 190 
LEU CB  HB2  sing N N 191 
LEU CB  HB3  sing N N 192 
LEU CG  CD1  sing N N 193 
LEU CG  CD2  sing N N 194 
LEU CG  HG   sing N N 195 
LEU CD1 HD11 sing N N 196 
LEU CD1 HD12 sing N N 197 
LEU CD1 HD13 sing N N 198 
LEU CD2 HD21 sing N N 199 
LEU CD2 HD22 sing N N 200 
LEU CD2 HD23 sing N N 201 
LEU OXT HXT  sing N N 202 
LYS N   CA   sing N N 203 
LYS N   H    sing N N 204 
LYS N   H2   sing N N 205 
LYS CA  C    sing N N 206 
LYS CA  CB   sing N N 207 
LYS CA  HA   sing N N 208 
LYS C   O    doub N N 209 
LYS C   OXT  sing N N 210 
LYS CB  CG   sing N N 211 
LYS CB  HB2  sing N N 212 
LYS CB  HB3  sing N N 213 
LYS CG  CD   sing N N 214 
LYS CG  HG2  sing N N 215 
LYS CG  HG3  sing N N 216 
LYS CD  CE   sing N N 217 
LYS CD  HD2  sing N N 218 
LYS CD  HD3  sing N N 219 
LYS CE  NZ   sing N N 220 
LYS CE  HE2  sing N N 221 
LYS CE  HE3  sing N N 222 
LYS NZ  HZ1  sing N N 223 
LYS NZ  HZ2  sing N N 224 
LYS NZ  HZ3  sing N N 225 
LYS OXT HXT  sing N N 226 
MET N   CA   sing N N 227 
MET N   H    sing N N 228 
MET N   H2   sing N N 229 
MET CA  C    sing N N 230 
MET CA  CB   sing N N 231 
MET CA  HA   sing N N 232 
MET C   O    doub N N 233 
MET C   OXT  sing N N 234 
MET CB  CG   sing N N 235 
MET CB  HB2  sing N N 236 
MET CB  HB3  sing N N 237 
MET CG  SD   sing N N 238 
MET CG  HG2  sing N N 239 
MET CG  HG3  sing N N 240 
MET SD  CE   sing N N 241 
MET CE  HE1  sing N N 242 
MET CE  HE2  sing N N 243 
MET CE  HE3  sing N N 244 
MET OXT HXT  sing N N 245 
PHE N   CA   sing N N 246 
PHE N   H    sing N N 247 
PHE N   H2   sing N N 248 
PHE CA  C    sing N N 249 
PHE CA  CB   sing N N 250 
PHE CA  HA   sing N N 251 
PHE C   O    doub N N 252 
PHE C   OXT  sing N N 253 
PHE CB  CG   sing N N 254 
PHE CB  HB2  sing N N 255 
PHE CB  HB3  sing N N 256 
PHE CG  CD1  doub Y N 257 
PHE CG  CD2  sing Y N 258 
PHE CD1 CE1  sing Y N 259 
PHE CD1 HD1  sing N N 260 
PHE CD2 CE2  doub Y N 261 
PHE CD2 HD2  sing N N 262 
PHE CE1 CZ   doub Y N 263 
PHE CE1 HE1  sing N N 264 
PHE CE2 CZ   sing Y N 265 
PHE CE2 HE2  sing N N 266 
PHE CZ  HZ   sing N N 267 
PHE OXT HXT  sing N N 268 
PRO N   CA   sing N N 269 
PRO N   CD   sing N N 270 
PRO N   H    sing N N 271 
PRO CA  C    sing N N 272 
PRO CA  CB   sing N N 273 
PRO CA  HA   sing N N 274 
PRO C   O    doub N N 275 
PRO C   OXT  sing N N 276 
PRO CB  CG   sing N N 277 
PRO CB  HB2  sing N N 278 
PRO CB  HB3  sing N N 279 
PRO CG  CD   sing N N 280 
PRO CG  HG2  sing N N 281 
PRO CG  HG3  sing N N 282 
PRO CD  HD2  sing N N 283 
PRO CD  HD3  sing N N 284 
PRO OXT HXT  sing N N 285 
SER N   CA   sing N N 286 
SER N   H    sing N N 287 
SER N   H2   sing N N 288 
SER CA  C    sing N N 289 
SER CA  CB   sing N N 290 
SER CA  HA   sing N N 291 
SER C   O    doub N N 292 
SER C   OXT  sing N N 293 
SER CB  OG   sing N N 294 
SER CB  HB2  sing N N 295 
SER CB  HB3  sing N N 296 
SER OG  HG   sing N N 297 
SER OXT HXT  sing N N 298 
THR N   CA   sing N N 299 
THR N   H    sing N N 300 
THR N   H2   sing N N 301 
THR CA  C    sing N N 302 
THR CA  CB   sing N N 303 
THR CA  HA   sing N N 304 
THR C   O    doub N N 305 
THR C   OXT  sing N N 306 
THR CB  OG1  sing N N 307 
THR CB  CG2  sing N N 308 
THR CB  HB   sing N N 309 
THR OG1 HG1  sing N N 310 
THR CG2 HG21 sing N N 311 
THR CG2 HG22 sing N N 312 
THR CG2 HG23 sing N N 313 
THR OXT HXT  sing N N 314 
TYR N   CA   sing N N 315 
TYR N   H    sing N N 316 
TYR N   H2   sing N N 317 
TYR CA  C    sing N N 318 
TYR CA  CB   sing N N 319 
TYR CA  HA   sing N N 320 
TYR C   O    doub N N 321 
TYR C   OXT  sing N N 322 
TYR CB  CG   sing N N 323 
TYR CB  HB2  sing N N 324 
TYR CB  HB3  sing N N 325 
TYR CG  CD1  doub Y N 326 
TYR CG  CD2  sing Y N 327 
TYR CD1 CE1  sing Y N 328 
TYR CD1 HD1  sing N N 329 
TYR CD2 CE2  doub Y N 330 
TYR CD2 HD2  sing N N 331 
TYR CE1 CZ   doub Y N 332 
TYR CE1 HE1  sing N N 333 
TYR CE2 CZ   sing Y N 334 
TYR CE2 HE2  sing N N 335 
TYR CZ  OH   sing N N 336 
TYR OH  HH   sing N N 337 
TYR OXT HXT  sing N N 338 
VAL N   CA   sing N N 339 
VAL N   H    sing N N 340 
VAL N   H2   sing N N 341 
VAL CA  C    sing N N 342 
VAL CA  CB   sing N N 343 
VAL CA  HA   sing N N 344 
VAL C   O    doub N N 345 
VAL C   OXT  sing N N 346 
VAL CB  CG1  sing N N 347 
VAL CB  CG2  sing N N 348 
VAL CB  HB   sing N N 349 
VAL CG1 HG11 sing N N 350 
VAL CG1 HG12 sing N N 351 
VAL CG1 HG13 sing N N 352 
VAL CG2 HG21 sing N N 353 
VAL CG2 HG22 sing N N 354 
VAL CG2 HG23 sing N N 355 
VAL OXT HXT  sing N N 356 
# 
_pdbx_audit_support.funding_organization   'Other government' 
_pdbx_audit_support.country                India 
_pdbx_audit_support.grant_number           ? 
_pdbx_audit_support.ordinal                1 
# 
_pdbx_initial_refinement_model.id               1 
_pdbx_initial_refinement_model.entity_id_list   ? 
_pdbx_initial_refinement_model.type             'experimental model' 
_pdbx_initial_refinement_model.source_name      PDB 
_pdbx_initial_refinement_model.accession_code   ? 
_pdbx_initial_refinement_model.details          ? 
# 
_atom_sites.entry_id                    8YEQ 
_atom_sites.Cartn_transf_matrix[1][1]   ? 
_atom_sites.Cartn_transf_matrix[1][2]   ? 
_atom_sites.Cartn_transf_matrix[1][3]   ? 
_atom_sites.Cartn_transf_matrix[2][1]   ? 
_atom_sites.Cartn_transf_matrix[2][2]   ? 
_atom_sites.Cartn_transf_matrix[2][3]   ? 
_atom_sites.Cartn_transf_matrix[3][1]   ? 
_atom_sites.Cartn_transf_matrix[3][2]   ? 
_atom_sites.Cartn_transf_matrix[3][3]   ? 
_atom_sites.Cartn_transf_vector[1]      ? 
_atom_sites.Cartn_transf_vector[2]      ? 
_atom_sites.Cartn_transf_vector[3]      ? 
_atom_sites.Cartn_transform_axes        ? 
_atom_sites.fract_transf_matrix[1][1]   0.01040833 
_atom_sites.fract_transf_matrix[1][2]   0.01791310 
_atom_sites.fract_transf_matrix[1][3]   -0.03252644 
_atom_sites.fract_transf_matrix[2][1]   0.01437473 
_atom_sites.fract_transf_matrix[2][2]   0.01117957 
_atom_sites.fract_transf_matrix[2][3]   0.01075671 
_atom_sites.fract_transf_matrix[3][1]   0.01106594 
_atom_sites.fract_transf_matrix[3][2]   -0.01152743 
_atom_sites.fract_transf_matrix[3][3]   -0.00280738 
_atom_sites.fract_transf_vector[1]      0.010534 
_atom_sites.fract_transf_vector[2]      0.340459 
_atom_sites.fract_transf_vector[3]      0.199559 
_atom_sites.solution_primary            ? 
_atom_sites.solution_secondary          ? 
_atom_sites.solution_hydrogens          ? 
_atom_sites.special_details             ? 
# 
loop_
_atom_type.symbol 
C 
N 
O 
# 
loop_
_atom_site.group_PDB 
_atom_site.id 
_atom_site.type_symbol 
_atom_site.label_atom_id 
_atom_site.label_alt_id 
_atom_site.label_comp_id 
_atom_site.label_asym_id 
_atom_site.label_entity_id 
_atom_site.label_seq_id 
_atom_site.pdbx_PDB_ins_code 
_atom_site.Cartn_x 
_atom_site.Cartn_y 
_atom_site.Cartn_z 
_atom_site.occupancy 
_atom_site.B_iso_or_equiv 
_atom_site.pdbx_formal_charge 
_atom_site.auth_seq_id 
_atom_site.auth_comp_id 
_atom_site.auth_asym_id 
_atom_site.auth_atom_id 
_atom_site.pdbx_PDB_model_num 
ATOM   1   N N   . GLU A 1 100 ? -21.618 1.076   11.001  1.00 63.29 ? 58  GLU A N   1 
ATOM   2   C CA  . GLU A 1 100 ? -20.380 0.539   10.447  1.00 60.97 ? 58  GLU A CA  1 
ATOM   3   C C   . GLU A 1 100 ? -19.419 1.659   10.043  1.00 53.95 ? 58  GLU A C   1 
ATOM   4   O O   . GLU A 1 100 ? -19.836 2.770   9.714   1.00 52.22 ? 58  GLU A O   1 
ATOM   5   C CB  . GLU A 1 100 ? -20.673 -0.366  9.244   1.00 62.69 ? 58  GLU A CB  1 
ATOM   6   C CG  . GLU A 1 100 ? -21.235 0.353   8.023   1.00 66.82 ? 58  GLU A CG  1 
ATOM   7   C CD  . GLU A 1 100 ? -22.694 0.757   8.183   1.00 71.09 ? 58  GLU A CD  1 
ATOM   8   O OE1 . GLU A 1 100 ? -23.561 0.156   7.510   1.00 71.10 ? 58  GLU A OE1 1 
ATOM   9   O OE2 . GLU A 1 100 ? -22.980 1.678   8.979   1.00 72.39 ? 58  GLU A OE2 1 
ATOM   10  N N   . GLN A 1 101 ? -18.127 1.347   10.078  1.00 42.98 ? 59  GLN A N   1 
ATOM   11  C CA  . GLN A 1 101 ? -17.095 2.322   9.756   1.00 32.11 ? 59  GLN A CA  1 
ATOM   12  C C   . GLN A 1 101 ? -17.169 2.718   8.286   1.00 24.07 ? 59  GLN A C   1 
ATOM   13  O O   . GLN A 1 101 ? -17.415 1.883   7.412   1.00 30.96 ? 59  GLN A O   1 
ATOM   14  C CB  . GLN A 1 101 ? -15.726 1.738   10.099  1.00 27.62 ? 59  GLN A CB  1 
ATOM   15  C CG  . GLN A 1 101 ? -14.546 2.654   9.871   1.00 24.10 ? 59  GLN A CG  1 
ATOM   16  C CD  . GLN A 1 101 ? -13.245 2.006   10.306  1.00 25.90 ? 59  GLN A CD  1 
ATOM   17  O OE1 . GLN A 1 101 ? -13.240 1.091   11.133  1.00 25.30 ? 59  GLN A OE1 1 
ATOM   18  N NE2 . GLN A 1 101 ? -12.137 2.466   9.742   1.00 18.43 ? 59  GLN A NE2 1 
ATOM   19  N N   . SER A 1 102 ? -16.948 4.003   8.006   1.00 19.31 ? 60  SER A N   1 
ATOM   20  C CA  . SER A 1 102 ? -17.230 4.517   6.674   1.00 21.80 ? 60  SER A CA  1 
ATOM   21  C C   . SER A 1 102 ? -15.999 4.822   5.829   1.00 20.52 ? 60  SER A C   1 
ATOM   22  O O   . SER A 1 102 ? -16.132 4.927   4.607   1.00 21.85 ? 60  SER A O   1 
ATOM   23  C CB  . SER A 1 102 ? -18.105 5.778   6.762   1.00 25.47 ? 60  SER A CB  1 
ATOM   24  O OG  . SER A 1 102 ? -17.445 6.843   7.419   1.00 28.82 ? 60  SER A OG  1 
ATOM   25  N N   . GLU A 1 103 ? -14.815 4.967   6.424   1.00 16.53 ? 61  GLU A N   1 
ATOM   26  C CA  . GLU A 1 103 ? -13.607 5.211   5.647   1.00 16.58 ? 61  GLU A CA  1 
ATOM   27  C C   . GLU A 1 103 ? -12.427 4.572   6.362   1.00 13.58 ? 61  GLU A C   1 
ATOM   28  O O   . GLU A 1 103 ? -12.470 4.334   7.572   1.00 15.89 ? 61  GLU A O   1 
ATOM   29  C CB  . GLU A 1 103 ? -13.367 6.708   5.427   1.00 17.34 ? 61  GLU A CB  1 
ATOM   30  C CG  . GLU A 1 103 ? -13.262 7.496   6.702   1.00 17.91 ? 61  GLU A CG  1 
ATOM   31  C CD  . GLU A 1 103 ? -13.148 8.988   6.453   1.00 28.58 ? 61  GLU A CD  1 
ATOM   32  O OE1 . GLU A 1 103 ? -13.450 9.427   5.322   1.00 29.64 ? 61  GLU A OE1 1 
ATOM   33  O OE2 . GLU A 1 103 ? -12.778 9.720   7.394   1.00 28.79 ? 61  GLU A OE2 1 
ATOM   34  N N   . PHE A 1 104 ? -11.370 4.283   5.591   1.00 11.84 ? 62  PHE A N   1 
ATOM   35  C CA  . PHE A 1 104 ? -10.307 3.390   6.037   1.00 11.93 ? 62  PHE A CA  1 
ATOM   36  C C   . PHE A 1 104 ? -8.946  3.901   5.585   1.00 11.26 ? 62  PHE A C   1 
ATOM   37  O O   . PHE A 1 104 ? -8.828  4.543   4.540   1.00 11.95 ? 62  PHE A O   1 
ATOM   38  C CB  . PHE A 1 104 ? -10.527 1.972   5.485   1.00 13.01 ? 62  PHE A CB  1 
ATOM   39  C CG  . PHE A 1 104 ? -11.832 1.355   5.911   1.00 14.43 ? 62  PHE A CG  1 
ATOM   40  C CD1 . PHE A 1 104 ? -13.001 1.616   5.213   1.00 15.27 ? 62  PHE A CD1 1 
ATOM   41  C CD2 . PHE A 1 104 ? -11.889 0.526   7.010   1.00 15.78 ? 62  PHE A CD2 1 
ATOM   42  C CE1 . PHE A 1 104 ? -14.202 1.061   5.618   1.00 20.03 ? 62  PHE A CE1 1 
ATOM   43  C CE2 . PHE A 1 104 ? -13.086 -0.038  7.411   1.00 19.03 ? 62  PHE A CE2 1 
ATOM   44  C CZ  . PHE A 1 104 ? -14.242 0.236   6.716   1.00 19.70 ? 62  PHE A CZ  1 
ATOM   45  N N   . ASP A 1 105 ? -7.915  3.591   6.380   1.00 11.85 ? 63  ASP A N   1 
ATOM   46  C CA  . ASP A 1 105 ? -6.517  3.758   5.998   1.00 9.57  ? 63  ASP A CA  1 
ATOM   47  C C   . ASP A 1 105 ? -5.916  2.404   5.628   1.00 10.99 ? 63  ASP A C   1 
ATOM   48  O O   . ASP A 1 105 ? -6.311  1.365   6.163   1.00 12.49 ? 63  ASP A O   1 
ATOM   49  C CB  . ASP A 1 105 ? -5.678  4.354   7.138   1.00 11.41 ? 63  ASP A CB  1 
ATOM   50  C CG  . ASP A 1 105 ? -6.124  5.747   7.553   1.00 16.47 ? 63  ASP A CG  1 
ATOM   51  O OD1 . ASP A 1 105 ? -6.935  6.382   6.855   1.00 16.14 ? 63  ASP A OD1 1 
ATOM   52  O OD2 . ASP A 1 105 ? -5.636  6.208   8.604   1.00 20.75 ? 63  ASP A OD2 1 
ATOM   53  N N   . VAL A 1 106 ? -4.936  2.421   4.729   1.00 10.29 ? 64  VAL A N   1 
ATOM   54  C CA  . VAL A 1 106 ? -4.190  1.215   4.362   1.00 8.24  ? 64  VAL A CA  1 
ATOM   55  C C   . VAL A 1 106 ? -2.732  1.464   4.722   1.00 9.37  ? 64  VAL A C   1 
ATOM   56  O O   . VAL A 1 106 ? -2.115  2.408   4.205   1.00 10.58 ? 64  VAL A O   1 
ATOM   57  C CB  . VAL A 1 106 ? -4.336  0.867   2.870   1.00 10.24 ? 64  VAL A CB  1 
ATOM   58  C CG1 . VAL A 1 106 ? -3.563  -0.402  2.540   1.00 12.17 ? 64  VAL A CG1 1 
ATOM   59  C CG2 . VAL A 1 106 ? -5.814  0.711   2.502   1.00 13.68 ? 64  VAL A CG2 1 
ATOM   60  N N   . ILE A 1 107 ? -2.191  0.652   5.634   1.00 7.04  ? 65  ILE A N   1 
ATOM   61  C CA  . ILE A 1 107 ? -0.807  0.772   6.099   1.00 8.56  ? 65  ILE A CA  1 
ATOM   62  C C   . ILE A 1 107 ? 0.017   -0.346  5.474   1.00 7.40  ? 65  ILE A C   1 
ATOM   63  O O   . ILE A 1 107 ? -0.338  -1.525  5.596   1.00 8.38  ? 65  ILE A O   1 
ATOM   64  C CB  . ILE A 1 107 ? -0.710  0.693   7.635   1.00 9.56  ? 65  ILE A CB  1 
ATOM   65  C CG1 . ILE A 1 107 ? -1.623  1.725   8.314   1.00 15.48 ? 65  ILE A CG1 1 
ATOM   66  C CG2 . ILE A 1 107 ? 0.746   0.784   8.082   1.00 12.32 ? 65  ILE A CG2 1 
ATOM   67  C CD1 . ILE A 1 107 ? -1.394  3.146   7.890   1.00 19.97 ? 65  ILE A CD1 1 
ATOM   68  N N   . LEU A 1 108 ? 1.108   0.020   4.798   1.00 7.41  ? 66  LEU A N   1 
ATOM   69  C CA  . LEU A 1 108 ? 2.103   -0.958  4.357   1.00 7.34  ? 66  LEU A CA  1 
ATOM   70  C C   . LEU A 1 108 ? 3.027   -1.244  5.531   1.00 8.87  ? 66  LEU A C   1 
ATOM   71  O O   . LEU A 1 108 ? 3.815   -0.379  5.926   1.00 8.65  ? 66  LEU A O   1 
ATOM   72  C CB  . LEU A 1 108 ? 2.886   -0.441  3.148   1.00 8.13  ? 66  LEU A CB  1 
ATOM   73  C CG  . LEU A 1 108 ? 4.012   -1.354  2.654   1.00 8.41  ? 66  LEU A CG  1 
ATOM   74  C CD1 . LEU A 1 108 ? 3.466   -2.673  2.118   1.00 10.49 ? 66  LEU A CD1 1 
ATOM   75  C CD2 . LEU A 1 108 ? 4.850   -0.641  1.593   1.00 11.91 ? 66  LEU A CD2 1 
ATOM   76  N N   . GLU A 1 109 ? 2.936   -2.449  6.095   1.00 7.32  ? 67  GLU A N   1 
ATOM   77  C CA  . GLU A 1 109 ? 3.711   -2.767  7.292   1.00 7.02  ? 67  GLU A CA  1 
ATOM   78  C C   . GLU A 1 109 ? 5.117   -3.229  6.946   1.00 9.38  ? 67  GLU A C   1 
ATOM   79  O O   . GLU A 1 109 ? 6.079   -2.866  7.635   1.00 10.48 ? 67  GLU A O   1 
ATOM   80  C CB  . GLU A 1 109 ? 3.006   -3.852  8.116   1.00 8.53  ? 67  GLU A CB  1 
ATOM   81  C CG  . GLU A 1 109 ? 1.613   -3.480  8.612   1.00 9.24  ? 67  GLU A CG  1 
ATOM   82  C CD  . GLU A 1 109 ? 1.652   -2.623  9.857   1.00 10.23 ? 67  GLU A CD  1 
ATOM   83  O OE1 . GLU A 1 109 ? 2.727   -2.083  10.195  1.00 11.60 ? 67  GLU A OE1 1 
ATOM   84  O OE2 . GLU A 1 109 ? 0.600   -2.486  10.507  1.00 8.92  ? 67  GLU A OE2 1 
ATOM   85  N N   . ALA A 1 110 ? 5.251   -4.047  5.904   1.00 9.11  ? 68  ALA A N   1 
ATOM   86  C CA  . ALA A 1 110 ? 6.522   -4.639  5.517   1.00 8.86  ? 68  ALA A CA  1 
ATOM   87  C C   . ALA A 1 110 ? 6.452   -4.985  4.043   1.00 9.35  ? 68  ALA A C   1 
ATOM   88  O O   . ALA A 1 110 ? 5.404   -5.410  3.552   1.00 10.80 ? 68  ALA A O   1 
ATOM   89  C CB  . ALA A 1 110 ? 6.841   -5.901  6.330   1.00 11.00 ? 68  ALA A CB  1 
ATOM   90  N N   . ALA A 1 111 ? 7.578   -4.834  3.350   1.00 9.85  ? 69  ALA A N   1 
ATOM   91  C CA  . ALA A 1 111 ? 7.579   -5.024  1.906   1.00 11.21 ? 69  ALA A CA  1 
ATOM   92  C C   . ALA A 1 111 ? 7.749   -6.481  1.505   1.00 12.87 ? 69  ALA A C   1 
ATOM   93  O O   . ALA A 1 111 ? 7.302   -6.867  0.422   1.00 14.39 ? 69  ALA A O   1 
ATOM   94  C CB  . ALA A 1 111 ? 8.683   -4.183  1.271   1.00 16.45 ? 69  ALA A CB  1 
ATOM   95  N N   . GLY A 1 112 ? 8.392   -7.296  2.333   1.00 10.96 ? 70  GLY A N   1 
ATOM   96  C CA  . GLY A 1 112 ? 8.649   -8.674  1.950   1.00 12.98 ? 70  GLY A CA  1 
ATOM   97  C C   . GLY A 1 112 ? 9.889   -8.816  1.082   1.00 11.99 ? 70  GLY A C   1 
ATOM   98  O O   . GLY A 1 112 ? 10.729  -7.916  0.979   1.00 15.34 ? 70  GLY A O   1 
ATOM   99  N N   . ASP A 1 113 ? 9.980   -9.975  0.424   1.00 15.15 ? 71  ASP A N   1 
ATOM   100 C CA  . ASP A 1 113 ? 11.174  -10.368 -0.319  1.00 15.88 ? 71  ASP A CA  1 
ATOM   101 C C   . ASP A 1 113 ? 11.238  -9.808  -1.734  1.00 17.28 ? 71  ASP A C   1 
ATOM   102 O O   . ASP A 1 113 ? 12.292  -9.909  -2.369  1.00 18.10 ? 71  ASP A O   1 
ATOM   103 C CB  . ASP A 1 113 ? 11.262  -11.895 -0.403  1.00 24.56 ? 71  ASP A CB  1 
ATOM   104 C CG  . ASP A 1 113 ? 11.769  -12.519 0.872   1.00 43.18 ? 71  ASP A CG  1 
ATOM   105 O OD1 . ASP A 1 113 ? 12.302  -11.778 1.727   1.00 49.47 ? 71  ASP A OD1 1 
ATOM   106 O OD2 . ASP A 1 113 ? 11.628  -13.752 1.020   1.00 48.91 ? 71  ASP A OD2 1 
ATOM   107 N N   . LYS A 1 114 ? 10.157  -9.235  -2.249  1.00 13.13 ? 72  LYS A N   1 
ATOM   108 C CA  . LYS A 1 114 ? 10.089  -8.776  -3.637  1.00 12.95 ? 72  LYS A CA  1 
ATOM   109 C C   . LYS A 1 114 ? 9.754   -7.289  -3.634  1.00 12.95 ? 72  LYS A C   1 
ATOM   110 O O   . LYS A 1 114 ? 8.666   -6.875  -4.040  1.00 12.33 ? 72  LYS A O   1 
ATOM   111 C CB  . LYS A 1 114 ? 9.058   -9.598  -4.423  1.00 13.16 ? 72  LYS A CB  1 
ATOM   112 C CG  . LYS A 1 114 ? 9.512   -11.027 -4.700  1.00 15.77 ? 72  LYS A CG  1 
ATOM   113 C CD  . LYS A 1 114 ? 8.570   -11.758 -5.657  1.00 18.78 ? 72  LYS A CD  1 
ATOM   114 C CE  . LYS A 1 114 ? 7.305   -12.205 -4.939  1.00 22.53 ? 72  LYS A CE  1 
ATOM   115 N NZ  . LYS A 1 114 ? 6.318   -12.834 -5.862  1.00 25.62 ? 72  LYS A NZ  1 
ATOM   116 N N   . LYS A 1 115 ? 10.714  -6.482  -3.177  1.00 12.72 ? 73  LYS A N   1 
ATOM   117 C CA  . LYS A 1 115 ? 10.472  -5.054  -2.995  1.00 11.72 ? 73  LYS A CA  1 
ATOM   118 C C   . LYS A 1 115 ? 10.153  -4.351  -4.308  1.00 14.87 ? 73  LYS A C   1 
ATOM   119 O O   . LYS A 1 115 ? 9.300   -3.457  -4.348  1.00 13.52 ? 73  LYS A O   1 
ATOM   120 C CB  . LYS A 1 115 ? 11.694  -4.413  -2.357  1.00 18.68 ? 73  LYS A CB  1 
ATOM   121 C CG  . LYS A 1 115 ? 11.396  -3.621  -1.142  1.00 24.70 ? 73  LYS A CG  1 
ATOM   122 C CD  . LYS A 1 115 ? 12.661  -2.994  -0.618  1.00 19.19 ? 73  LYS A CD  1 
ATOM   123 C CE  . LYS A 1 115 ? 12.569  -2.796  0.861   1.00 19.44 ? 73  LYS A CE  1 
ATOM   124 N NZ  . LYS A 1 115 ? 13.786  -2.089  1.337   1.00 20.63 ? 73  LYS A NZ  1 
ATOM   125 N N   . ILE A 1 116 ? 10.854  -4.708  -5.388  1.00 14.11 ? 74  ILE A N   1 
ATOM   126 C CA  . ILE A 1 116 ? 10.593  -4.073  -6.676  1.00 15.59 ? 74  ILE A CA  1 
ATOM   127 C C   . ILE A 1 116 ? 9.153   -4.313  -7.104  1.00 13.61 ? 74  ILE A C   1 
ATOM   128 O O   . ILE A 1 116 ? 8.473   -3.402  -7.593  1.00 15.65 ? 74  ILE A O   1 
ATOM   129 C CB  . ILE A 1 116 ? 11.596  -4.574  -7.735  1.00 22.69 ? 74  ILE A CB  1 
ATOM   130 C CG1 . ILE A 1 116 ? 13.007  -4.086  -7.403  1.00 27.76 ? 74  ILE A CG1 1 
ATOM   131 C CG2 . ILE A 1 116 ? 11.180  -4.116  -9.126  1.00 27.35 ? 74  ILE A CG2 1 
ATOM   132 C CD1 . ILE A 1 116 ? 14.099  -4.814  -8.159  1.00 32.09 ? 74  ILE A CD1 1 
ATOM   133 N N   . GLY A 1 117 ? 8.657   -5.542  -6.920  1.00 13.62 ? 75  GLY A N   1 
ATOM   134 C CA  . GLY A 1 117 ? 7.268   -5.820  -7.251  1.00 12.39 ? 75  GLY A CA  1 
ATOM   135 C C   . GLY A 1 117 ? 6.292   -5.035  -6.395  1.00 10.65 ? 75  GLY A C   1 
ATOM   136 O O   . GLY A 1 117 ? 5.240   -4.600  -6.872  1.00 12.89 ? 75  GLY A O   1 
ATOM   137 N N   . VAL A 1 118 ? 6.623   -4.848  -5.116  1.00 9.96  ? 76  VAL A N   1 
ATOM   138 C CA  . VAL A 1 118 ? 5.746   -4.092  -4.230  1.00 8.61  ? 76  VAL A CA  1 
ATOM   139 C C   . VAL A 1 118 ? 5.727   -2.616  -4.624  1.00 11.52 ? 76  VAL A C   1 
ATOM   140 O O   . VAL A 1 118 ? 4.674   -1.970  -4.575  1.00 10.62 ? 76  VAL A O   1 
ATOM   141 C CB  . VAL A 1 118 ? 6.172   -4.298  -2.764  1.00 9.40  ? 76  VAL A CB  1 
ATOM   142 C CG1 . VAL A 1 118 ? 5.441   -3.332  -1.823  1.00 9.21  ? 76  VAL A CG1 1 
ATOM   143 C CG2 . VAL A 1 118 ? 5.903   -5.729  -2.344  1.00 12.94 ? 76  VAL A CG2 1 
ATOM   144 N N   . ILE A 1 119 ? 6.875   -2.066  -5.047  1.00 11.15 ? 77  ILE A N   1 
ATOM   145 C CA  . ILE A 1 119 ? 6.891   -0.693  -5.556  1.00 10.49 ? 77  ILE A CA  1 
ATOM   146 C C   . ILE A 1 119 ? 5.951   -0.553  -6.754  1.00 9.88  ? 77  ILE A C   1 
ATOM   147 O O   . ILE A 1 119 ? 5.185   0.416   -6.847  1.00 10.40 ? 77  ILE A O   1 
ATOM   148 C CB  . ILE A 1 119 ? 8.330   -0.259  -5.897  1.00 9.93  ? 77  ILE A CB  1 
ATOM   149 C CG1 . ILE A 1 119 ? 9.154   -0.134  -4.613  1.00 13.38 ? 77  ILE A CG1 1 
ATOM   150 C CG2 . ILE A 1 119 ? 8.326   1.074   -6.647  1.00 13.76 ? 77  ILE A CG2 1 
ATOM   151 C CD1 . ILE A 1 119 ? 10.645  0.052   -4.855  1.00 15.91 ? 77  ILE A CD1 1 
ATOM   152 N N   . LYS A 1 120 ? 5.975   -1.524  -7.682  1.00 11.40 ? 78  LYS A N   1 
ATOM   153 C CA  . LYS A 1 120 ? 5.069   -1.469  -8.830  1.00 10.35 ? 78  LYS A CA  1 
ATOM   154 C C   . LYS A 1 120 ? 3.607   -1.505  -8.395  1.00 11.19 ? 78  LYS A C   1 
ATOM   155 O O   . LYS A 1 120 ? 2.783   -0.751  -8.919  1.00 12.11 ? 78  LYS A O   1 
ATOM   156 C CB  . LYS A 1 120 ? 5.353   -2.623  -9.796  1.00 14.07 ? 78  LYS A CB  1 
ATOM   157 C CG  . LYS A 1 120 ? 6.754   -2.618  -10.387 1.00 16.73 ? 78  LYS A CG  1 
ATOM   158 C CD  . LYS A 1 120 ? 6.946   -3.806  -11.332 1.00 22.28 ? 78  LYS A CD  1 
ATOM   159 C CE  . LYS A 1 120 ? 8.348   -3.826  -11.923 1.00 29.41 ? 78  LYS A CE  1 
ATOM   160 N NZ  . LYS A 1 120 ? 8.564   -5.024  -12.797 1.00 34.86 ? 78  LYS A NZ  1 
ATOM   161 N N   . VAL A 1 121 ? 3.268   -2.371  -7.433  1.00 9.80  ? 79  VAL A N   1 
ATOM   162 C CA  . VAL A 1 121 ? 1.880   -2.479  -6.982  1.00 9.97  ? 79  VAL A CA  1 
ATOM   163 C C   . VAL A 1 121 ? 1.438   -1.200  -6.267  1.00 9.22  ? 79  VAL A C   1 
ATOM   164 O O   . VAL A 1 121 ? 0.321   -0.702  -6.479  1.00 10.72 ? 79  VAL A O   1 
ATOM   165 C CB  . VAL A 1 121 ? 1.711   -3.725  -6.087  1.00 11.35 ? 79  VAL A CB  1 
ATOM   166 C CG1 . VAL A 1 121 ? 0.321   -3.754  -5.453  1.00 13.32 ? 79  VAL A CG1 1 
ATOM   167 C CG2 . VAL A 1 121 ? 1.955   -5.008  -6.885  1.00 14.40 ? 79  VAL A CG2 1 
ATOM   168 N N   . VAL A 1 122 ? 2.310   -0.625  -5.427  1.00 9.68  ? 80  VAL A N   1 
ATOM   169 C CA  . VAL A 1 122 ? 1.985   0.638   -4.767  1.00 9.24  ? 80  VAL A CA  1 
ATOM   170 C C   . VAL A 1 122 ? 1.681   1.725   -5.800  1.00 9.49  ? 80  VAL A C   1 
ATOM   171 O O   . VAL A 1 122 ? 0.746   2.520   -5.638  1.00 9.96  ? 80  VAL A O   1 
ATOM   172 C CB  . VAL A 1 122 ? 3.144   1.033   -3.833  1.00 10.03 ? 80  VAL A CB  1 
ATOM   173 C CG1 . VAL A 1 122 ? 3.113   2.497   -3.508  1.00 17.82 ? 80  VAL A CG1 1 
ATOM   174 C CG2 . VAL A 1 122 ? 3.130   0.186   -2.572  1.00 11.50 ? 80  VAL A CG2 1 
ATOM   175 N N   . ARG A 1 123 ? 2.464   1.774   -6.883  1.00 10.33 ? 81  ARG A N   1 
ATOM   176 C CA  . ARG A 1 123 ? 2.234   2.789   -7.904  1.00 10.68 ? 81  ARG A CA  1 
ATOM   177 C C   . ARG A 1 123 ? 0.928   2.573   -8.650  1.00 10.72 ? 81  ARG A C   1 
ATOM   178 O O   . ARG A 1 123 ? 0.295   3.552   -9.061  1.00 13.92 ? 81  ARG A O   1 
ATOM   179 C CB  . ARG A 1 123 ? 3.413   2.824   -8.878  1.00 8.28  ? 81  ARG A CB  1 
ATOM   180 C CG  . ARG A 1 123 ? 4.560   3.631   -8.306  1.00 9.80  ? 81  ARG A CG  1 
ATOM   181 C CD  . ARG A 1 123 ? 5.870   3.378   -8.999  1.00 10.05 ? 81  ARG A CD  1 
ATOM   182 N NE  . ARG A 1 123 ? 5.858   3.618   -10.445 1.00 9.60  ? 81  ARG A NE  1 
ATOM   183 C CZ  . ARG A 1 123 ? 5.731   4.806   -11.036 1.00 11.63 ? 81  ARG A CZ  1 
ATOM   184 N NH1 . ARG A 1 123 ? 5.540   5.916   -10.319 1.00 10.61 ? 81  ARG A NH1 1 
ATOM   185 N NH2 . ARG A 1 123 ? 5.788   4.888   -12.361 1.00 9.33  ? 81  ARG A NH2 1 
ATOM   186 N N   . GLU A 1 124 ? 0.516   1.316   -8.837  1.00 11.49 ? 82  GLU A N   1 
ATOM   187 C CA  . GLU A 1 124 ? -0.769  1.035   -9.481  1.00 13.39 ? 82  GLU A CA  1 
ATOM   188 C C   . GLU A 1 124 ? -1.928  1.429   -8.575  1.00 13.51 ? 82  GLU A C   1 
ATOM   189 O O   . GLU A 1 124 ? -2.945  1.952   -9.046  1.00 17.01 ? 82  GLU A O   1 
ATOM   190 C CB  . GLU A 1 124 ? -0.849  -0.446  -9.847  1.00 14.19 ? 82  GLU A CB  1 
ATOM   191 C CG  . GLU A 1 124 ? -2.026  -0.820  -10.745 1.00 23.30 ? 82  GLU A CG  1 
ATOM   192 C CD  . GLU A 1 124 ? -3.256  -1.223  -9.960  1.00 32.21 ? 82  GLU A CD  1 
ATOM   193 O OE1 . GLU A 1 124 ? -3.103  -1.910  -8.931  1.00 33.53 ? 82  GLU A OE1 1 
ATOM   194 O OE2 . GLU A 1 124 ? -4.377  -0.859  -10.379 1.00 32.48 ? 82  GLU A OE2 1 
ATOM   195 N N   . ILE A 1 125 ? -1.780  1.204   -7.265  1.00 11.97 ? 83  ILE A N   1 
ATOM   196 C CA  . ILE A 1 125 ? -2.857  1.484   -6.320  1.00 12.00 ? 83  ILE A CA  1 
ATOM   197 C C   . ILE A 1 125 ? -3.034  2.986   -6.114  1.00 14.05 ? 83  ILE A C   1 
ATOM   198 O O   . ILE A 1 125 ? -4.167  3.488   -6.092  1.00 16.62 ? 83  ILE A O   1 
ATOM   199 C CB  . ILE A 1 125 ? -2.579  0.761   -4.988  1.00 12.69 ? 83  ILE A CB  1 
ATOM   200 C CG1 . ILE A 1 125 ? -2.697  -0.756  -5.150  1.00 13.65 ? 83  ILE A CG1 1 
ATOM   201 C CG2 . ILE A 1 125 ? -3.495  1.276   -3.881  1.00 15.08 ? 83  ILE A CG2 1 
ATOM   202 C CD1 . ILE A 1 125 ? -2.103  -1.515  -3.946  1.00 13.01 ? 83  ILE A CD1 1 
ATOM   203 N N   . VAL A 1 126 ? -1.932  3.727   -5.957  1.00 11.94 ? 84  VAL A N   1 
ATOM   204 C CA  . VAL A 1 126 ? -1.964  5.124   -5.520  1.00 13.98 ? 84  VAL A CA  1 
ATOM   205 C C   . VAL A 1 126 ? -1.810  6.010   -6.748  1.00 13.45 ? 84  VAL A C   1 
ATOM   206 O O   . VAL A 1 126 ? -0.703  6.200   -7.261  1.00 15.31 ? 84  VAL A O   1 
ATOM   207 C CB  . VAL A 1 126 ? -0.877  5.438   -4.490  1.00 13.30 ? 84  VAL A CB  1 
ATOM   208 C CG1 . VAL A 1 126 ? -0.990  6.901   -4.052  1.00 14.19 ? 84  VAL A CG1 1 
ATOM   209 C CG2 . VAL A 1 126 ? -0.991  4.511   -3.286  1.00 15.02 ? 84  VAL A CG2 1 
ATOM   210 N N   . SER A 1 127 ? -2.922  6.589   -7.192  1.00 16.83 ? 85  SER A N   1 
ATOM   211 C CA  . SER A 1 127 ? -2.905  7.452   -8.366  1.00 18.68 ? 85  SER A CA  1 
ATOM   212 C C   . SER A 1 127 ? -1.960  8.629   -8.160  1.00 18.26 ? 85  SER A C   1 
ATOM   213 O O   . SER A 1 127 ? -2.038  9.339   -7.151  1.00 19.69 ? 85  SER A O   1 
ATOM   214 C CB  . SER A 1 127 ? -4.316  7.955   -8.661  1.00 26.69 ? 85  SER A CB  1 
ATOM   215 O OG  . SER A 1 127 ? -5.066  6.964   -9.336  1.00 38.56 ? 85  SER A OG  1 
ATOM   216 N N   . GLY A 1 128 ? -1.056  8.823   -9.120  1.00 14.66 ? 86  GLY A N   1 
ATOM   217 C CA  . GLY A 1 128 ? -0.178  9.971   -9.112  1.00 14.57 ? 86  GLY A CA  1 
ATOM   218 C C   . GLY A 1 128 ? 1.047   9.857   -8.236  1.00 14.56 ? 86  GLY A C   1 
ATOM   219 O O   . GLY A 1 128 ? 1.784   10.842  -8.105  1.00 14.24 ? 86  GLY A O   1 
ATOM   220 N N   . LEU A 1 129 ? 1.303   8.700   -7.631  1.00 10.79 ? 87  LEU A N   1 
ATOM   221 C CA  . LEU A 1 129 ? 2.475   8.544   -6.777  1.00 8.89  ? 87  LEU A CA  1 
ATOM   222 C C   . LEU A 1 129 ? 3.717   8.389   -7.652  1.00 9.92  ? 87  LEU A C   1 
ATOM   223 O O   . LEU A 1 129 ? 3.801   7.455   -8.459  1.00 11.69 ? 87  LEU A O   1 
ATOM   224 C CB  . LEU A 1 129 ? 2.298   7.337   -5.854  1.00 12.65 ? 87  LEU A CB  1 
ATOM   225 C CG  . LEU A 1 129 ? 3.347   7.186   -4.755  1.00 14.99 ? 87  LEU A CG  1 
ATOM   226 C CD1 . LEU A 1 129 ? 3.338   8.371   -3.820  1.00 15.62 ? 87  LEU A CD1 1 
ATOM   227 C CD2 . LEU A 1 129 ? 3.099   5.904   -3.992  1.00 18.11 ? 87  LEU A CD2 1 
ATOM   228 N N   . GLY A 1 130 ? 4.674   9.291   -7.483  1.00 10.78 ? 88  GLY A N   1 
ATOM   229 C CA  . GLY A 1 130 ? 5.867   9.274   -8.301  1.00 10.50 ? 88  GLY A CA  1 
ATOM   230 C C   . GLY A 1 130 ? 6.794   8.126   -7.954  1.00 10.45 ? 88  GLY A C   1 
ATOM   231 O O   . GLY A 1 130 ? 6.638   7.429   -6.952  1.00 10.77 ? 88  GLY A O   1 
ATOM   232 N N   . LEU A 1 131 ? 7.804   7.939   -8.808  1.00 8.50  ? 89  LEU A N   1 
ATOM   233 C CA  . LEU A 1 131 ? 8.694   6.791   -8.649  1.00 8.35  ? 89  LEU A CA  1 
ATOM   234 C C   . LEU A 1 131 ? 9.525   6.893   -7.372  1.00 10.39 ? 89  LEU A C   1 
ATOM   235 O O   . LEU A 1 131 ? 9.567   5.946   -6.580  1.00 9.32  ? 89  LEU A O   1 
ATOM   236 C CB  . LEU A 1 131 ? 9.597   6.637   -9.873  1.00 10.44 ? 89  LEU A CB  1 
ATOM   237 C CG  . LEU A 1 131 ? 10.528  5.422   -9.851  1.00 10.64 ? 89  LEU A CG  1 
ATOM   238 C CD1 . LEU A 1 131 ? 9.724   4.139   -9.727  1.00 14.63 ? 89  LEU A CD1 1 
ATOM   239 C CD2 . LEU A 1 131 ? 11.374  5.410   -11.110 1.00 13.65 ? 89  LEU A CD2 1 
ATOM   240 N N   . LYS A 1 132 ? 10.201  8.023   -7.156  1.00 10.01 ? 90  LYS A N   1 
ATOM   241 C CA  . LYS A 1 132 ? 10.975  8.188   -5.928  1.00 8.96  ? 90  LYS A CA  1 
ATOM   242 C C   . LYS A 1 132 ? 10.073  8.149   -4.695  1.00 11.23 ? 90  LYS A C   1 
ATOM   243 O O   . LYS A 1 132 ? 10.426  7.536   -3.681  1.00 9.65  ? 90  LYS A O   1 
ATOM   244 C CB  . LYS A 1 132 ? 11.772  9.494   -5.979  1.00 10.26 ? 90  LYS A CB  1 
ATOM   245 C CG  . LYS A 1 132 ? 12.443  9.823   -4.650  1.00 14.11 ? 90  LYS A CG  1 
ATOM   246 C CD  . LYS A 1 132 ? 13.303  11.061  -4.730  1.00 15.07 ? 90  LYS A CD  1 
ATOM   247 C CE  . LYS A 1 132 ? 13.635  11.587  -3.336  1.00 23.86 ? 90  LYS A CE  1 
ATOM   248 N NZ  . LYS A 1 132 ? 14.285  10.580  -2.459  1.00 27.70 ? 90  LYS A NZ  1 
ATOM   249 N N   . GLU A 1 133 ? 8.899   8.787   -4.761  1.00 12.22 ? 91  GLU A N   1 
ATOM   250 C CA  . GLU A 1 133 ? 7.977   8.747   -3.622  1.00 10.15 ? 91  GLU A CA  1 
ATOM   251 C C   . GLU A 1 133 ? 7.563   7.322   -3.281  1.00 8.87  ? 91  GLU A C   1 
ATOM   252 O O   . GLU A 1 133 ? 7.460   6.962   -2.099  1.00 10.06 ? 91  GLU A O   1 
ATOM   253 C CB  . GLU A 1 133 ? 6.735   9.592   -3.911  1.00 12.01 ? 91  GLU A CB  1 
ATOM   254 C CG  . GLU A 1 133 ? 6.981   11.092  -3.938  1.00 16.85 ? 91  GLU A CG  1 
ATOM   255 C CD  . GLU A 1 133 ? 5.815   11.873  -4.553  1.00 36.49 ? 91  GLU A CD  1 
ATOM   256 O OE1 . GLU A 1 133 ? 5.742   13.100  -4.327  1.00 39.15 ? 91  GLU A OE1 1 
ATOM   257 O OE2 . GLU A 1 133 ? 4.971   11.272  -5.261  1.00 32.69 ? 91  GLU A OE2 1 
ATOM   258 N N   . ALA A 1 134 ? 7.301   6.498   -4.298  1.00 9.10  ? 92  ALA A N   1 
ATOM   259 C CA  . ALA A 1 134 ? 6.902   5.118   -4.042  1.00 7.75  ? 92  ALA A CA  1 
ATOM   260 C C   . ALA A 1 134 ? 8.052   4.310   -3.450  1.00 9.21  ? 92  ALA A C   1 
ATOM   261 O O   . ALA A 1 134 ? 7.841   3.511   -2.526  1.00 8.69  ? 92  ALA A O   1 
ATOM   262 C CB  . ALA A 1 134 ? 6.403   4.472   -5.335  1.00 10.28 ? 92  ALA A CB  1 
ATOM   263 N N   . LYS A 1 135 ? 9.273   4.480   -3.981  1.00 8.93  ? 93  LYS A N   1 
ATOM   264 C CA  A LYS A 1 135 ? 10.425  3.791   -3.411  0.51 9.21  ? 93  LYS A CA  1 
ATOM   265 C CA  B LYS A 1 135 ? 10.435  3.800   -3.414  0.49 9.12  ? 93  LYS A CA  1 
ATOM   266 C C   . LYS A 1 135 ? 10.640  4.186   -1.954  1.00 9.06  ? 93  LYS A C   1 
ATOM   267 O O   . LYS A 1 135 ? 10.926  3.328   -1.106  1.00 10.80 ? 93  LYS A O   1 
ATOM   268 C CB  A LYS A 1 135 ? 11.677  4.080   -4.242  0.51 10.26 ? 93  LYS A CB  1 
ATOM   269 C CB  B LYS A 1 135 ? 11.686  4.126   -4.233  0.49 10.19 ? 93  LYS A CB  1 
ATOM   270 C CG  A LYS A 1 135 ? 12.913  3.332   -3.770  0.51 12.20 ? 93  LYS A CG  1 
ATOM   271 C CG  B LYS A 1 135 ? 11.684  3.538   -5.633  0.49 11.77 ? 93  LYS A CG  1 
ATOM   272 C CD  A LYS A 1 135 ? 14.170  3.818   -4.487  0.51 17.09 ? 93  LYS A CD  1 
ATOM   273 C CD  B LYS A 1 135 ? 12.963  3.877   -6.386  0.49 16.36 ? 93  LYS A CD  1 
ATOM   274 C CE  A LYS A 1 135 ? 15.411  3.548   -3.647  0.51 23.25 ? 93  LYS A CE  1 
ATOM   275 C CE  B LYS A 1 135 ? 12.937  3.329   -7.809  0.49 23.28 ? 93  LYS A CE  1 
ATOM   276 N NZ  A LYS A 1 135 ? 16.621  4.204   -4.213  0.51 33.85 ? 93  LYS A NZ  1 
ATOM   277 N NZ  B LYS A 1 135 ? 14.115  3.784   -8.599  0.49 24.15 ? 93  LYS A NZ  1 
ATOM   278 N N   . ASP A 1 136 ? 10.500  5.478   -1.638  1.00 9.63  ? 94  ASP A N   1 
ATOM   279 C CA  . ASP A 1 136 ? 10.712  5.923   -0.265  1.00 10.13 ? 94  ASP A CA  1 
ATOM   280 C C   . ASP A 1 136 ? 9.622   5.408   0.668   1.00 9.69  ? 94  ASP A C   1 
ATOM   281 O O   . ASP A 1 136 ? 9.890   5.103   1.839   1.00 9.83  ? 94  ASP A O   1 
ATOM   282 C CB  . ASP A 1 136 ? 10.783  7.452   -0.220  1.00 9.69  ? 94  ASP A CB  1 
ATOM   283 C CG  . ASP A 1 136 ? 12.045  8.007   -0.877  1.00 13.96 ? 94  ASP A CG  1 
ATOM   284 O OD1 . ASP A 1 136 ? 12.944  7.219   -1.246  1.00 16.42 ? 94  ASP A OD1 1 
ATOM   285 O OD2 . ASP A 1 136 ? 12.116  9.237   -1.041  1.00 16.12 ? 94  ASP A OD2 1 
ATOM   286 N N   . LEU A 1 137 ? 8.383   5.318   0.181   1.00 9.50  ? 95  LEU A N   1 
ATOM   287 C CA  . LEU A 1 137 ? 7.307   4.760   0.989   1.00 7.04  ? 95  LEU A CA  1 
ATOM   288 C C   . LEU A 1 137 ? 7.586   3.303   1.329   1.00 9.19  ? 95  LEU A C   1 
ATOM   289 O O   . LEU A 1 137 ? 7.456   2.882   2.485   1.00 11.34 ? 95  LEU A O   1 
ATOM   290 C CB  . LEU A 1 137 ? 5.983   4.908   0.230   1.00 12.06 ? 95  LEU A CB  1 
ATOM   291 C CG  . LEU A 1 137 ? 4.652   4.732   0.966   1.00 11.60 ? 95  LEU A CG  1 
ATOM   292 C CD1 . LEU A 1 137 ? 3.544   5.479   0.210   1.00 16.92 ? 95  LEU A CD1 1 
ATOM   293 C CD2 . LEU A 1 137 ? 4.301   3.247   1.129   1.00 15.92 ? 95  LEU A CD2 1 
ATOM   294 N N   . VAL A 1 138 ? 7.994   2.520   0.333   1.00 7.93  ? 96  VAL A N   1 
ATOM   295 C CA  . VAL A 1 138 ? 8.262   1.109   0.565   1.00 8.88  ? 96  VAL A CA  1 
ATOM   296 C C   . VAL A 1 138 ? 9.477   0.938   1.472   1.00 11.37 ? 96  VAL A C   1 
ATOM   297 O O   . VAL A 1 138 ? 9.445   0.144   2.419   1.00 11.24 ? 96  VAL A O   1 
ATOM   298 C CB  . VAL A 1 138 ? 8.425   0.383   -0.785  1.00 9.89  ? 96  VAL A CB  1 
ATOM   299 C CG1 . VAL A 1 138 ? 8.889   -1.052  -0.574  1.00 13.63 ? 96  VAL A CG1 1 
ATOM   300 C CG2 . VAL A 1 138 ? 7.091   0.422   -1.555  1.00 12.13 ? 96  VAL A CG2 1 
ATOM   301 N N   . ASP A 1 139 ? 10.554  1.701   1.223   1.00 7.72  ? 97  ASP A N   1 
ATOM   302 C CA  . ASP A 1 139 ? 11.743  1.604   2.068   1.00 10.29 ? 97  ASP A CA  1 
ATOM   303 C C   . ASP A 1 139 ? 11.491  2.111   3.482   1.00 10.82 ? 97  ASP A C   1 
ATOM   304 O O   . ASP A 1 139 ? 12.205  1.706   4.409   1.00 10.59 ? 97  ASP A O   1 
ATOM   305 C CB  . ASP A 1 139 ? 12.911  2.389   1.459   1.00 8.22  ? 97  ASP A CB  1 
ATOM   306 C CG  . ASP A 1 139 ? 13.590  1.662   0.314   1.00 15.66 ? 97  ASP A CG  1 
ATOM   307 O OD1 . ASP A 1 139 ? 13.439  0.423   0.205   1.00 15.02 ? 97  ASP A OD1 1 
ATOM   308 O OD2 . ASP A 1 139 ? 14.302  2.344   -0.461  1.00 14.45 ? 97  ASP A OD2 1 
ATOM   309 N N   . GLY A 1 140 ? 10.509  2.985   3.678   1.00 8.72  ? 98  GLY A N   1 
ATOM   310 C CA  . GLY A 1 140 ? 10.208  3.504   5.000   1.00 10.20 ? 98  GLY A CA  1 
ATOM   311 C C   . GLY A 1 140 ? 9.183   2.743   5.819   1.00 10.29 ? 98  GLY A C   1 
ATOM   312 O O   . GLY A 1 140 ? 8.861   3.185   6.927   1.00 10.56 ? 98  GLY A O   1 
ATOM   313 N N   . ALA A 1 141 ? 8.676   1.618   5.313   1.00 8.91  ? 99  ALA A N   1 
ATOM   314 C CA  . ALA A 1 141 ? 7.603   0.879   5.975   1.00 7.35  ? 99  ALA A CA  1 
ATOM   315 C C   . ALA A 1 141 ? 7.986   0.522   7.411   1.00 9.07  ? 99  ALA A C   1 
ATOM   316 O O   . ALA A 1 141 ? 9.142   0.181   7.677   1.00 12.02 ? 99  ALA A O   1 
ATOM   317 C CB  . ALA A 1 141 ? 7.291   -0.399  5.189   1.00 9.99  ? 99  ALA A CB  1 
ATOM   318 N N   . PRO A 1 142 ? 7.030   0.533   8.356   1.00 7.78  ? 100 PRO A N   1 
ATOM   319 C CA  . PRO A 1 142 ? 5.598   0.823   8.155   1.00 8.61  ? 100 PRO A CA  1 
ATOM   320 C C   . PRO A 1 142 ? 5.280   2.264   7.745   1.00 9.87  ? 100 PRO A C   1 
ATOM   321 O O   . PRO A 1 142 ? 5.817   3.196   8.352   1.00 11.93 ? 100 PRO A O   1 
ATOM   322 C CB  . PRO A 1 142 ? 4.978   0.524   9.529   1.00 13.11 ? 100 PRO A CB  1 
ATOM   323 C CG  . PRO A 1 142 ? 5.946   -0.366  10.216  1.00 14.72 ? 100 PRO A CG  1 
ATOM   324 C CD  . PRO A 1 142 ? 7.312   0.032   9.713   1.00 9.43  ? 100 PRO A CD  1 
ATOM   325 N N   . LYS A 1 143 ? 4.417   2.440   6.742   1.00 9.57  ? 101 LYS A N   1 
ATOM   326 C CA  . LYS A 1 143 ? 4.010   3.753   6.258   1.00 10.82 ? 101 LYS A CA  1 
ATOM   327 C C   . LYS A 1 143 ? 2.578   3.680   5.764   1.00 10.63 ? 101 LYS A C   1 
ATOM   328 O O   . LYS A 1 143 ? 2.170   2.652   5.201   1.00 9.63  ? 101 LYS A O   1 
ATOM   329 C CB  . LYS A 1 143 ? 4.902   4.242   5.104   1.00 11.06 ? 101 LYS A CB  1 
ATOM   330 C CG  . LYS A 1 143 ? 6.261   4.783   5.527   1.00 12.80 ? 101 LYS A CG  1 
ATOM   331 C CD  . LYS A 1 143 ? 6.124   6.100   6.260   1.00 12.44 ? 101 LYS A CD  1 
ATOM   332 C CE  . LYS A 1 143 ? 7.449   6.488   6.908   1.00 12.56 ? 101 LYS A CE  1 
ATOM   333 N NZ  . LYS A 1 143 ? 7.792   5.595   8.044   1.00 15.69 ? 101 LYS A NZ  1 
ATOM   334 N N   . PRO A 1 144 ? 1.808   4.756   5.905   1.00 10.56 ? 102 PRO A N   1 
ATOM   335 C CA  . PRO A 1 144 ? 0.487   4.785   5.269   1.00 11.48 ? 102 PRO A CA  1 
ATOM   336 C C   . PRO A 1 144 ? 0.599   4.877   3.754   1.00 10.55 ? 102 PRO A C   1 
ATOM   337 O O   . PRO A 1 144 ? 1.463   5.568   3.205   1.00 12.77 ? 102 PRO A O   1 
ATOM   338 C CB  . PRO A 1 144 ? -0.178  6.031   5.863   1.00 14.65 ? 102 PRO A CB  1 
ATOM   339 C CG  . PRO A 1 144 ? 0.956   6.906   6.251   1.00 20.48 ? 102 PRO A CG  1 
ATOM   340 C CD  . PRO A 1 144 ? 2.105   5.998   6.636   1.00 13.54 ? 102 PRO A CD  1 
ATOM   341 N N   A LEU A 1 145 ? -0.293  4.159   3.076   0.77 10.63 ? 103 LEU A N   1 
ATOM   342 N N   B LEU A 1 145 ? -0.292  4.155   3.080   0.23 11.39 ? 103 LEU A N   1 
ATOM   343 C CA  A LEU A 1 145 ? -0.391  4.143   1.627   0.77 12.43 ? 103 LEU A CA  1 
ATOM   344 C CA  B LEU A 1 145 ? -0.394  4.156   1.629   0.23 13.14 ? 103 LEU A CA  1 
ATOM   345 C C   A LEU A 1 145 ? -1.621  4.884   1.121   0.77 12.09 ? 103 LEU A C   1 
ATOM   346 C C   B LEU A 1 145 ? -1.618  4.909   1.138   0.23 12.54 ? 103 LEU A C   1 
ATOM   347 O O   A LEU A 1 145 ? -1.534  5.666   0.168   0.77 14.12 ? 103 LEU A O   1 
ATOM   348 O O   B LEU A 1 145 ? -1.521  5.739   0.228   0.23 13.95 ? 103 LEU A O   1 
ATOM   349 C CB  A LEU A 1 145 ? -0.424  2.681   1.156   0.77 17.33 ? 103 LEU A CB  1 
ATOM   350 C CB  B LEU A 1 145 ? -0.434  2.709   1.122   0.23 17.55 ? 103 LEU A CB  1 
ATOM   351 C CG  A LEU A 1 145 ? -0.548  2.443   -0.337  0.77 22.10 ? 103 LEU A CG  1 
ATOM   352 C CG  B LEU A 1 145 ? 0.878   2.229   0.520   0.23 22.28 ? 103 LEU A CG  1 
ATOM   353 C CD1 A LEU A 1 145 ? 0.820   2.580   -0.940  0.77 26.11 ? 103 LEU A CD1 1 
ATOM   354 C CD1 B LEU A 1 145 ? 0.831   0.741   0.244   0.23 22.58 ? 103 LEU A CD1 1 
ATOM   355 C CD2 A LEU A 1 145 ? -1.129  1.076   -0.627  0.77 23.47 ? 103 LEU A CD2 1 
ATOM   356 C CD2 B LEU A 1 145 ? 1.116   3.006   -0.746  0.23 23.94 ? 103 LEU A CD2 1 
ATOM   357 N N   . LEU A 1 146 ? -2.774  4.626   1.724   1.00 11.47 ? 104 LEU A N   1 
ATOM   358 C CA  . LEU A 1 146 ? -4.025  5.286   1.399   1.00 11.18 ? 104 LEU A CA  1 
ATOM   359 C C   . LEU A 1 146 ? -4.661  5.737   2.702   1.00 13.03 ? 104 LEU A C   1 
ATOM   360 O O   . LEU A 1 146 ? -4.543  5.059   3.726   1.00 11.56 ? 104 LEU A O   1 
ATOM   361 C CB  . LEU A 1 146 ? -4.999  4.358   0.662   1.00 12.47 ? 104 LEU A CB  1 
ATOM   362 C CG  . LEU A 1 146 ? -4.580  3.773   -0.680  1.00 12.83 ? 104 LEU A CG  1 
ATOM   363 C CD1 . LEU A 1 146 ? -5.552  2.683   -1.064  1.00 15.62 ? 104 LEU A CD1 1 
ATOM   364 C CD2 . LEU A 1 146 ? -4.559  4.876   -1.723  1.00 13.73 ? 104 LEU A CD2 1 
ATOM   365 N N   . GLU A 1 147 ? -5.348  6.877   2.657   1.00 12.75 ? 105 GLU A N   1 
ATOM   366 C CA  . GLU A 1 147 ? -5.969  7.446   3.845   1.00 12.60 ? 105 GLU A CA  1 
ATOM   367 C C   . GLU A 1 147 ? -7.400  7.854   3.527   1.00 12.58 ? 105 GLU A C   1 
ATOM   368 O O   . GLU A 1 147 ? -7.655  8.485   2.494   1.00 14.60 ? 105 GLU A O   1 
ATOM   369 C CB  . GLU A 1 147 ? -5.163  8.640   4.368   1.00 15.89 ? 105 GLU A CB  1 
ATOM   370 C CG  . GLU A 1 147 ? -3.849  8.215   5.022   1.00 19.25 ? 105 GLU A CG  1 
ATOM   371 C CD  . GLU A 1 147 ? -3.038  9.376   5.556   1.00 28.06 ? 105 GLU A CD  1 
ATOM   372 O OE1 . GLU A 1 147 ? -3.321  10.530  5.176   1.00 37.13 ? 105 GLU A OE1 1 
ATOM   373 O OE2 . GLU A 1 147 ? -2.121  9.131   6.361   1.00 31.11 ? 105 GLU A OE2 1 
ATOM   374 N N   . LYS A 1 148 ? -8.329  7.455   4.402   1.00 13.12 ? 106 LYS A N   1 
ATOM   375 C CA  . LYS A 1 148 ? -9.740  7.848   4.330   1.00 13.43 ? 106 LYS A CA  1 
ATOM   376 C C   . LYS A 1 148 ? -10.400 7.416   3.019   1.00 14.49 ? 106 LYS A C   1 
ATOM   377 O O   . LYS A 1 148 ? -11.136 8.177   2.390   1.00 15.32 ? 106 LYS A O   1 
ATOM   378 C CB  . LYS A 1 148 ? -9.895  9.360   4.548   1.00 17.17 ? 106 LYS A CB  1 
ATOM   379 C CG  . LYS A 1 148 ? -9.471  9.807   5.942   1.00 18.52 ? 106 LYS A CG  1 
ATOM   380 C CD  . LYS A 1 148 ? -9.624  11.310  6.120   1.00 19.58 ? 106 LYS A CD  1 
ATOM   381 C CE  . LYS A 1 148 ? -9.320  11.726  7.547   1.00 28.87 ? 106 LYS A CE  1 
ATOM   382 N NZ  . LYS A 1 148 ? -7.933  11.366  7.948   1.00 33.79 ? 106 LYS A NZ  1 
ATOM   383 N N   . VAL A 1 149 ? -10.161 6.171   2.623   1.00 12.43 ? 107 VAL A N   1 
ATOM   384 C CA  . VAL A 1 149 ? -10.715 5.638   1.388   1.00 13.09 ? 107 VAL A CA  1 
ATOM   385 C C   . VAL A 1 149 ? -11.869 4.685   1.691   1.00 12.70 ? 107 VAL A C   1 
ATOM   386 O O   . VAL A 1 149 ? -12.086 4.265   2.824   1.00 12.68 ? 107 VAL A O   1 
ATOM   387 C CB  . VAL A 1 149 ? -9.635  4.936   0.525   1.00 12.07 ? 107 VAL A CB  1 
ATOM   388 C CG1 . VAL A 1 149 ? -8.551  5.922   0.121   1.00 12.93 ? 107 VAL A CG1 1 
ATOM   389 C CG2 . VAL A 1 149 ? -9.040  3.730   1.276   1.00 12.30 ? 107 VAL A CG2 1 
ATOM   390 N N   . ALA A 1 150 ? -12.615 4.326   0.648   1.00 12.54 ? 108 ALA A N   1 
ATOM   391 C CA  . ALA A 1 150 ? -13.731 3.403   0.781   1.00 14.06 ? 108 ALA A CA  1 
ATOM   392 C C   . ALA A 1 150 ? -13.253 1.987   1.093   1.00 15.83 ? 108 ALA A C   1 
ATOM   393 O O   . ALA A 1 150 ? -12.139 1.592   0.744   1.00 13.74 ? 108 ALA A O   1 
ATOM   394 C CB  . ALA A 1 150 ? -14.554 3.399   -0.506  1.00 15.53 ? 108 ALA A CB  1 
ATOM   395 N N   . LYS A 1 151 ? -14.136 1.209   1.727   1.00 14.98 ? 109 LYS A N   1 
ATOM   396 C CA  . LYS A 1 151 ? -13.789 -0.152  2.129   1.00 15.07 ? 109 LYS A CA  1 
ATOM   397 C C   . LYS A 1 151 ? -13.330 -0.996  0.948   1.00 13.49 ? 109 LYS A C   1 
ATOM   398 O O   . LYS A 1 151 ? -12.341 -1.734  1.060   1.00 12.76 ? 109 LYS A O   1 
ATOM   399 C CB  . LYS A 1 151 ? -14.975 -0.819  2.830   1.00 20.88 ? 109 LYS A CB  1 
ATOM   400 C CG  . LYS A 1 151 ? -14.619 -2.129  3.559   1.00 26.81 ? 109 LYS A CG  1 
ATOM   401 C CD  . LYS A 1 151 ? -13.257 -2.025  4.271   1.00 35.60 ? 109 LYS A CD  1 
ATOM   402 C CE  . LYS A 1 151 ? -13.063 -3.071  5.380   1.00 35.53 ? 109 LYS A CE  1 
ATOM   403 N NZ  . LYS A 1 151 ? -12.898 -4.465  4.879   1.00 34.08 ? 109 LYS A NZ  1 
ATOM   404 N N   . GLU A 1 152 ? -14.032 -0.916  -0.185  1.00 15.40 ? 110 GLU A N   1 
ATOM   405 C CA  . GLU A 1 152 ? -13.646 -1.737  -1.326  1.00 14.17 ? 110 GLU A CA  1 
ATOM   406 C C   . GLU A 1 152 ? -12.249 -1.379  -1.821  1.00 13.69 ? 110 GLU A C   1 
ATOM   407 O O   . GLU A 1 152 ? -11.442 -2.265  -2.128  1.00 12.68 ? 110 GLU A O   1 
ATOM   408 C CB  . GLU A 1 152 ? -14.667 -1.597  -2.453  1.00 18.20 ? 110 GLU A CB  1 
ATOM   409 C CG  . GLU A 1 152 ? -14.620 -2.746  -3.430  1.00 28.67 ? 110 GLU A CG  1 
ATOM   410 C CD  . GLU A 1 152 ? -15.709 -2.656  -4.475  1.00 41.99 ? 110 GLU A CD  1 
ATOM   411 O OE1 . GLU A 1 152 ? -15.574 -3.305  -5.534  1.00 46.76 ? 110 GLU A OE1 1 
ATOM   412 O OE2 . GLU A 1 152 ? -16.699 -1.932  -4.235  1.00 45.35 ? 110 GLU A OE2 1 
ATOM   413 N N   . ALA A 1 153 ? -11.943 -0.084  -1.901  1.00 12.29 ? 111 ALA A N   1 
ATOM   414 C CA  . ALA A 1 153 ? -10.607 0.344   -2.299  1.00 9.75  ? 111 ALA A CA  1 
ATOM   415 C C   . ALA A 1 153 ? -9.551  -0.169  -1.328  1.00 9.21  ? 111 ALA A C   1 
ATOM   416 O O   . ALA A 1 153 ? -8.459  -0.578  -1.746  1.00 10.10 ? 111 ALA A O   1 
ATOM   417 C CB  . ALA A 1 153 ? -10.550 1.868   -2.386  1.00 13.35 ? 111 ALA A CB  1 
ATOM   418 N N   . ALA A 1 154 ? -9.859  -0.163  -0.028  1.00 11.39 ? 112 ALA A N   1 
ATOM   419 C CA  . ALA A 1 154 ? -8.902  -0.670  0.951   1.00 9.08  ? 112 ALA A CA  1 
ATOM   420 C C   . ALA A 1 154 ? -8.710  -2.175  0.806   1.00 8.98  ? 112 ALA A C   1 
ATOM   421 O O   . ALA A 1 154 ? -7.575  -2.670  0.865   1.00 9.84  ? 112 ALA A O   1 
ATOM   422 C CB  . ALA A 1 154 ? -9.368  -0.316  2.366   1.00 10.05 ? 112 ALA A CB  1 
ATOM   423 N N   . ASP A 1 155 ? -9.809  -2.917  0.612   1.00 10.79 ? 113 ASP A N   1 
ATOM   424 C CA  . ASP A 1 155 ? -9.713  -4.370  0.481   1.00 11.94 ? 113 ASP A CA  1 
ATOM   425 C C   . ASP A 1 155 ? -8.935  -4.763  -0.770  1.00 10.35 ? 113 ASP A C   1 
ATOM   426 O O   . ASP A 1 155 ? -8.140  -5.712  -0.741  1.00 9.95  ? 113 ASP A O   1 
ATOM   427 C CB  . ASP A 1 155 ? -11.112 -4.989  0.452   1.00 12.41 ? 113 ASP A CB  1 
ATOM   428 C CG  . ASP A 1 155 ? -11.818 -4.941  1.805   1.00 18.59 ? 113 ASP A CG  1 
ATOM   429 O OD1 . ASP A 1 155 ? -11.171 -4.639  2.831   1.00 22.18 ? 113 ASP A OD1 1 
ATOM   430 O OD2 . ASP A 1 155 ? -13.034 -5.218  1.834   1.00 25.28 ? 113 ASP A OD2 1 
ATOM   431 N N   . GLU A 1 156 ? -9.146  -4.040  -1.877  1.00 9.22  ? 114 GLU A N   1 
ATOM   432 C CA  . GLU A 1 156 ? -8.397  -4.316  -3.099  1.00 8.47  ? 114 GLU A CA  1 
ATOM   433 C C   . GLU A 1 156 ? -6.913  -4.025  -2.918  1.00 9.10  ? 114 GLU A C   1 
ATOM   434 O O   . GLU A 1 156 ? -6.061  -4.815  -3.348  1.00 8.82  ? 114 GLU A O   1 
ATOM   435 C CB  . GLU A 1 156 ? -8.981  -3.511  -4.262  1.00 8.43  ? 114 GLU A CB  1 
ATOM   436 C CG  . GLU A 1 156 ? -10.363 -4.013  -4.684  1.00 12.21 ? 114 GLU A CG  1 
ATOM   437 C CD  . GLU A 1 156 ? -11.008 -3.161  -5.762  1.00 16.70 ? 114 GLU A CD  1 
ATOM   438 O OE1 . GLU A 1 156 ? -10.358 -2.221  -6.265  1.00 20.28 ? 114 GLU A OE1 1 
ATOM   439 O OE2 . GLU A 1 156 ? -12.167 -3.454  -6.116  1.00 21.36 ? 114 GLU A OE2 1 
ATOM   440 N N   . ALA A 1 157 ? -6.578  -2.898  -2.283  1.00 9.38  ? 115 ALA A N   1 
ATOM   441 C CA  . ALA A 1 157 ? -5.175  -2.582  -2.028  1.00 8.09  ? 115 ALA A CA  1 
ATOM   442 C C   . ALA A 1 157 ? -4.507  -3.656  -1.177  1.00 8.18  ? 115 ALA A C   1 
ATOM   443 O O   . ALA A 1 157 ? -3.399  -4.112  -1.486  1.00 9.99  ? 115 ALA A O   1 
ATOM   444 C CB  . ALA A 1 157 ? -5.071  -1.214  -1.352  1.00 10.04 ? 115 ALA A CB  1 
ATOM   445 N N   . LYS A 1 158 ? -5.171  -4.076  -0.099  1.00 7.31  ? 116 LYS A N   1 
ATOM   446 C CA  . LYS A 1 158 ? -4.602  -5.107  0.765   1.00 8.36  ? 116 LYS A CA  1 
ATOM   447 C C   . LYS A 1 158 ? -4.384  -6.411  0.001   1.00 8.09  ? 116 LYS A C   1 
ATOM   448 O O   . LYS A 1 158 ? -3.326  -7.037  0.116   1.00 9.26  ? 116 LYS A O   1 
ATOM   449 C CB  . LYS A 1 158 ? -5.515  -5.337  1.975   1.00 11.76 ? 116 LYS A CB  1 
ATOM   450 C CG  . LYS A 1 158 ? -5.038  -6.441  2.910   1.00 13.21 ? 116 LYS A CG  1 
ATOM   451 C CD  . LYS A 1 158 ? -6.002  -6.605  4.094   1.00 20.12 ? 116 LYS A CD  1 
ATOM   452 C CE  . LYS A 1 158 ? -5.610  -7.756  5.025   1.00 28.37 ? 116 LYS A CE  1 
ATOM   453 N NZ  . LYS A 1 158 ? -4.398  -7.445  5.852   1.00 27.94 ? 116 LYS A NZ  1 
ATOM   454 N N   . ALA A 1 159 ? -5.374  -6.832  -0.798  1.00 8.53  ? 117 ALA A N   1 
ATOM   455 C CA  . ALA A 1 159 ? -5.243  -8.103  -1.504  1.00 8.52  ? 117 ALA A CA  1 
ATOM   456 C C   . ALA A 1 159 ? -4.109  -8.056  -2.523  1.00 7.73  ? 117 ALA A C   1 
ATOM   457 O O   . ALA A 1 159 ? -3.328  -9.011  -2.642  1.00 8.65  ? 117 ALA A O   1 
ATOM   458 C CB  . ALA A 1 159 ? -6.573  -8.467  -2.179  1.00 7.85  ? 117 ALA A CB  1 
ATOM   459 N N   . LYS A 1 160 ? -3.996  -6.953  -3.262  1.00 7.67  ? 118 LYS A N   1 
ATOM   460 C CA  . LYS A 1 160 ? -2.933  -6.845  -4.256  1.00 7.82  ? 118 LYS A CA  1 
ATOM   461 C C   . LYS A 1 160 ? -1.554  -6.833  -3.605  1.00 8.53  ? 118 LYS A C   1 
ATOM   462 O O   . LYS A 1 160 ? -0.627  -7.497  -4.084  1.00 9.87  ? 118 LYS A O   1 
ATOM   463 C CB  . LYS A 1 160 ? -3.135  -5.587  -5.101  1.00 8.47  ? 118 LYS A CB  1 
ATOM   464 C CG  . LYS A 1 160 ? -4.307  -5.676  -6.072  1.00 9.53  ? 118 LYS A CG  1 
ATOM   465 C CD  . LYS A 1 160 ? -4.446  -4.342  -6.787  1.00 12.85 ? 118 LYS A CD  1 
ATOM   466 C CE  . LYS A 1 160 ? -5.550  -4.340  -7.813  1.00 23.40 ? 118 LYS A CE  1 
ATOM   467 N NZ  . LYS A 1 160 ? -5.859  -2.927  -8.189  1.00 27.67 ? 118 LYS A NZ  1 
ATOM   468 N N   . LEU A 1 161 ? -1.402  -6.100  -2.502  1.00 8.87  ? 119 LEU A N   1 
ATOM   469 C CA  . LEU A 1 161 ? -0.097  -6.024  -1.853  1.00 8.17  ? 119 LEU A CA  1 
ATOM   470 C C   . LEU A 1 161 ? 0.282   -7.345  -1.198  1.00 8.91  ? 119 LEU A C   1 
ATOM   471 O O   . LEU A 1 161 ? 1.449   -7.759  -1.260  1.00 9.17  ? 119 LEU A O   1 
ATOM   472 C CB  . LEU A 1 161 ? -0.099  -4.902  -0.820  1.00 8.72  ? 119 LEU A CB  1 
ATOM   473 C CG  . LEU A 1 161 ? -0.080  -3.507  -1.428  1.00 9.32  ? 119 LEU A CG  1 
ATOM   474 C CD1 . LEU A 1 161 ? -0.548  -2.494  -0.401  1.00 12.36 ? 119 LEU A CD1 1 
ATOM   475 C CD2 . LEU A 1 161 ? 1.315   -3.155  -1.969  1.00 12.39 ? 119 LEU A CD2 1 
ATOM   476 N N   . GLU A 1 162 ? -0.685  -8.025  -0.567  1.00 8.90  ? 120 GLU A N   1 
ATOM   477 C CA  . GLU A 1 162 ? -0.383  -9.301  0.071   1.00 10.11 ? 120 GLU A CA  1 
ATOM   478 C C   . GLU A 1 162 ? 0.006   -10.351 -0.960  1.00 9.57  ? 120 GLU A C   1 
ATOM   479 O O   . GLU A 1 162 ? 0.892   -11.173 -0.706  1.00 11.62 ? 120 GLU A O   1 
ATOM   480 C CB  . GLU A 1 162 ? -1.583  -9.776  0.887   1.00 12.13 ? 120 GLU A CB  1 
ATOM   481 C CG  . GLU A 1 162 ? -1.836  -8.967  2.134   1.00 16.87 ? 120 GLU A CG  1 
ATOM   482 C CD  . GLU A 1 162 ? -3.004  -9.500  2.948   1.00 17.61 ? 120 GLU A CD  1 
ATOM   483 O OE1 . GLU A 1 162 ? -3.901  -10.197 2.396   1.00 21.96 ? 120 GLU A OE1 1 
ATOM   484 O OE2 . GLU A 1 162 ? -3.032  -9.206  4.152   1.00 19.14 ? 120 GLU A OE2 1 
ATOM   485 N N   . ALA A 1 163 ? -0.657  -10.353 -2.121  1.00 10.02 ? 121 ALA A N   1 
ATOM   486 C CA  . ALA A 1 163 ? -0.296  -11.303 -3.169  1.00 9.28  ? 121 ALA A CA  1 
ATOM   487 C C   . ALA A 1 163 ? 1.137   -11.100 -3.631  1.00 11.60 ? 121 ALA A C   1 
ATOM   488 O O   . ALA A 1 163 ? 1.796   -12.063 -4.052  1.00 14.53 ? 121 ALA A O   1 
ATOM   489 C CB  . ALA A 1 163 ? -1.254  -11.174 -4.350  1.00 11.18 ? 121 ALA A CB  1 
ATOM   490 N N   . ALA A 1 164 ? 1.634   -9.867  -3.551  1.00 9.61  ? 122 ALA A N   1 
ATOM   491 C CA  . ALA A 1 164 ? 2.991   -9.513  -3.938  1.00 10.32 ? 122 ALA A CA  1 
ATOM   492 C C   . ALA A 1 164 ? 4.017   -9.765  -2.839  1.00 10.83 ? 122 ALA A C   1 
ATOM   493 O O   . ALA A 1 164 ? 5.197   -9.472  -3.055  1.00 12.70 ? 122 ALA A O   1 
ATOM   494 C CB  . ALA A 1 164 ? 3.046   -8.045  -4.357  1.00 10.80 ? 122 ALA A CB  1 
ATOM   495 N N   . GLY A 1 165 ? 3.598   -10.264 -1.675  1.00 10.68 ? 123 GLY A N   1 
ATOM   496 C CA  . GLY A 1 165 ? 4.502   -10.624 -0.599  1.00 9.63  ? 123 GLY A CA  1 
ATOM   497 C C   . GLY A 1 165 ? 4.552   -9.652  0.555   1.00 9.17  ? 123 GLY A C   1 
ATOM   498 O O   . GLY A 1 165 ? 5.291   -9.908  1.515   1.00 12.43 ? 123 GLY A O   1 
ATOM   499 N N   . ALA A 1 166 ? 3.810   -8.551  0.497   1.00 9.40  ? 124 ALA A N   1 
ATOM   500 C CA  . ALA A 1 166 ? 3.839   -7.542  1.544   1.00 8.53  ? 124 ALA A CA  1 
ATOM   501 C C   . ALA A 1 166 ? 2.888   -7.899  2.685   1.00 8.58  ? 124 ALA A C   1 
ATOM   502 O O   . ALA A 1 166 ? 2.027   -8.782  2.586   1.00 10.65 ? 124 ALA A O   1 
ATOM   503 C CB  . ALA A 1 166 ? 3.482   -6.168  0.972   1.00 9.62  ? 124 ALA A CB  1 
ATOM   504 N N   . THR A 1 167 ? 3.070   -7.201  3.802   1.00 8.89  ? 125 THR A N   1 
ATOM   505 C CA  . THR A 1 167 ? 2.181   -7.274  4.952   1.00 7.75  ? 125 THR A CA  1 
ATOM   506 C C   . THR A 1 167 ? 1.488   -5.927  5.106   1.00 7.14  ? 125 THR A C   1 
ATOM   507 O O   . THR A 1 167 ? 2.134   -4.876  4.983   1.00 8.00  ? 125 THR A O   1 
ATOM   508 C CB  . THR A 1 167 ? 2.968   -7.626  6.224   1.00 8.95  ? 125 THR A CB  1 
ATOM   509 O OG1 . THR A 1 167 ? 3.677   -8.858  6.029   1.00 12.18 ? 125 THR A OG1 1 
ATOM   510 C CG2 . THR A 1 167 ? 2.040   -7.790  7.426   1.00 9.62  ? 125 THR A CG2 1 
ATOM   511 N N   . VAL A 1 168 ? 0.177   -5.959  5.357   1.00 8.57  ? 126 VAL A N   1 
ATOM   512 C CA  . VAL A 1 168 ? -0.683  -4.781  5.325   1.00 8.71  ? 126 VAL A CA  1 
ATOM   513 C C   . VAL A 1 168 ? -1.608  -4.788  6.538   1.00 9.52  ? 126 VAL A C   1 
ATOM   514 O O   . VAL A 1 168 ? -2.020  -5.848  7.018   1.00 11.42 ? 126 VAL A O   1 
ATOM   515 C CB  . VAL A 1 168 ? -1.512  -4.754  4.015   1.00 10.19 ? 126 VAL A CB  1 
ATOM   516 C CG1 . VAL A 1 168 ? -2.544  -3.629  4.008   1.00 10.72 ? 126 VAL A CG1 1 
ATOM   517 C CG2 . VAL A 1 168 ? -0.583  -4.652  2.808   1.00 15.03 ? 126 VAL A CG2 1 
ATOM   518 N N   . THR A 1 169 ? -1.944  -3.592  7.036   1.00 7.87  ? 127 THR A N   1 
ATOM   519 C CA  . THR A 1 169 ? -3.055  -3.425  7.968   1.00 8.02  ? 127 THR A CA  1 
ATOM   520 C C   . THR A 1 169 ? -4.042  -2.411  7.413   1.00 9.24  ? 127 THR A C   1 
ATOM   521 O O   . THR A 1 169 ? -3.648  -1.301  7.042   1.00 9.41  ? 127 THR A O   1 
ATOM   522 C CB  . THR A 1 169 ? -2.577  -2.966  9.347   1.00 8.63  ? 127 THR A CB  1 
ATOM   523 O OG1 . THR A 1 169 ? -1.555  -3.845  9.831   1.00 9.31  ? 127 THR A OG1 1 
ATOM   524 C CG2 . THR A 1 169 ? -3.740  -2.965  10.339  1.00 10.71 ? 127 THR A CG2 1 
ATOM   525 N N   . VAL A 1 170 ? -5.320  -2.787  7.363   1.00 9.41  ? 128 VAL A N   1 
ATOM   526 C CA  . VAL A 1 170 ? -6.410  -1.857  7.074   1.00 10.45 ? 128 VAL A CA  1 
ATOM   527 C C   . VAL A 1 170 ? -6.981  -1.364  8.398   1.00 13.69 ? 128 VAL A C   1 
ATOM   528 O O   . VAL A 1 170 ? -7.315  -2.172  9.276   1.00 12.85 ? 128 VAL A O   1 
ATOM   529 C CB  . VAL A 1 170 ? -7.497  -2.527  6.215   1.00 9.69  ? 128 VAL A CB  1 
ATOM   530 C CG1 . VAL A 1 170 ? -8.698  -1.591  6.028   1.00 12.51 ? 128 VAL A CG1 1 
ATOM   531 C CG2 . VAL A 1 170 ? -6.930  -2.945  4.856   1.00 13.28 ? 128 VAL A CG2 1 
ATOM   532 N N   . LYS A 1 171 ? -7.074  -0.045  8.558   1.00 10.09 ? 129 LYS A N   1 
ATOM   533 C CA  . LYS A 1 171 ? -7.458  0.538   9.848   1.00 12.46 ? 129 LYS A CA  1 
ATOM   534 C C   . LYS A 1 171 ? -8.670  1.446   9.740   1.00 16.71 ? 129 LYS A C   1 
ATOM   535 O O   . LYS A 1 171 ? -8.878  2.113   8.730   1.00 16.04 ? 129 LYS A O   1 
ATOM   536 C CB  . LYS A 1 171 ? -6.298  1.340   10.446  1.00 14.62 ? 129 LYS A CB  1 
ATOM   537 C CG  . LYS A 1 171 ? -5.051  0.523   10.730  1.00 12.12 ? 129 LYS A CG  1 
ATOM   538 C CD  . LYS A 1 171 ? -3.998  1.344   11.455  1.00 13.40 ? 129 LYS A CD  1 
ATOM   539 C CE  . LYS A 1 171 ? -2.762  0.516   11.742  1.00 15.04 ? 129 LYS A CE  1 
ATOM   540 N NZ  . LYS A 1 171 ? -1.745  1.283   12.519  1.00 16.57 ? 129 LYS A NZ  1 
ATOM   541 O OXT . LYS A 1 171 ? -9.450  1.557   10.686  1.00 19.79 ? 129 LYS A OXT 1 
HETATM 542 C C1  . EDO B 2 .   ? -0.534  -11.429 8.985   1.00 24.15 ? 201 EDO A C1  1 
HETATM 543 O O1  . EDO B 2 .   ? -0.697  -10.933 10.321  1.00 30.05 ? 201 EDO A O1  1 
HETATM 544 C C2  . EDO B 2 .   ? -1.582  -10.823 8.064   1.00 32.62 ? 201 EDO A C2  1 
HETATM 545 O O2  . EDO B 2 .   ? -1.298  -9.432  7.880   1.00 22.67 ? 201 EDO A O2  1 
HETATM 546 O O   . HOH C 3 .   ? 16.288  3.905   -7.611  1.00 51.28 ? 301 HOH A O   1 
HETATM 547 O O   . HOH C 3 .   ? -4.439  -11.960 0.711   1.00 27.77 ? 302 HOH A O   1 
HETATM 548 O O   . HOH C 3 .   ? -8.786  -2.790  -8.121  1.00 36.81 ? 303 HOH A O   1 
HETATM 549 O O   . HOH C 3 .   ? -1.358  -3.707  -9.171  1.00 26.79 ? 304 HOH A O   1 
HETATM 550 O O   . HOH C 3 .   ? 14.547  4.833   -0.766  1.00 22.15 ? 305 HOH A O   1 
HETATM 551 O O   . HOH C 3 .   ? -9.238  0.848   13.131  1.00 32.80 ? 306 HOH A O   1 
HETATM 552 O O   . HOH C 3 .   ? -0.878  -8.704  5.435   1.00 16.14 ? 307 HOH A O   1 
HETATM 553 O O   . HOH C 3 .   ? -5.292  12.181  5.574   1.00 44.90 ? 308 HOH A O   1 
HETATM 554 O O   . HOH C 3 .   ? 3.737   -1.940  12.641  1.00 12.25 ? 309 HOH A O   1 
HETATM 555 O O   . HOH C 3 .   ? -12.874 12.366  7.604   1.00 52.10 ? 310 HOH A O   1 
HETATM 556 O O   . HOH C 3 .   ? 7.540   14.257  -2.726  1.00 34.99 ? 311 HOH A O   1 
HETATM 557 O O   . HOH C 3 .   ? 7.417   -8.987  -1.246  1.00 13.14 ? 312 HOH A O   1 
HETATM 558 O O   . HOH C 3 .   ? 5.691   -9.205  4.262   1.00 15.76 ? 313 HOH A O   1 
HETATM 559 O O   . HOH C 3 .   ? -4.553  4.833   10.666  1.00 35.47 ? 314 HOH A O   1 
HETATM 560 O O   . HOH C 3 .   ? -6.077  0.373   -8.658  1.00 43.08 ? 315 HOH A O   1 
HETATM 561 O O   . HOH C 3 .   ? -6.828  -3.766  -10.595 1.00 35.75 ? 316 HOH A O   1 
HETATM 562 O O   . HOH C 3 .   ? 4.417   -13.062 -3.914  1.00 30.04 ? 317 HOH A O   1 
HETATM 563 O O   . HOH C 3 .   ? 6.336   -8.234  -5.216  1.00 20.77 ? 318 HOH A O   1 
HETATM 564 O O   . HOH C 3 .   ? -6.888  -1.287  -6.251  1.00 32.74 ? 319 HOH A O   1 
HETATM 565 O O   . HOH C 3 .   ? -0.322  7.076   -11.112 1.00 23.99 ? 320 HOH A O   1 
HETATM 566 O O   . HOH C 3 .   ? 11.493  -0.202  6.264   1.00 15.24 ? 321 HOH A O   1 
HETATM 567 O O   . HOH C 3 .   ? 8.908   6.938   3.655   1.00 17.68 ? 322 HOH A O   1 
HETATM 568 O O   . HOH C 3 .   ? -1.605  4.775   -10.650 1.00 34.42 ? 323 HOH A O   1 
HETATM 569 O O   . HOH C 3 .   ? 11.068  -1.646  3.774   1.00 14.92 ? 324 HOH A O   1 
HETATM 570 O O   . HOH C 3 .   ? 14.777  -11.077 -1.973  1.00 28.47 ? 325 HOH A O   1 
HETATM 571 O O   . HOH C 3 .   ? 11.806  -6.042  2.718   1.00 37.05 ? 326 HOH A O   1 
HETATM 572 O O   . HOH C 3 .   ? -9.241  -6.291  3.952   1.00 28.84 ? 327 HOH A O   1 
HETATM 573 O O   . HOH C 3 .   ? -6.224  9.180   8.060   1.00 33.99 ? 328 HOH A O   1 
HETATM 574 O O   . HOH C 3 .   ? 0.611   -0.130  12.029  1.00 14.81 ? 329 HOH A O   1 
HETATM 575 O O   . HOH C 3 .   ? -1.492  3.868   11.496  1.00 23.64 ? 330 HOH A O   1 
HETATM 576 O O   . HOH C 3 .   ? 1.872   -11.500 1.958   1.00 26.36 ? 331 HOH A O   1 
HETATM 577 O O   . HOH C 3 .   ? -9.593  6.584   7.691   1.00 18.42 ? 332 HOH A O   1 
HETATM 578 O O   . HOH C 3 .   ? 7.239   -3.895  9.960   1.00 21.02 ? 333 HOH A O   1 
HETATM 579 O O   . HOH C 3 .   ? 7.390   -11.742 1.263   1.00 22.98 ? 334 HOH A O   1 
HETATM 580 O O   . HOH C 3 .   ? 2.952   0.063   -11.593 1.00 21.80 ? 335 HOH A O   1 
HETATM 581 O O   . HOH C 3 .   ? 1.752   6.005   -9.705  1.00 14.46 ? 336 HOH A O   1 
HETATM 582 O O   . HOH C 3 .   ? -0.781  -8.250  -6.785  1.00 15.32 ? 337 HOH A O   1 
HETATM 583 O O   . HOH C 3 .   ? 3.453   7.538   3.445   1.00 26.97 ? 338 HOH A O   1 
HETATM 584 O O   . HOH C 3 .   ? -4.058  -11.645 -1.901  1.00 16.84 ? 339 HOH A O   1 
HETATM 585 O O   . HOH C 3 .   ? 6.735   8.811   -0.077  1.00 22.61 ? 340 HOH A O   1 
HETATM 586 O O   . HOH C 3 .   ? -10.947 8.695   9.299   1.00 30.93 ? 341 HOH A O   1 
HETATM 587 O O   . HOH C 3 .   ? -18.645 5.111   3.282   1.00 18.13 ? 342 HOH A O   1 
HETATM 588 O O   . HOH C 3 .   ? 15.060  7.613   -3.118  1.00 27.52 ? 343 HOH A O   1 
HETATM 589 O O   . HOH C 3 .   ? -7.180  0.245   -4.160  1.00 19.25 ? 344 HOH A O   1 
HETATM 590 O O   . HOH C 3 .   ? -6.665  2.744   -4.897  1.00 19.90 ? 345 HOH A O   1 
HETATM 591 O O   . HOH C 3 .   ? -10.133 -2.486  9.718   1.00 25.87 ? 346 HOH A O   1 
HETATM 592 O O   . HOH C 3 .   ? -6.809  13.769  6.846   1.00 37.50 ? 347 HOH A O   1 
HETATM 593 O O   . HOH C 3 .   ? 9.809   10.894  -1.482  1.00 26.91 ? 348 HOH A O   1 
HETATM 594 O O   . HOH C 3 .   ? 8.216   3.381   9.924   1.00 26.52 ? 349 HOH A O   1 
HETATM 595 O O   . HOH C 3 .   ? 4.460   -6.666  -8.749  1.00 34.08 ? 350 HOH A O   1 
HETATM 596 O O   . HOH C 3 .   ? 13.574  -7.308  -2.416  1.00 29.96 ? 351 HOH A O   1 
HETATM 597 O O   . HOH C 3 .   ? -6.118  -5.521  7.930   1.00 17.84 ? 352 HOH A O   1 
HETATM 598 O O   . HOH C 3 .   ? 5.523   6.296   9.719   1.00 25.70 ? 353 HOH A O   1 
HETATM 599 O O   . HOH C 3 .   ? -12.256 5.841   -1.806  1.00 25.66 ? 354 HOH A O   1 
HETATM 600 O O   . HOH C 3 .   ? -16.515 2.579   2.935   1.00 25.23 ? 355 HOH A O   1 
HETATM 601 O O   . HOH C 3 .   ? 9.892   -3.829  4.801   1.00 19.10 ? 356 HOH A O   1 
HETATM 602 O O   . HOH C 3 .   ? -17.918 1.387   4.586   1.00 39.94 ? 357 HOH A O   1 
HETATM 603 O O   . HOH C 3 .   ? -9.599  4.774   9.676   1.00 24.61 ? 358 HOH A O   1 
HETATM 604 O O   . HOH C 3 .   ? -8.333  -7.569  1.499   1.00 18.37 ? 359 HOH A O   1 
HETATM 605 O O   . HOH C 3 .   ? 5.078   -10.113 8.264   1.00 42.49 ? 360 HOH A O   1 
HETATM 606 O O   . HOH C 3 .   ? -9.273  9.866   0.486   1.00 30.70 ? 361 HOH A O   1 
HETATM 607 O O   . HOH C 3 .   ? -10.422 0.704   -5.911  1.00 41.18 ? 362 HOH A O   1 
HETATM 608 O O   . HOH C 3 .   ? -6.788  -9.579  2.467   1.00 31.02 ? 363 HOH A O   1 
HETATM 609 O O   . HOH C 3 .   ? -4.932  8.513   0.212   1.00 21.80 ? 364 HOH A O   1 
HETATM 610 O O   . HOH C 3 .   ? -0.401  10.676  -5.051  1.00 35.08 ? 365 HOH A O   1 
HETATM 611 O O   . HOH C 3 .   ? -10.965 -0.755  11.827  1.00 33.54 ? 366 HOH A O   1 
HETATM 612 O O   . HOH C 3 .   ? 8.305   10.924  -6.795  1.00 18.02 ? 367 HOH A O   1 
HETATM 613 O O   . HOH C 3 .   ? -16.734 0.376   -0.499  1.00 20.85 ? 368 HOH A O   1 
HETATM 614 O O   . HOH C 3 .   ? 15.969  12.274  -0.623  1.00 41.32 ? 369 HOH A O   1 
HETATM 615 O O   . HOH C 3 .   ? 13.506  6.645   -7.846  1.00 28.03 ? 370 HOH A O   1 
HETATM 616 O O   . HOH C 3 .   ? 9.925   -7.359  4.940   1.00 23.86 ? 371 HOH A O   1 
HETATM 617 O O   . HOH C 3 .   ? 12.939  -15.019 -1.393  1.00 26.93 ? 372 HOH A O   1 
HETATM 618 O O   . HOH C 3 .   ? -2.631  6.891   8.603   1.00 35.13 ? 373 HOH A O   1 
HETATM 619 O O   . HOH C 3 .   ? -5.365  6.468   -5.298  1.00 34.28 ? 374 HOH A O   1 
HETATM 620 O O   . HOH C 3 .   ? -12.268 6.042   10.244  1.00 34.35 ? 375 HOH A O   1 
HETATM 621 O O   . HOH C 3 .   ? 0.570   -11.132 4.270   1.00 51.13 ? 376 HOH A O   1 
HETATM 622 O O   . HOH C 3 .   ? -14.067 1.951   -3.464  1.00 28.15 ? 377 HOH A O   1 
HETATM 623 O O   . HOH C 3 .   ? 13.930  -6.953  0.343   1.00 37.48 ? 378 HOH A O   1 
HETATM 624 O O   . HOH C 3 .   ? -6.983  9.811   -0.592  1.00 49.20 ? 379 HOH A O   1 
HETATM 625 O O   . HOH C 3 .   ? -11.739 8.745   -0.978  1.00 46.12 ? 380 HOH A O   1 
HETATM 626 O O   . HOH C 3 .   ? 2.475   3.856   9.806   1.00 34.98 ? 381 HOH A O   1 
HETATM 627 O O   . HOH C 3 .   ? 2.689   2.757   -13.034 1.00 41.94 ? 382 HOH A O   1 
HETATM 628 O O   . HOH C 3 .   ? 15.192  7.438   -5.848  1.00 30.78 ? 383 HOH A O   1 
HETATM 629 O O   . HOH C 3 .   ? -12.923 0.860   -5.555  1.00 43.08 ? 384 HOH A O   1 
HETATM 630 O O   . HOH C 3 .   ? -4.590  -7.001  9.730   1.00 23.29 ? 385 HOH A O   1 
HETATM 631 O O   . HOH C 3 .   ? 7.986   -9.614  5.556   1.00 29.00 ? 386 HOH A O   1 
HETATM 632 O O   . HOH C 3 .   ? 6.153   7.642   2.550   1.00 22.93 ? 387 HOH A O   1 
HETATM 633 O O   . HOH C 3 .   ? -2.707  -13.946 -2.048  1.00 41.01 ? 388 HOH A O   1 
HETATM 634 O O   . HOH C 3 .   ? 2.411   1.890   11.656  1.00 26.70 ? 389 HOH A O   1 
HETATM 635 O O   . HOH C 3 .   ? 8.389   10.833  0.247   1.00 25.26 ? 390 HOH A O   1 
HETATM 636 O O   . HOH C 3 .   ? 6.224   -3.148  12.444  1.00 17.19 ? 391 HOH A O   1 
HETATM 637 O O   . HOH C 3 .   ? 7.203   -8.827  8.647   1.00 46.03 ? 392 HOH A O   1 
HETATM 638 O O   . HOH C 3 .   ? -6.911  1.666   14.312  1.00 51.82 ? 393 HOH A O   1 
HETATM 639 O O   . HOH C 3 .   ? -8.521  -6.175  6.975   1.00 28.25 ? 394 HOH A O   1 
HETATM 640 O O   . HOH C 3 .   ? 13.759  -17.459 -0.409  1.00 53.57 ? 395 HOH A O   1 
HETATM 641 O O   . HOH C 3 .   ? 4.477   0.571   13.448  1.00 22.18 ? 396 HOH A O   1 
HETATM 642 O O   . HOH C 3 .   ? -1.693  -6.260  -8.436  1.00 24.26 ? 397 HOH A O   1 
HETATM 643 O O   . HOH C 3 .   ? 16.473  10.084  -6.503  1.00 31.52 ? 398 HOH A O   1 
HETATM 644 O O   . HOH C 3 .   ? 4.359   10.089  -0.544  1.00 35.92 ? 399 HOH A O   1 
HETATM 645 O O   . HOH C 3 .   ? -6.727  7.065   -3.580  1.00 43.02 ? 400 HOH A O   1 
HETATM 646 O O   . HOH C 3 .   ? 7.981   -6.944  10.198  1.00 35.55 ? 401 HOH A O   1 
HETATM 647 O O   . HOH C 3 .   ? -20.124 3.024   1.685   1.00 27.67 ? 402 HOH A O   1 
HETATM 648 O O   . HOH C 3 .   ? 8.075   -1.351  13.318  1.00 29.38 ? 403 HOH A O   1 
HETATM 649 O O   . HOH C 3 .   ? 6.434   10.060  4.111   1.00 34.79 ? 404 HOH A O   1 
HETATM 650 O O   . HOH C 3 .   ? -11.587 16.150  4.388   1.00 40.43 ? 405 HOH A O   1 
# 
loop_
_atom_site_anisotrop.id 
_atom_site_anisotrop.type_symbol 
_atom_site_anisotrop.pdbx_label_atom_id 
_atom_site_anisotrop.pdbx_label_alt_id 
_atom_site_anisotrop.pdbx_label_comp_id 
_atom_site_anisotrop.pdbx_label_asym_id 
_atom_site_anisotrop.pdbx_label_seq_id 
_atom_site_anisotrop.pdbx_PDB_ins_code 
_atom_site_anisotrop.U[1][1] 
_atom_site_anisotrop.U[2][2] 
_atom_site_anisotrop.U[3][3] 
_atom_site_anisotrop.U[1][2] 
_atom_site_anisotrop.U[1][3] 
_atom_site_anisotrop.U[2][3] 
_atom_site_anisotrop.pdbx_auth_seq_id 
_atom_site_anisotrop.pdbx_auth_comp_id 
_atom_site_anisotrop.pdbx_auth_asym_id 
_atom_site_anisotrop.pdbx_auth_atom_id 
1   N N   . GLU A 100 ? 0.7142 0.9122 0.7785 0.0468  0.0399  0.0221  58  GLU A N   
2   C CA  . GLU A 100 ? 0.6899 0.8750 0.7518 0.0415  0.0373  0.0225  58  GLU A CA  
3   C C   . GLU A 100 ? 0.6082 0.7766 0.6651 0.0484  0.0370  0.0158  58  GLU A C   
4   O O   . GLU A 100 ? 0.5872 0.7525 0.6445 0.0563  0.0372  0.0122  58  GLU A O   
5   C CB  . GLU A 100 ? 0.7083 0.8956 0.7779 0.0342  0.0330  0.0283  58  GLU A CB  
6   C CG  . GLU A 100 ? 0.7590 0.9453 0.8343 0.0388  0.0306  0.0275  58  GLU A CG  
7   C CD  . GLU A 100 ? 0.8067 1.0076 0.8870 0.0429  0.0320  0.0289  58  GLU A CD  
8   O OE1 . GLU A 100 ? 0.8014 1.0116 0.8886 0.0381  0.0295  0.0339  58  GLU A OE1 
9   O OE2 . GLU A 100 ? 0.8235 1.0264 0.9006 0.0508  0.0357  0.0247  58  GLU A OE2 
10  N N   . GLN A 101 ? 0.4746 0.6321 0.5263 0.0452  0.0362  0.0145  59  GLN A N   
11  C CA  . GLN A 101 ? 0.3449 0.4849 0.3902 0.0503  0.0354  0.0084  59  GLN A CA  
12  C C   . GLN A 101 ? 0.2446 0.3760 0.2941 0.0513  0.0313  0.0089  59  GLN A C   
13  O O   . GLN A 101 ? 0.3290 0.4633 0.3843 0.0450  0.0282  0.0138  59  GLN A O   
14  C CB  . GLN A 101 ? 0.2952 0.4218 0.3326 0.0436  0.0335  0.0076  59  GLN A CB  
15  C CG  . GLN A 101 ? 0.2601 0.3663 0.2894 0.0461  0.0317  0.0016  59  GLN A CG  
16  C CD  . GLN A 101 ? 0.2884 0.3848 0.3109 0.0396  0.0301  0.0014  59  GLN A CD  
17  O OE1 . GLN A 101 ? 0.2782 0.3830 0.3000 0.0353  0.0314  0.0045  59  GLN A OE1 
18  N NE2 . GLN A 101 ? 0.2008 0.2806 0.2187 0.0388  0.0272  -0.0016 59  GLN A NE2 
19  N N   . SER A 102 ? 0.1892 0.3092 0.2351 0.0590  0.0310  0.0037  60  SER A N   
20  C CA  . SER A 102 ? 0.2212 0.3357 0.2714 0.0612  0.0276  0.0047  60  SER A CA  
21  C C   . SER A 102 ? 0.2141 0.3072 0.2582 0.0580  0.0235  0.0028  60  SER A C   
22  O O   . SER A 102 ? 0.2313 0.3204 0.2787 0.0572  0.0200  0.0050  60  SER A O   
23  C CB  . SER A 102 ? 0.2667 0.3831 0.3181 0.0717  0.0292  0.0017  60  SER A CB  
24  O OG  . SER A 102 ? 0.3171 0.4190 0.3590 0.0772  0.0305  -0.0050 60  SER A OG  
25  N N   . GLU A 103 ? 0.1708 0.2511 0.2060 0.0560  0.0238  -0.0010 61  GLU A N   
26  C CA  . GLU A 103 ? 0.1791 0.2416 0.2092 0.0523  0.0202  -0.0024 61  GLU A CA  
27  C C   . GLU A 103 ? 0.1451 0.2021 0.1689 0.0463  0.0204  -0.0036 61  GLU A C   
28  O O   . GLU A 103 ? 0.1730 0.2364 0.1944 0.0468  0.0233  -0.0048 61  GLU A O   
29  C CB  . GLU A 103 ? 0.1951 0.2437 0.2202 0.0590  0.0193  -0.0067 61  GLU A CB  
30  C CG  . GLU A 103 ? 0.2053 0.2510 0.2240 0.0647  0.0225  -0.0125 61  GLU A CG  
31  C CD  . GLU A 103 ? 0.3472 0.3776 0.3609 0.0715  0.0211  -0.0168 61  GLU A CD  
32  O OE1 . GLU A 103 ? 0.3612 0.3869 0.3783 0.0732  0.0183  -0.0144 61  GLU A OE1 
33  O OE2 . GLU A 103 ? 0.3552 0.3778 0.3610 0.0752  0.0225  -0.0225 61  GLU A OE2 
34  N N   . PHE A 104 ? 0.1274 0.1736 0.1489 0.0408  0.0171  -0.0030 62  PHE A N   
35  C CA  . PHE A 104 ? 0.1307 0.1741 0.1486 0.0345  0.0166  -0.0026 62  PHE A CA  
36  C C   . PHE A 104 ? 0.1290 0.1577 0.1412 0.0323  0.0142  -0.0052 62  PHE A C   
37  O O   . PHE A 104 ? 0.1402 0.1614 0.1525 0.0331  0.0121  -0.0052 62  PHE A O   
38  C CB  . PHE A 104 ? 0.1402 0.1904 0.1636 0.0285  0.0151  0.0024  62  PHE A CB  
39  C CG  . PHE A 104 ? 0.1511 0.2168 0.1805 0.0289  0.0170  0.0059  62  PHE A CG  
40  C CD1 . PHE A 104 ? 0.1569 0.2303 0.1930 0.0316  0.0167  0.0079  62  PHE A CD1 
41  C CD2 . PHE A 104 ? 0.1657 0.2393 0.1946 0.0261  0.0189  0.0077  62  PHE A CD2 
42  C CE1 . PHE A 104 ? 0.2096 0.2994 0.2520 0.0314  0.0184  0.0115  62  PHE A CE1 
43  C CE2 . PHE A 104 ? 0.1997 0.2888 0.2343 0.0255  0.0207  0.0115  62  PHE A CE2 
44  C CZ  . PHE A 104 ? 0.2031 0.3007 0.2447 0.0281  0.0206  0.0134  62  PHE A CZ  
45  N N   . ASP A 105 ? 0.1392 0.1648 0.1463 0.0292  0.0144  -0.0067 63  ASP A N   
46  C CA  . ASP A 105 ? 0.1151 0.1303 0.1181 0.0254  0.0121  -0.0080 63  ASP A CA  
47  C C   . ASP A 105 ? 0.1316 0.1494 0.1368 0.0201  0.0106  -0.0048 63  ASP A C   
48  O O   . ASP A 105 ? 0.1471 0.1728 0.1547 0.0185  0.0115  -0.0023 63  ASP A O   
49  C CB  . ASP A 105 ? 0.1425 0.1529 0.1382 0.0256  0.0127  -0.0121 63  ASP A CB  
50  C CG  . ASP A 105 ? 0.2100 0.2145 0.2015 0.0312  0.0137  -0.0164 63  ASP A CG  
51  O OD1 . ASP A 105 ? 0.2053 0.2081 0.1997 0.0352  0.0136  -0.0162 63  ASP A OD1 
52  O OD2 . ASP A 105 ? 0.2672 0.2687 0.2524 0.0317  0.0144  -0.0202 63  ASP A OD2 
53  N N   . VAL A 106 ? 0.1252 0.1363 0.1295 0.0172  0.0084  -0.0048 64  VAL A N   
54  C CA  . VAL A 106 ? 0.0983 0.1106 0.1041 0.0131  0.0069  -0.0027 64  VAL A CA  
55  C C   . VAL A 106 ? 0.1157 0.1234 0.1170 0.0111  0.0062  -0.0047 64  VAL A C   
56  O O   . VAL A 106 ? 0.1339 0.1353 0.1329 0.0106  0.0052  -0.0063 64  VAL A O   
57  C CB  . VAL A 106 ? 0.1232 0.1339 0.1320 0.0118  0.0051  -0.0008 64  VAL A CB  
58  C CG1 . VAL A 106 ? 0.1472 0.1584 0.1566 0.0086  0.0038  0.0004  64  VAL A CG1 
59  C CG2 . VAL A 106 ? 0.1633 0.1797 0.1767 0.0135  0.0055  0.0013  64  VAL A CG2 
60  N N   . ILE A 107 ? 0.0855 0.0965 0.0856 0.0095  0.0063  -0.0041 65  ILE A N   
61  C CA  . ILE A 107 ? 0.1065 0.1154 0.1032 0.0075  0.0052  -0.0055 65  ILE A CA  
62  C C   . ILE A 107 ? 0.0907 0.1007 0.0899 0.0055  0.0038  -0.0035 65  ILE A C   
63  O O   . ILE A 107 ? 0.1013 0.1145 0.1028 0.0054  0.0037  -0.0011 65  ILE A O   
64  C CB  . ILE A 107 ? 0.1192 0.1316 0.1124 0.0078  0.0063  -0.0063 65  ILE A CB  
65  C CG1 . ILE A 107 ? 0.1952 0.2072 0.1856 0.0108  0.0083  -0.0090 65  ILE A CG1 
66  C CG2 . ILE A 107 ? 0.1555 0.1669 0.1456 0.0053  0.0047  -0.0074 65  ILE A CG2 
67  C CD1 . ILE A 107 ? 0.2561 0.2595 0.2432 0.0117  0.0076  -0.0124 65  ILE A CD1 
68  N N   . LEU A 108 ? 0.0918 0.0994 0.0904 0.0040  0.0027  -0.0045 66  LEU A N   
69  C CA  . LEU A 108 ? 0.0896 0.0994 0.0899 0.0030  0.0014  -0.0033 66  LEU A CA  
70  C C   . LEU A 108 ? 0.1084 0.1215 0.1070 0.0023  0.0009  -0.0033 66  LEU A C   
71  O O   . LEU A 108 ? 0.1064 0.1196 0.1026 0.0007  0.0004  -0.0049 66  LEU A O   
72  C CB  . LEU A 108 ? 0.0999 0.1084 0.1006 0.0018  0.0008  -0.0040 66  LEU A CB  
73  C CG  . LEU A 108 ? 0.1016 0.1138 0.1041 0.0017  0.0000  -0.0034 66  LEU A CG  
74  C CD1 . LEU A 108 ? 0.1274 0.1391 0.1320 0.0036  -0.0003 -0.0022 66  LEU A CD1 
75  C CD2 . LEU A 108 ? 0.1457 0.1587 0.1480 -0.0001 -0.0001 -0.0039 66  LEU A CD2 
76  N N   . GLU A 109 ? 0.0875 0.1033 0.0874 0.0031  0.0004  -0.0011 67  GLU A N   
77  C CA  . GLU A 109 ? 0.0831 0.1024 0.0811 0.0027  -0.0004 -0.0004 67  GLU A CA  
78  C C   . GLU A 109 ? 0.1116 0.1336 0.1113 0.0027  -0.0020 -0.0001 67  GLU A C   
79  O O   . GLU A 109 ? 0.1248 0.1505 0.1230 0.0015  -0.0030 -0.0006 67  GLU A O   
80  C CB  . GLU A 109 ? 0.1018 0.1227 0.0997 0.0034  -0.0004 0.0025  67  GLU A CB  
81  C CG  . GLU A 109 ? 0.1109 0.1324 0.1079 0.0034  0.0016  0.0027  67  GLU A CG  
82  C CD  . GLU A 109 ? 0.1242 0.1481 0.1162 0.0033  0.0026  0.0009  67  GLU A CD  
83  O OE1 . GLU A 109 ? 0.1425 0.1665 0.1320 0.0023  0.0015  -0.0010 67  GLU A OE1 
84  O OE2 . GLU A 109 ? 0.1072 0.1337 0.0979 0.0040  0.0045  0.0012  67  GLU A OE2 
85  N N   . ALA A 110 ? 0.1074 0.1285 0.1101 0.0043  -0.0024 0.0006  68  ALA A N   
86  C CA  . ALA A 110 ? 0.1023 0.1271 0.1072 0.0057  -0.0036 0.0008  68  ALA A CA  
87  C C   . ALA A 110 ? 0.1087 0.1312 0.1155 0.0071  -0.0033 -0.0002 68  ALA A C   
88  O O   . ALA A 110 ? 0.1286 0.1462 0.1354 0.0075  -0.0029 0.0001  68  ALA A O   
89  C CB  . ALA A 110 ? 0.1289 0.1548 0.1343 0.0078  -0.0053 0.0033  68  ALA A CB  
90  N N   . ALA A 111 ? 0.1129 0.1401 0.1213 0.0076  -0.0032 -0.0012 69  ALA A N   
91  C CA  . ALA A 111 ? 0.1301 0.1564 0.1394 0.0089  -0.0024 -0.0025 69  ALA A CA  
92  C C   . ALA A 111 ? 0.1514 0.1759 0.1618 0.0132  -0.0033 -0.0026 69  ALA A C   
93  O O   . ALA A 111 ? 0.1721 0.1928 0.1818 0.0143  -0.0031 -0.0040 69  ALA A O   
94  C CB  . ALA A 111 ? 0.1938 0.2272 0.2040 0.0073  -0.0017 -0.0033 69  ALA A CB  
95  N N   . GLY A 112 ? 0.1262 0.1526 0.1376 0.0157  -0.0047 -0.0014 70  GLY A N   
96  C CA  . GLY A 112 ? 0.1525 0.1758 0.1648 0.0205  -0.0060 -0.0017 70  GLY A CA  
97  C C   . GLY A 112 ? 0.1370 0.1674 0.1513 0.0242  -0.0051 -0.0038 70  GLY A C   
98  O O   . GLY A 112 ? 0.1758 0.2157 0.1916 0.0225  -0.0039 -0.0040 70  GLY A O   
99  N N   . ASP A 113 ? 0.1787 0.2044 0.1924 0.0292  -0.0059 -0.0055 71  ASP A N   
100 C CA  . ASP A 113 ? 0.1851 0.2179 0.2005 0.0346  -0.0051 -0.0077 71  ASP A CA  
101 C C   . ASP A 113 ? 0.2018 0.2386 0.2162 0.0339  -0.0026 -0.0107 71  ASP A C   
102 O O   . ASP A 113 ? 0.2085 0.2546 0.2245 0.0376  -0.0011 -0.0124 71  ASP A O   
103 C CB  . ASP A 113 ? 0.2979 0.3226 0.3125 0.0413  -0.0072 -0.0089 71  ASP A CB  
104 C CG  . ASP A 113 ? 0.5329 0.5580 0.5498 0.0439  -0.0096 -0.0057 71  ASP A CG  
105 O OD1 . ASP A 113 ? 0.6086 0.6432 0.6280 0.0413  -0.0093 -0.0033 71  ASP A OD1 
106 O OD2 . ASP A 113 ? 0.6094 0.6244 0.6247 0.0484  -0.0121 -0.0055 71  ASP A OD2 
107 N N   . LYS A 114 ? 0.1521 0.1831 0.1636 0.0293  -0.0021 -0.0109 72  LYS A N   
108 C CA  . LYS A 114 ? 0.1497 0.1833 0.1592 0.0284  -0.0003 -0.0132 72  LYS A CA  
109 C C   . LYS A 114 ? 0.1486 0.1854 0.1580 0.0219  0.0009  -0.0112 72  LYS A C   
110 O O   . LYS A 114 ? 0.1437 0.1741 0.1506 0.0188  0.0007  -0.0110 72  LYS A O   
111 C CB  . LYS A 114 ? 0.1575 0.1797 0.1628 0.0297  -0.0015 -0.0156 72  LYS A CB  
112 C CG  . LYS A 114 ? 0.1924 0.2101 0.1966 0.0367  -0.0027 -0.0186 72  LYS A CG  
113 C CD  . LYS A 114 ? 0.2361 0.2425 0.2351 0.0372  -0.0041 -0.0216 72  LYS A CD  
114 C CE  . LYS A 114 ? 0.2878 0.2821 0.2860 0.0336  -0.0070 -0.0193 72  LYS A CE  
115 N NZ  . LYS A 114 ? 0.3320 0.3160 0.3255 0.0326  -0.0090 -0.0218 72  LYS A NZ  
116 N N   . LYS A 115 ? 0.1414 0.1881 0.1536 0.0198  0.0017  -0.0096 73  LYS A N   
117 C CA  . LYS A 115 ? 0.1286 0.1765 0.1403 0.0135  0.0021  -0.0077 73  LYS A CA  
118 C C   . LYS A 115 ? 0.1693 0.2175 0.1784 0.0109  0.0035  -0.0080 73  LYS A C   
119 O O   . LYS A 115 ? 0.1548 0.1971 0.1620 0.0070  0.0031  -0.0068 73  LYS A O   
120 C CB  . LYS A 115 ? 0.2121 0.2707 0.2269 0.0115  0.0022  -0.0061 73  LYS A CB  
121 C CG  . LYS A 115 ? 0.2897 0.3448 0.3040 0.0072  0.0009  -0.0044 73  LYS A CG  
122 C CD  . LYS A 115 ? 0.2153 0.2813 0.2323 0.0043  0.0005  -0.0031 73  LYS A CD  
123 C CE  . LYS A 115 ? 0.2196 0.2830 0.2361 0.0026  -0.0013 -0.0022 73  LYS A CE  
124 N NZ  . LYS A 115 ? 0.2303 0.3044 0.2490 -0.0013 -0.0022 -0.0009 73  LYS A NZ  
125 N N   . ILE A 116 ? 0.1574 0.2126 0.1661 0.0135  0.0050  -0.0095 74  ILE A N   
126 C CA  . ILE A 116 ? 0.1767 0.2334 0.1824 0.0109  0.0063  -0.0095 74  ILE A CA  
127 C C   . ILE A 116 ? 0.1567 0.2016 0.1588 0.0109  0.0050  -0.0103 74  ILE A C   
128 O O   . ILE A 116 ? 0.1842 0.2263 0.1842 0.0069  0.0048  -0.0087 74  ILE A O   
129 C CB  . ILE A 116 ? 0.2631 0.3306 0.2685 0.0145  0.0085  -0.0114 74  ILE A CB  
130 C CG1 . ILE A 116 ? 0.3209 0.4030 0.3307 0.0131  0.0098  -0.0096 74  ILE A CG1 
131 C CG2 . ILE A 116 ? 0.3235 0.3915 0.3243 0.0122  0.0095  -0.0115 74  ILE A CG2 
132 C CD1 . ILE A 116 ? 0.3711 0.4661 0.3822 0.0185  0.0122  -0.0117 74  ILE A CD1 
133 N N   . GLY A 117 ? 0.1594 0.1974 0.1609 0.0150  0.0037  -0.0126 75  GLY A N   
134 C CA  . GLY A 117 ? 0.1481 0.1759 0.1468 0.0142  0.0021  -0.0130 75  GLY A CA  
135 C C   . GLY A 117 ? 0.1274 0.1501 0.1274 0.0104  0.0011  -0.0103 75  GLY A C   
136 O O   . GLY A 117 ? 0.1575 0.1761 0.1560 0.0082  0.0003  -0.0094 75  GLY A O   
137 N N   . VAL A 118 ? 0.1174 0.1410 0.1202 0.0100  0.0010  -0.0088 76  VAL A N   
138 C CA  . VAL A 118 ? 0.1015 0.1207 0.1049 0.0071  0.0003  -0.0069 76  VAL A CA  
139 C C   . VAL A 118 ? 0.1382 0.1587 0.1406 0.0035  0.0010  -0.0054 76  VAL A C   
140 O O   . VAL A 118 ? 0.1288 0.1444 0.1305 0.0019  0.0004  -0.0044 76  VAL A O   
141 C CB  . VAL A 118 ? 0.1104 0.1307 0.1162 0.0077  0.0000  -0.0061 76  VAL A CB  
142 C CG1 . VAL A 118 ? 0.1090 0.1263 0.1146 0.0050  -0.0002 -0.0047 76  VAL A CG1 
143 C CG2 . VAL A 118 ? 0.1564 0.1726 0.1625 0.0109  -0.0013 -0.0066 76  VAL A CG2 
144 N N   . ILE A 119 ? 0.1312 0.1587 0.1337 0.0019  0.0021  -0.0051 77  ILE A N   
145 C CA  . ILE A 119 ? 0.1235 0.1510 0.1242 -0.0023 0.0022  -0.0031 77  ILE A CA  
146 C C   . ILE A 119 ? 0.1177 0.1417 0.1158 -0.0025 0.0019  -0.0026 77  ILE A C   
147 O O   . ILE A 119 ? 0.1266 0.1453 0.1234 -0.0045 0.0010  -0.0008 77  ILE A O   
148 C CB  . ILE A 119 ? 0.1128 0.1500 0.1143 -0.0046 0.0033  -0.0021 77  ILE A CB  
149 C CG1 . ILE A 119 ? 0.1547 0.1953 0.1587 -0.0055 0.0029  -0.0021 77  ILE A CG1 
150 C CG2 . ILE A 119 ? 0.1625 0.1989 0.1615 -0.0096 0.0032  0.0005  77  ILE A CG2 
151 C CD1 . ILE A 119 ? 0.1818 0.2348 0.1879 -0.0075 0.0039  -0.0011 77  ILE A CD1 
152 N N   . LYS A 120 ? 0.1367 0.1630 0.1335 0.0000  0.0022  -0.0044 78  LYS A N   
153 C CA  . LYS A 120 ? 0.1254 0.1488 0.1192 -0.0003 0.0014  -0.0041 78  LYS A CA  
154 C C   . LYS A 120 ? 0.1383 0.1540 0.1330 0.0000  -0.0003 -0.0035 78  LYS A C   
155 O O   . LYS A 120 ? 0.1512 0.1642 0.1446 -0.0016 -0.0013 -0.0016 78  LYS A O   
156 C CB  . LYS A 120 ? 0.1722 0.1988 0.1635 0.0026  0.0019  -0.0071 78  LYS A CB  
157 C CG  . LYS A 120 ? 0.2029 0.2394 0.1935 0.0031  0.0042  -0.0078 78  LYS A CG  
158 C CD  . LYS A 120 ? 0.2735 0.3122 0.2609 0.0072  0.0047  -0.0117 78  LYS A CD  
159 C CE  . LYS A 120 ? 0.3599 0.4109 0.3468 0.0085  0.0075  -0.0126 78  LYS A CE  
160 N NZ  . LYS A 120 ? 0.4297 0.4821 0.4128 0.0138  0.0083  -0.0174 78  LYS A NZ  
161 N N   . VAL A 121 ? 0.1208 0.1338 0.1177 0.0020  -0.0008 -0.0049 79  VAL A N   
162 C CA  . VAL A 121 ? 0.1241 0.1321 0.1225 0.0021  -0.0022 -0.0040 79  VAL A CA  
163 C C   . VAL A 121 ? 0.1149 0.1210 0.1145 0.0008  -0.0020 -0.0018 79  VAL A C   
164 O O   . VAL A 121 ? 0.1345 0.1383 0.1346 0.0007  -0.0030 -0.0004 79  VAL A O   
165 C CB  . VAL A 121 ? 0.1417 0.1475 0.1420 0.0039  -0.0028 -0.0051 79  VAL A CB  
166 C CG1 . VAL A 121 ? 0.1669 0.1700 0.1693 0.0033  -0.0038 -0.0035 79  VAL A CG1 
167 C CG2 . VAL A 121 ? 0.1814 0.1862 0.1796 0.0056  -0.0037 -0.0076 79  VAL A CG2 
168 N N   . VAL A 122 ? 0.1201 0.1273 0.1201 0.0000  -0.0010 -0.0018 80  VAL A N   
169 C CA  . VAL A 122 ? 0.1158 0.1196 0.1157 -0.0010 -0.0010 -0.0007 80  VAL A CA  
170 C C   . VAL A 122 ? 0.1204 0.1218 0.1182 -0.0025 -0.0018 0.0013  80  VAL A C   
171 O O   . VAL A 122 ? 0.1279 0.1248 0.1259 -0.0018 -0.0025 0.0024  80  VAL A O   
172 C CB  . VAL A 122 ? 0.1254 0.1307 0.1252 -0.0024 -0.0003 -0.0012 80  VAL A CB  
173 C CG1 . VAL A 122 ? 0.2262 0.2267 0.2241 -0.0044 -0.0009 -0.0004 80  VAL A CG1 
174 C CG2 . VAL A 122 ? 0.1430 0.1494 0.1447 -0.0006 -0.0001 -0.0023 80  VAL A CG2 
175 N N   . ARG A 123 ? 0.1306 0.1353 0.1264 -0.0044 -0.0016 0.0020  81  ARG A N   
176 C CA  . ARG A 123 ? 0.1367 0.1392 0.1298 -0.0064 -0.0025 0.0046  81  ARG A CA  
177 C C   . ARG A 123 ? 0.1378 0.1388 0.1309 -0.0047 -0.0039 0.0055  81  ARG A C   
178 O O   . ARG A 123 ? 0.1799 0.1770 0.1720 -0.0050 -0.0053 0.0080  81  ARG A O   
179 C CB  . ARG A 123 ? 0.1050 0.1137 0.0958 -0.0091 -0.0017 0.0054  81  ARG A CB  
180 C CG  . ARG A 123 ? 0.1241 0.1337 0.1147 -0.0125 -0.0011 0.0064  81  ARG A CG  
181 C CD  . ARG A 123 ? 0.1241 0.1435 0.1141 -0.0148 0.0003  0.0068  81  ARG A CD  
182 N NE  . ARG A 123 ? 0.1185 0.1410 0.1051 -0.0165 0.0004  0.0091  81  ARG A NE  
183 C CZ  . ARG A 123 ? 0.1464 0.1653 0.1301 -0.0204 -0.0009 0.0131  81  ARG A CZ  
184 N NH1 . ARG A 123 ? 0.1364 0.1465 0.1201 -0.0226 -0.0025 0.0148  81  ARG A NH1 
185 N NH2 . ARG A 123 ? 0.1170 0.1404 0.0972 -0.0220 -0.0007 0.0154  81  ARG A NH2 
186 N N   . GLU A 124 ? 0.1463 0.1498 0.1405 -0.0030 -0.0040 0.0036  82  GLU A N   
187 C CA  . GLU A 124 ? 0.1705 0.1734 0.1650 -0.0020 -0.0058 0.0044  82  GLU A CA  
188 C C   . GLU A 124 ? 0.1717 0.1720 0.1698 -0.0001 -0.0064 0.0054  82  GLU A C   
189 O O   . GLU A 124 ? 0.2159 0.2156 0.2148 0.0006  -0.0080 0.0075  82  GLU A O   
190 C CB  . GLU A 124 ? 0.1799 0.1852 0.1741 -0.0013 -0.0062 0.0019  82  GLU A CB  
191 C CG  . GLU A 124 ? 0.2954 0.3011 0.2889 -0.0015 -0.0087 0.0025  82  GLU A CG  
192 C CD  . GLU A 124 ? 0.4070 0.4119 0.4050 -0.0008 -0.0098 0.0031  82  GLU A CD  
193 O OE1 . GLU A 124 ? 0.4232 0.4273 0.4236 -0.0001 -0.0089 0.0018  82  GLU A OE1 
194 O OE2 . GLU A 124 ? 0.4096 0.4155 0.4090 -0.0008 -0.0117 0.0053  82  GLU A OE2 
195 N N   . ILE A 125 ? 0.1516 0.1513 0.1521 0.0009  -0.0051 0.0040  83  ILE A N   
196 C CA  . ILE A 125 ? 0.1511 0.1500 0.1549 0.0031  -0.0051 0.0045  83  ILE A CA  
197 C C   . ILE A 125 ? 0.1788 0.1731 0.1816 0.0043  -0.0051 0.0057  83  ILE A C   
198 O O   . ILE A 125 ? 0.2109 0.2047 0.2157 0.0068  -0.0059 0.0071  83  ILE A O   
199 C CB  . ILE A 125 ? 0.1588 0.1589 0.1644 0.0037  -0.0036 0.0027  83  ILE A CB  
200 C CG1 . ILE A 125 ? 0.1699 0.1724 0.1765 0.0030  -0.0043 0.0020  83  ILE A CG1 
201 C CG2 . ILE A 125 ? 0.1883 0.1884 0.1962 0.0060  -0.0028 0.0030  83  ILE A CG2 
202 C CD1 . ILE A 125 ? 0.1614 0.1642 0.1686 0.0032  -0.0031 0.0009  83  ILE A CD1 
203 N N   . VAL A 126 ? 0.1545 0.1450 0.1542 0.0025  -0.0046 0.0053  84  VAL A N   
204 C CA  . VAL A 126 ? 0.1832 0.1669 0.1812 0.0032  -0.0050 0.0058  84  VAL A CA  
205 C C   . VAL A 126 ? 0.1786 0.1587 0.1736 0.0014  -0.0067 0.0088  84  VAL A C   
206 O O   . VAL A 126 ? 0.2030 0.1832 0.1954 -0.0025 -0.0068 0.0096  84  VAL A O   
207 C CB  . VAL A 126 ? 0.1760 0.1573 0.1721 0.0015  -0.0040 0.0038  84  VAL A CB  
208 C CG1 . VAL A 126 ? 0.1915 0.1633 0.1846 0.0022  -0.0049 0.0037  84  VAL A CG1 
209 C CG2 . VAL A 126 ? 0.1956 0.1812 0.1941 0.0031  -0.0024 0.0014  84  VAL A CG2 
210 N N   . SER A 127 ? 0.2221 0.1996 0.2179 0.0041  -0.0083 0.0109  85  SER A N   
211 C CA  . SER A 127 ? 0.2478 0.2213 0.2405 0.0026  -0.0104 0.0146  85  SER A CA  
212 C C   . SER A 127 ? 0.2468 0.2116 0.2353 -0.0002 -0.0110 0.0153  85  SER A C   
213 O O   . SER A 127 ? 0.2675 0.2253 0.2554 0.0017  -0.0109 0.0135  85  SER A O   
214 C CB  . SER A 127 ? 0.3490 0.3210 0.3440 0.0072  -0.0122 0.0167  85  SER A CB  
215 O OG  . SER A 127 ? 0.4956 0.4763 0.4934 0.0077  -0.0128 0.0174  85  SER A OG  
216 N N   . GLY A 128 ? 0.2020 0.1678 0.1871 -0.0052 -0.0116 0.0180  86  GLY A N   
217 C CA  . GLY A 128 ? 0.2050 0.1628 0.1860 -0.0093 -0.0128 0.0200  86  GLY A CA  
218 C C   . GLY A 128 ? 0.2045 0.1636 0.1852 -0.0129 -0.0113 0.0174  86  GLY A C   
219 O O   . GLY A 128 ? 0.2039 0.1560 0.1811 -0.0172 -0.0126 0.0189  86  GLY A O   
220 N N   . LEU A 129 ? 0.1529 0.1204 0.1368 -0.0117 -0.0090 0.0139  87  LEU A N   
221 C CA  . LEU A 129 ? 0.1280 0.0981 0.1118 -0.0148 -0.0078 0.0117  87  LEU A CA  
222 C C   . LEU A 129 ? 0.1387 0.1165 0.1215 -0.0202 -0.0073 0.0140  87  LEU A C   
223 O O   . LEU A 129 ? 0.1579 0.1446 0.1417 -0.0195 -0.0061 0.0142  87  LEU A O   
224 C CB  . LEU A 129 ? 0.1724 0.1486 0.1598 -0.0113 -0.0059 0.0078  87  LEU A CB  
225 C CG  . LEU A 129 ? 0.2011 0.1797 0.1888 -0.0135 -0.0051 0.0055  87  LEU A CG  
226 C CD1 . LEU A 129 ? 0.2135 0.1818 0.1982 -0.0144 -0.0065 0.0045  87  LEU A CD1 
227 C CD2 . LEU A 129 ? 0.2373 0.2222 0.2285 -0.0099 -0.0035 0.0028  87  LEU A CD2 
228 N N   . GLY A 130 ? 0.1515 0.1262 0.1319 -0.0257 -0.0084 0.0156  88  GLY A N   
229 C CA  . GLY A 130 ? 0.1453 0.1288 0.1249 -0.0314 -0.0078 0.0185  88  GLY A CA  
230 C C   . GLY A 130 ? 0.1390 0.1357 0.1222 -0.0310 -0.0053 0.0158  88  GLY A C   
231 O O   . GLY A 130 ? 0.1419 0.1395 0.1277 -0.0273 -0.0045 0.0121  88  GLY A O   
232 N N   . LEU A 131 ? 0.1107 0.1184 0.0940 -0.0347 -0.0040 0.0181  89  LEU A N   
233 C CA  . LEU A 131 ? 0.1030 0.1244 0.0900 -0.0331 -0.0016 0.0157  89  LEU A CA  
234 C C   . LEU A 131 ? 0.1274 0.1505 0.1168 -0.0351 -0.0020 0.0141  89  LEU A C   
235 O O   . LEU A 131 ? 0.1117 0.1383 0.1040 -0.0308 -0.0010 0.0106  89  LEU A O   
236 C CB  . LEU A 131 ? 0.1254 0.1597 0.1118 -0.0361 0.0002  0.0183  89  LEU A CB  
237 C CG  . LEU A 131 ? 0.1218 0.1708 0.1118 -0.0331 0.0029  0.0156  89  LEU A CG  
238 C CD1 . LEU A 131 ? 0.1725 0.2197 0.1637 -0.0254 0.0038  0.0112  89  LEU A CD1 
239 C CD2 . LEU A 131 ? 0.1558 0.2184 0.1448 -0.0359 0.0050  0.0183  89  LEU A CD2 
240 N N   . LYS A 132 ? 0.1240 0.1447 0.1118 -0.0420 -0.0038 0.0168  90  LYS A N   
241 C CA  . LYS A 132 ? 0.1097 0.1317 0.0990 -0.0446 -0.0048 0.0153  90  LYS A CA  
242 C C   . LYS A 132 ? 0.1425 0.1531 0.1310 -0.0402 -0.0059 0.0113  90  LYS A C   
243 O O   . LYS A 132 ? 0.1202 0.1353 0.1112 -0.0383 -0.0055 0.0086  90  LYS A O   
244 C CB  . LYS A 132 ? 0.1279 0.1472 0.1148 -0.0539 -0.0072 0.0190  90  LYS A CB  
245 C CG  . LYS A 132 ? 0.1767 0.1950 0.1642 -0.0574 -0.0092 0.0171  90  LYS A CG  
246 C CD  . LYS A 132 ? 0.1906 0.2066 0.1755 -0.0677 -0.0122 0.0210  90  LYS A CD  
247 C CE  . LYS A 132 ? 0.3048 0.3138 0.2879 -0.0710 -0.0152 0.0183  90  LYS A CE  
248 N NZ  . LYS A 132 ? 0.3472 0.3701 0.3354 -0.0682 -0.0140 0.0154  90  LYS A NZ  
249 N N   . GLU A 133 ? 0.1608 0.1575 0.1460 -0.0382 -0.0071 0.0112  91  GLU A N   
250 C CA  . GLU A 133 ? 0.1380 0.1254 0.1222 -0.0335 -0.0076 0.0074  91  GLU A CA  
251 C C   . GLU A 133 ? 0.1179 0.1129 0.1061 -0.0271 -0.0053 0.0048  91  GLU A C   
252 O O   . GLU A 133 ? 0.1330 0.1274 0.1218 -0.0248 -0.0051 0.0019  91  GLU A O   
253 C CB  . GLU A 133 ? 0.1672 0.1409 0.1481 -0.0311 -0.0089 0.0080  91  GLU A CB  
254 C CG  . GLU A 133 ? 0.2343 0.1957 0.2102 -0.0366 -0.0119 0.0099  91  GLU A CG  
255 C CD  . GLU A 133 ? 0.4882 0.4370 0.4612 -0.0337 -0.0134 0.0116  91  GLU A CD  
256 O OE1 . GLU A 133 ? 0.5281 0.4630 0.4965 -0.0361 -0.0162 0.0123  91  GLU A OE1 
257 O OE2 . GLU A 133 ? 0.4381 0.3906 0.4133 -0.0290 -0.0119 0.0124  91  GLU A OE2 
258 N N   . ALA A 134 ? 0.1182 0.1193 0.1084 -0.0244 -0.0037 0.0057  92  ALA A N   
259 C CA  . ALA A 134 ? 0.0984 0.1046 0.0915 -0.0189 -0.0021 0.0033  92  ALA A CA  
260 C C   . ALA A 134 ? 0.1125 0.1289 0.1086 -0.0191 -0.0013 0.0023  92  ALA A C   
261 O O   . ALA A 134 ? 0.1051 0.1221 0.1028 -0.0157 -0.0010 0.0002  92  ALA A O   
262 C CB  . ALA A 134 ? 0.1293 0.1385 0.1229 -0.0166 -0.0012 0.0043  92  ALA A CB  
263 N N   . LYS A 135 ? 0.1058 0.1309 0.1027 -0.0229 -0.0010 0.0040  93  LYS A N   
264 C CA  A LYS A 135 ? 0.1044 0.1406 0.1048 -0.0227 -0.0004 0.0032  93  LYS A CA  
265 C CA  B LYS A 135 ? 0.1034 0.1396 0.1037 -0.0228 -0.0005 0.0032  93  LYS A CA  
266 C C   . LYS A 135 ? 0.1038 0.1367 0.1037 -0.0244 -0.0022 0.0021  93  LYS A C   
267 O O   . LYS A 135 ? 0.1234 0.1611 0.1257 -0.0215 -0.0020 0.0006  93  LYS A O   
268 C CB  A LYS A 135 ? 0.1134 0.1613 0.1152 -0.0271 0.0002  0.0057  93  LYS A CB  
269 C CB  B LYS A 135 ? 0.1125 0.1604 0.1143 -0.0273 0.0001  0.0059  93  LYS A CB  
270 C CG  A LYS A 135 ? 0.1317 0.1936 0.1381 -0.0261 0.0009  0.0053  93  LYS A CG  
271 C CG  B LYS A 135 ? 0.1303 0.1847 0.1323 -0.0249 0.0024  0.0064  93  LYS A CG  
272 C CD  A LYS A 135 ? 0.1887 0.2639 0.1969 -0.0314 0.0016  0.0083  93  LYS A CD  
273 C CD  B LYS A 135 ? 0.1835 0.2515 0.1869 -0.0295 0.0034  0.0092  93  LYS A CD  
274 C CE  A LYS A 135 ? 0.2607 0.3488 0.2738 -0.0325 0.0009  0.0085  93  LYS A CE  
275 C CE  B LYS A 135 ? 0.2691 0.3441 0.2714 -0.0268 0.0058  0.0094  93  LYS A CE  
276 N NZ  A LYS A 135 ? 0.3898 0.4916 0.4050 -0.0393 0.0012  0.0121  93  LYS A NZ  
277 N NZ  B LYS A 135 ? 0.2750 0.3644 0.2783 -0.0318 0.0073  0.0128  93  LYS A NZ  
278 N N   . ASP A 136 ? 0.1151 0.1393 0.1115 -0.0292 -0.0040 0.0026  94  ASP A N   
279 C CA  . ASP A 136 ? 0.1233 0.1436 0.1179 -0.0312 -0.0059 0.0009  94  ASP A CA  
280 C C   . ASP A 136 ? 0.1202 0.1342 0.1137 -0.0255 -0.0054 -0.0020 94  ASP A C   
281 O O   . ASP A 136 ? 0.1214 0.1375 0.1147 -0.0249 -0.0060 -0.0036 94  ASP A O   
282 C CB  . ASP A 136 ? 0.1227 0.1329 0.1125 -0.0374 -0.0083 0.0016  94  ASP A CB  
283 C CG  . ASP A 136 ? 0.1737 0.1919 0.1647 -0.0449 -0.0093 0.0051  94  ASP A CG  
284 O OD1 . ASP A 136 ? 0.1983 0.2316 0.1941 -0.0448 -0.0078 0.0064  94  ASP A OD1 
285 O OD2 . ASP A 136 ? 0.2054 0.2146 0.1924 -0.0509 -0.0116 0.0066  94  ASP A OD2 
286 N N   . LEU A 137 ? 0.1205 0.1274 0.1132 -0.0216 -0.0044 -0.0022 95  LEU A N   
287 C CA  . LEU A 137 ? 0.0906 0.0937 0.0830 -0.0166 -0.0036 -0.0043 95  LEU A CA  
288 C C   . LEU A 137 ? 0.1136 0.1258 0.1097 -0.0133 -0.0026 -0.0044 95  LEU A C   
289 O O   . LEU A 137 ? 0.1408 0.1535 0.1366 -0.0117 -0.0027 -0.0055 95  LEU A O   
290 C CB  . LEU A 137 ? 0.1565 0.1532 0.1485 -0.0135 -0.0028 -0.0038 95  LEU A CB  
291 C CG  . LEU A 137 ? 0.1524 0.1444 0.1439 -0.0090 -0.0021 -0.0054 95  LEU A CG  
292 C CD1 . LEU A 137 ? 0.2226 0.2073 0.2130 -0.0073 -0.0023 -0.0047 95  LEU A CD1 
293 C CD2 . LEU A 137 ? 0.2037 0.2023 0.1988 -0.0056 -0.0009 -0.0052 95  LEU A CD2 
294 N N   . VAL A 138 ? 0.0945 0.1130 0.0937 -0.0122 -0.0017 -0.0031 96  VAL A N   
295 C CA  . VAL A 138 ? 0.1033 0.1283 0.1057 -0.0085 -0.0011 -0.0033 96  VAL A CA  
296 C C   . VAL A 138 ? 0.1319 0.1643 0.1355 -0.0098 -0.0021 -0.0032 96  VAL A C   
297 O O   . VAL A 138 ? 0.1296 0.1634 0.1339 -0.0072 -0.0025 -0.0035 96  VAL A O   
298 C CB  . VAL A 138 ? 0.1142 0.1432 0.1184 -0.0065 -0.0001 -0.0029 96  VAL A CB  
299 C CG1 . VAL A 138 ? 0.1588 0.1933 0.1657 -0.0022 0.0002  -0.0034 96  VAL A CG1 
300 C CG2 . VAL A 138 ? 0.1455 0.1672 0.1483 -0.0051 0.0003  -0.0029 96  VAL A CG2 
301 N N   . ASP A 139 ? 0.0839 0.1217 0.0879 -0.0143 -0.0027 -0.0023 97  ASP A N   
302 C CA  . ASP A 139 ? 0.1128 0.1595 0.1186 -0.0160 -0.0040 -0.0020 97  ASP A CA  
303 C C   . ASP A 139 ? 0.1225 0.1640 0.1248 -0.0178 -0.0057 -0.0032 97  ASP A C   
304 O O   . ASP A 139 ? 0.1169 0.1651 0.1203 -0.0178 -0.0070 -0.0030 97  ASP A O   
305 C CB  . ASP A 139 ? 0.0834 0.1382 0.0907 -0.0216 -0.0046 -0.0003 97  ASP A CB  
306 C CG  . ASP A 139 ? 0.1726 0.2384 0.1841 -0.0192 -0.0027 0.0009  97  ASP A CG  
307 O OD1 . ASP A 139 ? 0.1629 0.2311 0.1767 -0.0129 -0.0016 0.0000  97  ASP A OD1 
308 O OD2 . ASP A 139 ? 0.1549 0.2270 0.1672 -0.0238 -0.0024 0.0026  97  ASP A OD2 
309 N N   . GLY A 140 ? 0.1012 0.1314 0.0989 -0.0190 -0.0059 -0.0046 98  GLY A N   
310 C CA  . GLY A 140 ? 0.1232 0.1480 0.1164 -0.0200 -0.0071 -0.0066 98  GLY A CA  
311 C C   . GLY A 140 ? 0.1256 0.1477 0.1177 -0.0152 -0.0060 -0.0076 98  GLY A C   
312 O O   . GLY A 140 ? 0.1318 0.1500 0.1194 -0.0156 -0.0067 -0.0094 98  GLY A O   
313 N N   . ALA A 141 ? 0.1062 0.1304 0.1018 -0.0108 -0.0045 -0.0062 99  ALA A N   
314 C CA  . ALA A 141 ? 0.0876 0.1092 0.0825 -0.0071 -0.0036 -0.0063 99  ALA A CA  
315 C C   . ALA A 141 ? 0.1087 0.1343 0.1015 -0.0071 -0.0047 -0.0062 99  ALA A C   
316 O O   . ALA A 141 ? 0.1430 0.1758 0.1377 -0.0082 -0.0061 -0.0052 99  ALA A O   
317 C CB  . ALA A 141 ? 0.1189 0.1425 0.1180 -0.0035 -0.0026 -0.0045 99  ALA A CB  
318 N N   . PRO A 142 ? 0.0945 0.1170 0.0841 -0.0057 -0.0038 -0.0069 100 PRO A N   
319 C CA  . PRO A 142 ? 0.1074 0.1239 0.0958 -0.0036 -0.0019 -0.0078 100 PRO A CA  
320 C C   . PRO A 142 ? 0.1267 0.1360 0.1122 -0.0049 -0.0017 -0.0105 100 PRO A C   
321 O O   . PRO A 142 ? 0.1551 0.1618 0.1362 -0.0075 -0.0030 -0.0128 100 PRO A O   
322 C CB  . PRO A 142 ? 0.1649 0.1832 0.1499 -0.0022 -0.0012 -0.0079 100 PRO A CB  
323 C CG  . PRO A 142 ? 0.1828 0.2078 0.1686 -0.0029 -0.0029 -0.0058 100 PRO A CG  
324 C CD  . PRO A 142 ? 0.1146 0.1418 0.1019 -0.0056 -0.0048 -0.0063 100 PRO A CD  
325 N N   . LYS A 143 ? 0.1238 0.1288 0.1111 -0.0032 -0.0006 -0.0102 101 LYS A N   
326 C CA  . LYS A 143 ? 0.1431 0.1401 0.1280 -0.0036 -0.0007 -0.0120 101 LYS A CA  
327 C C   . LYS A 143 ? 0.1408 0.1356 0.1275 0.0002  0.0010  -0.0115 101 LYS A C   
328 O O   . LYS A 143 ? 0.1253 0.1243 0.1162 0.0015  0.0017  -0.0091 101 LYS A O   
329 C CB  . LYS A 143 ? 0.1462 0.1419 0.1323 -0.0071 -0.0020 -0.0109 101 LYS A CB  
330 C CG  . LYS A 143 ? 0.1685 0.1655 0.1523 -0.0120 -0.0040 -0.0117 101 LYS A CG  
331 C CD  . LYS A 143 ? 0.1691 0.1569 0.1465 -0.0136 -0.0054 -0.0148 101 LYS A CD  
332 C CE  . LYS A 143 ? 0.1708 0.1609 0.1455 -0.0191 -0.0079 -0.0156 101 LYS A CE  
333 N NZ  . LYS A 143 ? 0.2075 0.2062 0.1824 -0.0181 -0.0079 -0.0158 101 LYS A NZ  
334 N N   . PRO A 144 ? 0.1432 0.1312 0.1269 0.0021  0.0014  -0.0137 102 PRO A N   
335 C CA  . PRO A 144 ? 0.1543 0.1413 0.1407 0.0059  0.0027  -0.0127 102 PRO A CA  
336 C C   . PRO A 144 ? 0.1422 0.1271 0.1314 0.0046  0.0016  -0.0104 102 PRO A C   
337 O O   . PRO A 144 ? 0.1724 0.1531 0.1598 0.0013  0.0001  -0.0103 102 PRO A O   
338 C CB  . PRO A 144 ? 0.1983 0.1782 0.1803 0.0089  0.0031  -0.0160 102 PRO A CB  
339 C CG  . PRO A 144 ? 0.2762 0.2494 0.2526 0.0052  0.0011  -0.0184 102 PRO A CG  
340 C CD  . PRO A 144 ? 0.1855 0.1661 0.1629 0.0012  0.0004  -0.0172 102 PRO A CD  
341 N N   A LEU A 145 ? 0.1405 0.1294 0.1341 0.0065  0.0023  -0.0083 103 LEU A N   
342 N N   B LEU A 145 ? 0.1500 0.1389 0.1437 0.0066  0.0024  -0.0083 103 LEU A N   
343 C CA  A LEU A 145 ? 0.1629 0.1507 0.1587 0.0058  0.0014  -0.0061 103 LEU A CA  
344 C CA  B LEU A 145 ? 0.1719 0.1597 0.1677 0.0058  0.0014  -0.0061 103 LEU A CA  
345 C C   A LEU A 145 ? 0.1595 0.1438 0.1560 0.0091  0.0013  -0.0056 103 LEU A C   
346 C C   B LEU A 145 ? 0.1652 0.1494 0.1617 0.0091  0.0013  -0.0056 103 LEU A C   
347 O O   A LEU A 145 ? 0.1874 0.1665 0.1828 0.0083  0.0000  -0.0046 103 LEU A O   
348 O O   B LEU A 145 ? 0.1854 0.1641 0.1806 0.0084  -0.0001 -0.0047 103 LEU A O   
349 C CB  A LEU A 145 ? 0.2213 0.2159 0.2210 0.0052  0.0016  -0.0043 103 LEU A CB  
350 C CB  B LEU A 145 ? 0.2243 0.2186 0.2239 0.0052  0.0015  -0.0043 103 LEU A CB  
351 C CG  A LEU A 145 ? 0.2813 0.2760 0.2825 0.0045  0.0006  -0.0025 103 LEU A CG  
352 C CG  B LEU A 145 ? 0.2837 0.2799 0.2832 0.0023  0.0008  -0.0038 103 LEU A CG  
353 C CD1 A LEU A 145 ? 0.3326 0.3271 0.3323 0.0014  -0.0001 -0.0025 103 LEU A CD1 
354 C CD1 B LEU A 145 ? 0.2849 0.2859 0.2872 0.0028  0.0008  -0.0028 103 LEU A CD1 
355 C CD2 A LEU A 145 ? 0.2960 0.2955 0.3005 0.0050  0.0006  -0.0013 103 LEU A CD2 
356 C CD2 B LEU A 145 ? 0.3060 0.2991 0.3043 0.0007  -0.0001 -0.0029 103 LEU A CD2 
357 N N   . LEU A 146 ? 0.1496 0.1378 0.1483 0.0127  0.0027  -0.0058 104 LEU A N   
358 C CA  . LEU A 146 ? 0.1457 0.1330 0.1461 0.0169  0.0029  -0.0052 104 LEU A CA  
359 C C   . LEU A 146 ? 0.1694 0.1574 0.1683 0.0211  0.0049  -0.0079 104 LEU A C   
360 O O   . LEU A 146 ? 0.1490 0.1424 0.1477 0.0205  0.0064  -0.0087 104 LEU A O   
361 C CB  . LEU A 146 ? 0.1575 0.1525 0.1636 0.0174  0.0028  -0.0023 104 LEU A CB  
362 C CG  . LEU A 146 ? 0.1618 0.1569 0.1688 0.0140  0.0010  -0.0001 104 LEU A CG  
363 C CD1 . LEU A 146 ? 0.1930 0.1958 0.2048 0.0139  0.0006  0.0021  104 LEU A CD1 
364 C CD2 . LEU A 146 ? 0.1759 0.1647 0.1812 0.0144  -0.0007 0.0009  104 LEU A CD2 
365 N N   . GLU A 147 ? 0.1679 0.1507 0.1657 0.0256  0.0048  -0.0092 105 GLU A N   
366 C CA  . GLU A 147 ? 0.1667 0.1496 0.1622 0.0308  0.0068  -0.0125 105 GLU A CA  
367 C C   . GLU A 147 ? 0.1639 0.1505 0.1636 0.0372  0.0076  -0.0116 105 GLU A C   
368 O O   . GLU A 147 ? 0.1910 0.1720 0.1917 0.0386  0.0056  -0.0099 105 GLU A O   
369 C CB  . GLU A 147 ? 0.2152 0.1853 0.2031 0.0307  0.0058  -0.0166 105 GLU A CB  
370 C CG  . GLU A 147 ? 0.2593 0.2289 0.2433 0.0250  0.0053  -0.0179 105 GLU A CG  
371 C CD  . GLU A 147 ? 0.3776 0.3349 0.3538 0.0238  0.0037  -0.0219 105 GLU A CD  
372 O OE1 . GLU A 147 ? 0.4970 0.4433 0.4705 0.0265  0.0023  -0.0232 105 GLU A OE1 
373 O OE2 . GLU A 147 ? 0.4172 0.3753 0.3898 0.0201  0.0035  -0.0236 105 GLU A OE2 
374 N N   . LYS A 148 ? 0.1662 0.1636 0.1688 0.0410  0.0105  -0.0122 106 LYS A N   
375 C CA  . LYS A 148 ? 0.1664 0.1704 0.1735 0.0480  0.0119  -0.0117 106 LYS A CA  
376 C C   . LYS A 148 ? 0.1757 0.1850 0.1898 0.0470  0.0100  -0.0067 106 LYS A C   
377 O O   . LYS A 148 ? 0.1859 0.1937 0.2025 0.0520  0.0089  -0.0058 106 LYS A O   
378 C CB  . LYS A 148 ? 0.2193 0.2115 0.2215 0.0548  0.0116  -0.0157 106 LYS A CB  
379 C CG  . LYS A 148 ? 0.2404 0.2283 0.2350 0.0568  0.0137  -0.0214 106 LYS A CG  
380 C CD  . LYS A 148 ? 0.2604 0.2343 0.2492 0.0636  0.0129  -0.0261 106 LYS A CD  
381 C CE  . LYS A 148 ? 0.3820 0.3524 0.3626 0.0660  0.0149  -0.0325 106 LYS A CE  
382 N NZ  . LYS A 148 ? 0.4478 0.4131 0.4229 0.0574  0.0135  -0.0334 106 LYS A NZ  
383 N N   . VAL A 149 ? 0.1463 0.1623 0.1638 0.0407  0.0093  -0.0035 107 VAL A N   
384 C CA  . VAL A 149 ? 0.1512 0.1721 0.1741 0.0387  0.0071  0.0008  107 VAL A CA  
385 C C   . VAL A 149 ? 0.1385 0.1754 0.1685 0.0388  0.0085  0.0036  107 VAL A C   
386 O O   . VAL A 149 ? 0.1358 0.1799 0.1662 0.0391  0.0113  0.0028  107 VAL A O   
387 C CB  . VAL A 149 ? 0.1408 0.1562 0.1616 0.0317  0.0047  0.0021  107 VAL A CB  
388 C CG1 . VAL A 149 ? 0.1583 0.1602 0.1730 0.0310  0.0031  0.0003  107 VAL A CG1 
389 C CG2 . VAL A 149 ? 0.1426 0.1621 0.1628 0.0270  0.0059  0.0019  107 VAL A CG2 
390 N N   . ALA A 150 ? 0.1327 0.1756 0.1682 0.0378  0.0063  0.0073  108 ALA A N   
391 C CA  . ALA A 150 ? 0.1443 0.2027 0.1872 0.0364  0.0069  0.0107  108 ALA A CA  
392 C C   . ALA A 150 ? 0.1661 0.2267 0.2085 0.0289  0.0068  0.0120  108 ALA A C   
393 O O   . ALA A 150 ? 0.1445 0.1954 0.1822 0.0248  0.0053  0.0109  108 ALA A O   
394 C CB  . ALA A 150 ? 0.1597 0.2227 0.2078 0.0363  0.0037  0.0142  108 ALA A CB  
395 N N   . LYS A 151 ? 0.1492 0.2233 0.1968 0.0274  0.0082  0.0146  109 LYS A N   
396 C CA  . LYS A 151 ? 0.1500 0.2256 0.1970 0.0205  0.0079  0.0165  109 LYS A CA  
397 C C   . LYS A 151 ? 0.1326 0.2013 0.1787 0.0146  0.0038  0.0177  109 LYS A C   
398 O O   . LYS A 151 ? 0.1274 0.1882 0.1693 0.0107  0.0030  0.0169  109 LYS A O   
399 C CB  . LYS A 151 ? 0.2161 0.3081 0.2693 0.0190  0.0095  0.0203  109 LYS A CB  
400 C CG  . LYS A 151 ? 0.2912 0.3843 0.3430 0.0123  0.0095  0.0226  109 LYS A CG  
401 C CD  . LYS A 151 ? 0.4091 0.4906 0.4529 0.0127  0.0107  0.0191  109 LYS A CD  
402 C CE  . LYS A 151 ? 0.4075 0.4926 0.4497 0.0082  0.0117  0.0216  109 LYS A CE  
403 N NZ  . LYS A 151 ? 0.3901 0.4715 0.4333 0.0009  0.0081  0.0251  109 LYS A NZ  
404 N N   . GLU A 152 ? 0.1545 0.2263 0.2045 0.0143  0.0011  0.0197  110 GLU A N   
405 C CA  . GLU A 152 ? 0.1416 0.2071 0.1898 0.0088  -0.0028 0.0203  110 GLU A CA  
406 C C   . GLU A 152 ? 0.1424 0.1939 0.1837 0.0093  -0.0033 0.0169  110 GLU A C   
407 O O   . GLU A 152 ? 0.1330 0.1780 0.1707 0.0052  -0.0048 0.0160  110 GLU A O   
408 C CB  . GLU A 152 ? 0.1887 0.2609 0.2418 0.0086  -0.0058 0.0229  110 GLU A CB  
409 C CG  . GLU A 152 ? 0.3226 0.3918 0.3747 0.0018  -0.0099 0.0239  110 GLU A CG  
410 C CD  . GLU A 152 ? 0.4872 0.5645 0.5439 0.0008  -0.0133 0.0268  110 GLU A CD  
411 O OE1 . GLU A 152 ? 0.5497 0.6227 0.6040 -0.0037 -0.0171 0.0266  110 GLU A OE1 
412 O OE2 . GLU A 152 ? 0.5239 0.6126 0.5868 0.0051  -0.0122 0.0288  110 GLU A OE2 
413 N N   . ALA A 153 ? 0.1269 0.1739 0.1659 0.0143  -0.0022 0.0149  111 ALA A N   
414 C CA  . ALA A 153 ? 0.1009 0.1361 0.1335 0.0140  -0.0025 0.0122  111 ALA A CA  
415 C C   . ALA A 153 ? 0.0966 0.1276 0.1256 0.0123  -0.0008 0.0102  111 ALA A C   
416 O O   . ALA A 153 ? 0.1114 0.1357 0.1364 0.0098  -0.0017 0.0088  111 ALA A O   
417 C CB  . ALA A 153 ? 0.1487 0.1791 0.1795 0.0193  -0.0018 0.0110  111 ALA A CB  
418 N N   . ALA A 154 ? 0.1224 0.1581 0.1524 0.0140  0.0018  0.0100  112 ALA A N   
419 C CA  . ALA A 154 ? 0.0952 0.1280 0.1218 0.0122  0.0031  0.0086  112 ALA A CA  
420 C C   . ALA A 154 ? 0.0937 0.1267 0.1208 0.0072  0.0014  0.0104  112 ALA A C   
421 O O   . ALA A 154 ? 0.1078 0.1347 0.1314 0.0055  0.0009  0.0092  112 ALA A O   
422 C CB  . ALA A 154 ? 0.1053 0.1442 0.1322 0.0150  0.0063  0.0082  112 ALA A CB  
423 N N   . ASP A 155 ? 0.1127 0.1529 0.1446 0.0049  0.0002  0.0136  113 ASP A N   
424 C CA  . ASP A 155 ? 0.1277 0.1662 0.1597 -0.0002 -0.0020 0.0155  113 ASP A CA  
425 C C   . ASP A 155 ? 0.1117 0.1413 0.1403 -0.0018 -0.0048 0.0136  113 ASP A C   
426 O O   . ASP A 155 ? 0.1096 0.1330 0.1354 -0.0039 -0.0060 0.0129  113 ASP A O   
427 C CB  . ASP A 155 ? 0.1286 0.1768 0.1662 -0.0033 -0.0031 0.0194  113 ASP A CB  
428 C CG  . ASP A 155 ? 0.2024 0.2611 0.2429 -0.0028 -0.0001 0.0219  113 ASP A CG  
429 O OD1 . ASP A 155 ? 0.2494 0.3067 0.2868 -0.0006 0.0025  0.0204  113 ASP A OD1 
430 O OD2 . ASP A 155 ? 0.2818 0.3511 0.3279 -0.0048 -0.0004 0.0254  113 ASP A OD2 
431 N N   . GLU A 156 ? 0.0975 0.1265 0.1263 -0.0004 -0.0058 0.0127  114 GLU A N   
432 C CA  . GLU A 156 ? 0.0916 0.1136 0.1166 -0.0016 -0.0080 0.0108  114 GLU A CA  
433 C C   . GLU A 156 ? 0.1033 0.1187 0.1237 0.0002  -0.0065 0.0079  114 GLU A C   
434 O O   . GLU A 156 ? 0.1024 0.1127 0.1198 -0.0011 -0.0077 0.0063  114 GLU A O   
435 C CB  . GLU A 156 ? 0.0902 0.1140 0.1160 -0.0005 -0.0094 0.0112  114 GLU A CB  
436 C CG  . GLU A 156 ? 0.1342 0.1652 0.1646 -0.0031 -0.0118 0.0141  114 GLU A CG  
437 C CD  . GLU A 156 ? 0.1897 0.2237 0.2211 -0.0015 -0.0135 0.0151  114 GLU A CD  
438 O OE1 . GLU A 156 ? 0.2377 0.2672 0.2658 0.0011  -0.0129 0.0138  114 GLU A OE1 
439 O OE2 . GLU A 156 ? 0.2447 0.2863 0.2806 -0.0034 -0.0158 0.0178  114 GLU A OE2 
440 N N   . ALA A 157 ? 0.1069 0.1226 0.1267 0.0030  -0.0042 0.0071  115 ALA A N   
441 C CA  . ALA A 157 ? 0.0935 0.1044 0.1094 0.0038  -0.0030 0.0049  115 ALA A CA  
442 C C   . ALA A 157 ? 0.0952 0.1052 0.1105 0.0026  -0.0029 0.0047  115 ALA A C   
443 O O   . ALA A 157 ? 0.1202 0.1266 0.1328 0.0024  -0.0034 0.0031  115 ALA A O   
444 C CB  . ALA A 157 ? 0.1185 0.1292 0.1336 0.0064  -0.0011 0.0041  115 ALA A CB  
445 N N   . LYS A 158 ? 0.0822 0.0960 0.0996 0.0022  -0.0022 0.0065  116 LYS A N   
446 C CA  . LYS A 158 ? 0.0964 0.1088 0.1127 0.0010  -0.0024 0.0072  116 LYS A CA  
447 C C   . LYS A 158 ? 0.0947 0.1024 0.1104 -0.0010 -0.0051 0.0073  116 LYS A C   
448 O O   . LYS A 158 ? 0.1117 0.1150 0.1250 -0.0004 -0.0057 0.0062  116 LYS A O   
449 C CB  . LYS A 158 ? 0.1365 0.1551 0.1551 0.0002  -0.0012 0.0100  116 LYS A CB  
450 C CG  . LYS A 158 ? 0.1559 0.1730 0.1732 -0.0015 -0.0018 0.0117  116 LYS A CG  
451 C CD  . LYS A 158 ? 0.2402 0.2648 0.2593 -0.0028 -0.0003 0.0151  116 LYS A CD  
452 C CE  . LYS A 158 ? 0.3458 0.3689 0.3632 -0.0050 -0.0014 0.0181  116 LYS A CE  
453 N NZ  . LYS A 158 ? 0.3420 0.3636 0.3558 -0.0029 -0.0004 0.0164  116 LYS A NZ  
454 N N   . ALA A 159 ? 0.0995 0.1076 0.1170 -0.0030 -0.0070 0.0084  117 ALA A N   
455 C CA  . ALA A 159 ? 0.1020 0.1039 0.1179 -0.0052 -0.0101 0.0080  117 ALA A CA  
456 C C   . ALA A 159 ? 0.0950 0.0918 0.1069 -0.0030 -0.0104 0.0043  117 ALA A C   
457 O O   . ALA A 159 ? 0.1094 0.1004 0.1188 -0.0023 -0.0117 0.0028  117 ALA A O   
458 C CB  . ALA A 159 ? 0.0920 0.0959 0.1102 -0.0086 -0.0124 0.0098  117 ALA A CB  
459 N N   . LYS A 160 ? 0.0935 0.0928 0.1050 -0.0016 -0.0093 0.0029  118 LYS A N   
460 C CA  . LYS A 160 ? 0.0975 0.0941 0.1055 0.0000  -0.0092 -0.0001 118 LYS A CA  
461 C C   . LYS A 160 ? 0.1070 0.1032 0.1138 0.0023  -0.0076 -0.0014 118 LYS A C   
462 O O   . LYS A 160 ? 0.1257 0.1192 0.1301 0.0039  -0.0081 -0.0036 118 LYS A O   
463 C CB  . LYS A 160 ? 0.1049 0.1045 0.1123 0.0003  -0.0085 -0.0002 118 LYS A CB  
464 C CG  . LYS A 160 ? 0.1180 0.1184 0.1259 -0.0016 -0.0107 0.0008  118 LYS A CG  
465 C CD  . LYS A 160 ? 0.1592 0.1625 0.1667 -0.0008 -0.0101 0.0015  118 LYS A CD  
466 C CE  . LYS A 160 ? 0.2920 0.2973 0.2999 -0.0024 -0.0127 0.0027  118 LYS A CE  
467 N NZ  . LYS A 160 ? 0.3451 0.3528 0.3536 -0.0011 -0.0121 0.0046  118 LYS A NZ  
468 N N   . LEU A 161 ? 0.1098 0.1091 0.1182 0.0027  -0.0057 -0.0001 119 LEU A N   
469 C CA  . LEU A 161 ? 0.1009 0.1010 0.1084 0.0043  -0.0046 -0.0010 119 LEU A CA  
470 C C   . LEU A 161 ? 0.1113 0.1086 0.1187 0.0051  -0.0058 -0.0006 119 LEU A C   
471 O O   . LEU A 161 ? 0.1149 0.1120 0.1214 0.0073  -0.0058 -0.0020 119 LEU A O   
472 C CB  . LEU A 161 ? 0.1066 0.1100 0.1148 0.0042  -0.0028 -0.0003 119 LEU A CB  
473 C CG  . LEU A 161 ? 0.1142 0.1183 0.1216 0.0039  -0.0018 -0.0009 119 LEU A CG  
474 C CD1 . LEU A 161 ? 0.1521 0.1573 0.1600 0.0040  -0.0006 -0.0004 119 LEU A CD1 
475 C CD2 . LEU A 161 ? 0.1533 0.1585 0.1589 0.0040  -0.0014 -0.0024 119 LEU A CD2 
476 N N   . GLU A 162 ? 0.1112 0.1069 0.1199 0.0034  -0.0069 0.0019  120 GLU A N   
477 C CA  . GLU A 162 ? 0.1282 0.1196 0.1364 0.0037  -0.0087 0.0031  120 GLU A CA  
478 C C   . GLU A 162 ? 0.1244 0.1090 0.1304 0.0051  -0.0109 0.0008  120 GLU A C   
479 O O   . GLU A 162 ? 0.1519 0.1328 0.1566 0.0078  -0.0119 0.0002  120 GLU A O   
480 C CB  . GLU A 162 ? 0.1532 0.1449 0.1630 0.0005  -0.0095 0.0069  120 GLU A CB  
481 C CG  . GLU A 162 ? 0.2104 0.2090 0.2215 0.0001  -0.0072 0.0089  120 GLU A CG  
482 C CD  . GLU A 162 ? 0.2185 0.2193 0.2311 -0.0031 -0.0076 0.0131  120 GLU A CD  
483 O OE1 . GLU A 162 ? 0.2740 0.2725 0.2878 -0.0060 -0.0096 0.0145  120 GLU A OE1 
484 O OE2 . GLU A 162 ? 0.2364 0.2421 0.2488 -0.0032 -0.0060 0.0149  120 GLU A OE2 
485 N N   . ALA A 163 ? 0.1310 0.1138 0.1360 0.0038  -0.0119 -0.0008 121 ALA A N   
486 C CA  . ALA A 163 ? 0.1251 0.1008 0.1267 0.0054  -0.0140 -0.0039 121 ALA A CA  
487 C C   . ALA A 163 ? 0.1543 0.1322 0.1543 0.0100  -0.0123 -0.0072 121 ALA A C   
488 O O   . ALA A 163 ? 0.1940 0.1664 0.1915 0.0133  -0.0136 -0.0099 121 ALA A O   
489 C CB  . ALA A 163 ? 0.1499 0.1247 0.1503 0.0027  -0.0153 -0.0051 121 ALA A CB  
490 N N   . ALA A 164 ? 0.1259 0.1118 0.1274 0.0102  -0.0095 -0.0071 122 ALA A N   
491 C CA  . ALA A 164 ? 0.1333 0.1243 0.1343 0.0135  -0.0077 -0.0094 122 ALA A CA  
492 C C   . ALA A 164 ? 0.1383 0.1318 0.1413 0.0160  -0.0072 -0.0084 122 ALA A C   
493 O O   . ALA A 164 ? 0.1599 0.1594 0.1633 0.0186  -0.0058 -0.0098 122 ALA A O   
494 C CB  . ALA A 164 ? 0.1371 0.1348 0.1386 0.0116  -0.0055 -0.0090 122 ALA A CB  
495 N N   . GLY A 165 ? 0.1371 0.1274 0.1412 0.0151  -0.0086 -0.0056 123 GLY A N   
496 C CA  . GLY A 165 ? 0.1228 0.1149 0.1282 0.0175  -0.0088 -0.0042 123 GLY A CA  
497 C C   . GLY A 165 ? 0.1142 0.1128 0.1214 0.0151  -0.0075 -0.0017 123 GLY A C   
498 O O   . GLY A 165 ? 0.1544 0.1555 0.1623 0.0166  -0.0079 -0.0002 123 GLY A O   
499 N N   . ALA A 166 ? 0.1163 0.1173 0.1236 0.0119  -0.0060 -0.0014 124 ALA A N   
500 C CA  . ALA A 166 ? 0.1035 0.1092 0.1113 0.0100  -0.0047 -0.0001 124 ALA A CA  
501 C C   . ALA A 166 ? 0.1047 0.1088 0.1124 0.0084  -0.0052 0.0028  124 ALA A C   
502 O O   . ALA A 166 ? 0.1325 0.1320 0.1403 0.0075  -0.0065 0.0044  124 ALA A O   
503 C CB  . ALA A 166 ? 0.1168 0.1245 0.1241 0.0080  -0.0031 -0.0012 124 ALA A CB  
504 N N   . THR A 167 ? 0.1075 0.1158 0.1145 0.0074  -0.0043 0.0037  125 THR A N   
505 C CA  . THR A 167 ? 0.0929 0.1022 0.0993 0.0058  -0.0039 0.0063  125 THR A CA  
506 C C   . THR A 167 ? 0.0845 0.0964 0.0903 0.0046  -0.0018 0.0050  125 THR A C   
507 O O   . THR A 167 ? 0.0953 0.1086 0.1002 0.0047  -0.0010 0.0026  125 THR A O   
508 C CB  . THR A 167 ? 0.1076 0.1196 0.1127 0.0063  -0.0047 0.0081  125 THR A CB  
509 O OG1 . THR A 167 ? 0.1493 0.1582 0.1552 0.0084  -0.0070 0.0092  125 THR A OG1 
510 C CG2 . THR A 167 ? 0.1158 0.1299 0.1196 0.0045  -0.0043 0.0112  125 THR A CG2 
511 N N   . VAL A 168 ? 0.1021 0.1148 0.1087 0.0036  -0.0011 0.0066  126 VAL A N   
512 C CA  . VAL A 168 ? 0.1033 0.1179 0.1097 0.0037  0.0009  0.0053  126 VAL A CA  
513 C C   . VAL A 168 ? 0.1120 0.1314 0.1180 0.0032  0.0024  0.0072  126 VAL A C   
514 O O   . VAL A 168 ? 0.1354 0.1563 0.1423 0.0017  0.0017  0.0106  126 VAL A O   
515 C CB  . VAL A 168 ? 0.1218 0.1345 0.1309 0.0034  0.0005  0.0051  126 VAL A CB  
516 C CG1 . VAL A 168 ? 0.1274 0.1426 0.1373 0.0044  0.0022  0.0045  126 VAL A CG1 
517 C CG2 . VAL A 168 ? 0.1845 0.1935 0.1931 0.0039  -0.0005 0.0030  126 VAL A CG2 
518 N N   . THR A 169 ? 0.0910 0.1128 0.0953 0.0045  0.0044  0.0051  127 THR A N   
519 C CA  . THR A 169 ? 0.0910 0.1186 0.0950 0.0051  0.0065  0.0063  127 THR A CA  
520 C C   . THR A 169 ? 0.1055 0.1341 0.1114 0.0074  0.0080  0.0046  127 THR A C   
521 O O   . THR A 169 ? 0.1097 0.1339 0.1138 0.0090  0.0082  0.0012  127 THR A O   
522 C CB  . THR A 169 ? 0.0995 0.1299 0.0987 0.0057  0.0077  0.0049  127 THR A CB  
523 O OG1 . THR A 169 ? 0.1087 0.1385 0.1064 0.0039  0.0058  0.0068  127 THR A OG1 
524 C CG2 . THR A 169 ? 0.1232 0.1617 0.1220 0.0063  0.0103  0.0064  127 THR A CG2 
525 N N   . VAL A 170 ? 0.1044 0.1390 0.1141 0.0072  0.0090  0.0071  128 VAL A N   
526 C CA  . VAL A 170 ? 0.1157 0.1538 0.1276 0.0102  0.0107  0.0060  128 VAL A CA  
527 C C   . VAL A 170 ? 0.1550 0.2005 0.1648 0.0128  0.0139  0.0052  128 VAL A C   
528 O O   . VAL A 170 ? 0.1419 0.1945 0.1519 0.0108  0.0149  0.0083  128 VAL A O   
529 C CB  . VAL A 170 ? 0.1026 0.1450 0.1206 0.0087  0.0097  0.0094  128 VAL A CB  
530 C CG1 . VAL A 170 ? 0.1352 0.1838 0.1564 0.0125  0.0115  0.0089  128 VAL A CG1 
531 C CG2 . VAL A 170 ? 0.1504 0.1851 0.1690 0.0066  0.0066  0.0093  128 VAL A CG2 
532 N N   . LYS A 171 ? 0.1110 0.1542 0.1182 0.0172  0.0154  0.0010  129 LYS A N   
533 C CA  . LYS A 171 ? 0.1405 0.1892 0.1439 0.0205  0.0185  -0.0013 129 LYS A CA  
534 C C   . LYS A 171 ? 0.1920 0.2455 0.1977 0.0261  0.0208  -0.0029 129 LYS A C   
535 O O   . LYS A 171 ? 0.1844 0.2326 0.1924 0.0284  0.0196  -0.0039 129 LYS A O   
536 C CB  . LYS A 171 ? 0.1731 0.2134 0.1688 0.0211  0.0180  -0.0060 129 LYS A CB  
537 C CG  . LYS A 171 ? 0.1432 0.1808 0.1364 0.0164  0.0158  -0.0044 129 LYS A CG  
538 C CD  . LYS A 171 ? 0.1638 0.1955 0.1497 0.0165  0.0153  -0.0088 129 LYS A CD  
539 C CE  . LYS A 171 ? 0.1855 0.2164 0.1697 0.0123  0.0129  -0.0070 129 LYS A CE  
540 N NZ  . LYS A 171 ? 0.2085 0.2353 0.1857 0.0117  0.0120  -0.0109 129 LYS A NZ  
541 O OXT . LYS A 171 ? 0.2277 0.2911 0.2330 0.0289  0.0241  -0.0031 129 LYS A OXT 
542 C C1  . EDO B .   ? 0.3021 0.3093 0.3060 -0.0029 -0.0088 0.0264  201 EDO A C1  
543 O O1  . EDO B .   ? 0.3750 0.3903 0.3767 -0.0038 -0.0068 0.0284  201 EDO A O1  
544 C C2  . EDO B .   ? 0.4081 0.4168 0.4146 -0.0041 -0.0071 0.0243  201 EDO A C2  
545 O O2  . EDO B .   ? 0.2806 0.2938 0.2869 -0.0018 -0.0045 0.0198  201 EDO A O2  
546 O O   . HOH C .   ? 0.6083 0.7203 0.6196 -0.0368 0.0073  0.0148  301 HOH A O   
547 O O   . HOH C .   ? 0.3527 0.3378 0.3648 -0.0097 -0.0156 0.0139  302 HOH A O   
548 O O   . HOH C .   ? 0.4540 0.4728 0.4719 -0.0019 -0.0154 0.0101  303 HOH A O   
549 O O   . HOH C .   ? 0.3397 0.3425 0.3358 0.0006  -0.0079 -0.0035 304 HOH A O   
550 O O   . HOH C .   ? 0.2569 0.3208 0.2639 -0.0376 -0.0051 0.0056  305 HOH A O   
551 O O   . HOH C .   ? 0.3910 0.4671 0.3879 0.0271  0.0279  -0.0025 306 HOH A O   
552 O O   . HOH C .   ? 0.1992 0.2062 0.2078 0.0009  -0.0048 0.0130  307 HOH A O   
553 O O   . HOH C .   ? 0.5996 0.5359 0.5703 0.0410  0.0036  -0.0280 308 HOH A O   
554 O O   . HOH C .   ? 0.1511 0.1823 0.1320 0.0005  0.0001  -0.0012 309 HOH A O   
555 O O   . HOH C .   ? 0.6631 0.6585 0.6578 0.0893  0.0210  -0.0321 310 HOH A O   
556 O O   . HOH C .   ? 0.4799 0.4068 0.4427 -0.0476 -0.0201 0.0095  311 HOH A O   
557 O O   . HOH C .   ? 0.1591 0.1725 0.1675 0.0214  -0.0044 -0.0075 312 HOH A O   
558 O O   . HOH C .   ? 0.1937 0.2032 0.2019 0.0141  -0.0079 0.0048  313 HOH A O   
559 O O   . HOH C .   ? 0.4522 0.4641 0.4314 0.0260  0.0157  -0.0201 314 HOH A O   
560 O O   . HOH C .   ? 0.5404 0.5478 0.5487 0.0030  -0.0111 0.0088  315 HOH A O   
561 O O   . HOH C .   ? 0.4484 0.4576 0.4523 -0.0048 -0.0178 0.0044  316 HOH A O   
562 O O   . HOH C .   ? 0.3906 0.3638 0.3871 0.0243  -0.0127 -0.0140 317 HOH A O   
563 O O   . HOH C .   ? 0.2588 0.2703 0.2599 0.0192  -0.0022 -0.0136 318 HOH A O   
564 O O   . HOH C .   ? 0.4053 0.4175 0.4210 0.0031  -0.0091 0.0077  319 HOH A O   
565 O O   . HOH C .   ? 0.3149 0.2980 0.2987 -0.0094 -0.0103 0.0191  320 HOH A O   
566 O O   . HOH C .   ? 0.1757 0.2242 0.1790 -0.0099 -0.0075 -0.0028 321 HOH A O   
567 O O   . HOH C .   ? 0.2312 0.2266 0.2139 -0.0270 -0.0088 -0.0083 322 HOH A O   
568 O O   . HOH C .   ? 0.4417 0.4341 0.4319 -0.0039 -0.0092 0.0137  323 HOH A O   
569 O O   . HOH C .   ? 0.1698 0.2182 0.1791 -0.0030 -0.0042 -0.0020 324 HOH A O   
570 O O   . HOH C .   ? 0.3311 0.3960 0.3548 0.0501  -0.0012 -0.0129 325 HOH A O   
571 O O   . HOH C .   ? 0.4456 0.4990 0.4631 0.0150  -0.0045 -0.0012 326 HOH A O   
572 O O   . HOH C .   ? 0.3408 0.3849 0.3700 -0.0051 0.0011  0.0207  327 HOH A O   
573 O O   . HOH C .   ? 0.4454 0.4230 0.4231 0.0418  0.0127  -0.0277 328 HOH A O   
574 O O   . HOH C .   ? 0.1859 0.2112 0.1658 0.0053  0.0066  -0.0066 329 HOH A O   
575 O O   . HOH C .   ? 0.3056 0.3144 0.2781 0.0146  0.0108  -0.0193 330 HOH A O   
576 O O   . HOH C .   ? 0.3368 0.3217 0.3431 0.0092  -0.0117 0.0056  331 HOH A O   
577 O O   . HOH C .   ? 0.2254 0.2478 0.2266 0.0471  0.0192  -0.0163 332 HOH A O   
578 O O   . HOH C .   ? 0.2561 0.2908 0.2516 0.0016  -0.0060 0.0028  333 HOH A O   
579 O O   . HOH C .   ? 0.2880 0.2882 0.2969 0.0267  -0.0104 -0.0020 334 HOH A O   
580 O O   . HOH C .   ? 0.2746 0.2931 0.2604 -0.0048 -0.0016 0.0009  335 HOH A O   
581 O O   . HOH C .   ? 0.1908 0.1818 0.1768 -0.0122 -0.0062 0.0135  336 HOH A O   
582 O O   . HOH C .   ? 0.1984 0.1874 0.1963 0.0038  -0.0108 -0.0083 337 HOH A O   
583 O O   . HOH C .   ? 0.3588 0.3279 0.3381 -0.0071 -0.0038 -0.0125 338 HOH A O   
584 O O   . HOH C .   ? 0.2173 0.1966 0.2259 -0.0072 -0.0172 0.0064  339 HOH A O   
585 O O   . HOH C .   ? 0.3018 0.2747 0.2824 -0.0256 -0.0084 -0.0025 340 HOH A O   
586 O O   . HOH C .   ? 0.3867 0.4079 0.3804 0.0643  0.0244  -0.0263 341 HOH A O   
587 O O   . HOH C .   ? 0.1693 0.2848 0.2349 0.0639  0.0184  0.0124  342 HOH A O   
588 O O   . HOH C .   ? 0.3287 0.3873 0.3298 -0.0552 -0.0066 0.0140  343 HOH A O   
589 O O   . HOH C .   ? 0.2332 0.2463 0.2518 0.0083  -0.0049 0.0077  344 HOH A O   
590 O O   . HOH C .   ? 0.2460 0.2499 0.2601 0.0119  -0.0052 0.0078  345 HOH A O   
591 O O   . HOH C .   ? 0.2957 0.3724 0.3150 0.0120  0.0191  0.0140  346 HOH A O   
592 O O   . HOH C .   ? 0.5113 0.4382 0.4753 0.0565  0.0059  -0.0367 347 HOH A O   
593 O O   . HOH C .   ? 0.3564 0.3323 0.3338 -0.0473 -0.0136 0.0058  348 HOH A O   
594 O O   . HOH C .   ? 0.3382 0.3542 0.3151 -0.0145 -0.0076 -0.0136 349 HOH A O   
595 O O   . HOH C .   ? 0.4306 0.4418 0.4227 0.0124  -0.0018 -0.0149 350 HOH A O   
596 O O   . HOH C .   ? 0.3494 0.4193 0.3698 0.0276  0.0020  -0.0092 351 HOH A O   
597 O O   . HOH C .   ? 0.2076 0.2487 0.2214 0.0002  0.0068  0.0165  352 HOH A O   
598 O O   . HOH C .   ? 0.3415 0.3284 0.3066 -0.0104 -0.0051 -0.0221 353 HOH A O   
599 O O   . HOH C .   ? 0.3056 0.3314 0.3381 0.0393  0.0002  0.0092  354 HOH A O   
600 O O   . HOH C .   ? 0.2671 0.3669 0.3245 0.0413  0.0141  0.0151  355 HOH A O   
601 O O   . HOH C .   ? 0.2248 0.2666 0.2340 0.0044  -0.0049 -0.0006 356 HOH A O   
602 O O   . HOH C .   ? 0.4407 0.5703 0.5063 0.0389  0.0193  0.0199  357 HOH A O   
603 O O   . HOH C .   ? 0.2975 0.3398 0.2977 0.0420  0.0235  -0.0139 358 HOH A O   
604 O O   . HOH C .   ? 0.2150 0.2413 0.2417 -0.0088 -0.0057 0.0182  359 HOH A O   
605 O O   . HOH C .   ? 0.5325 0.5453 0.5367 0.0105  -0.0105 0.0151  360 HOH A O   
606 O O   . HOH C .   ? 0.3947 0.3706 0.4009 0.0468  0.0019  -0.0051 361 HOH A O   
607 O O   . HOH C .   ? 0.5027 0.5305 0.5313 0.0108  -0.0098 0.0143  362 HOH A O   
608 O O   . HOH C .   ? 0.3813 0.3947 0.4025 -0.0114 -0.0083 0.0196  363 HOH A O   
609 O O   . HOH C .   ? 0.2890 0.2549 0.2845 0.0238  -0.0004 -0.0055 364 HOH A O   
610 O O   . HOH C .   ? 0.4693 0.4126 0.4512 -0.0024 -0.0107 0.0086  365 HOH A O   
611 O O   . HOH C .   ? 0.3902 0.4813 0.4030 0.0221  0.0270  0.0081  366 HOH A O   
612 O O   . HOH C .   ? 0.2423 0.2227 0.2196 -0.0455 -0.0105 0.0198  367 HOH A O   
613 O O   . HOH C .   ? 0.2101 0.3077 0.2744 0.0235  0.0018  0.0241  368 HOH A O   
614 O O   . HOH C .   ? 0.5227 0.5408 0.5064 -0.0852 -0.0219 0.0153  369 HOH A O   
615 O O   . HOH C .   ? 0.3342 0.3994 0.3312 -0.0465 0.0012  0.0189  370 HOH A O   
616 O O   . HOH C .   ? 0.2854 0.3229 0.2983 0.0158  -0.0074 0.0025  371 HOH A O   
617 O O   . HOH C .   ? 0.3311 0.3472 0.3451 0.0631  -0.0101 -0.0153 372 HOH A O   
618 O O   . HOH C .   ? 0.4588 0.4421 0.4338 0.0214  0.0088  -0.0234 373 HOH A O   
619 O O   . HOH C .   ? 0.4391 0.4205 0.4431 0.0143  -0.0067 0.0084  374 HOH A O   
620 O O   . HOH C .   ? 0.4128 0.4734 0.4188 0.0582  0.0299  -0.0167 375 HOH A O   
621 O O   . HOH C .   ? 0.6479 0.6398 0.6553 0.0038  -0.0105 0.0126  376 HOH A O   
622 O O   . HOH C .   ? 0.3218 0.3787 0.3691 0.0238  -0.0050 0.0188  377 HOH A O   
623 O O   . HOH C .   ? 0.4429 0.5145 0.4666 0.0238  -0.0018 -0.0042 378 HOH A O   
624 O O   . HOH C .   ? 0.6361 0.5984 0.6350 0.0342  -0.0018 -0.0034 379 HOH A O   
625 O O   . HOH C .   ? 0.5761 0.5779 0.5985 0.0509  0.0009  0.0032  380 HOH A O   
626 O O   . HOH C .   ? 0.4516 0.4514 0.4261 0.0019  0.0022  -0.0172 381 HOH A O   
627 O O   . HOH C .   ? 0.5323 0.5486 0.5127 -0.0116 -0.0034 0.0098  382 HOH A O   
628 O O   . HOH C .   ? 0.3656 0.4372 0.3670 -0.0556 -0.0022 0.0194  383 HOH A O   
629 O O   . HOH C .   ? 0.5169 0.5629 0.5572 0.0144  -0.0105 0.0190  384 HOH A O   
630 O O   . HOH C .   ? 0.2796 0.3182 0.2870 -0.0029 0.0049  0.0206  385 HOH A O   
631 O O   . HOH C .   ? 0.3573 0.3771 0.3674 0.0184  -0.0099 0.0066  386 HOH A O   
632 O O   . HOH C .   ? 0.3046 0.2815 0.2851 -0.0186 -0.0066 -0.0089 387 HOH A O   
633 O O   . HOH C .   ? 0.5322 0.4919 0.5342 -0.0045 -0.0220 0.0036  388 HOH A O   
634 O O   . HOH C .   ? 0.3420 0.3566 0.3161 0.0024  0.0034  -0.0133 389 HOH A O   
635 O O   . HOH C .   ? 0.3411 0.3039 0.3149 -0.0386 -0.0135 -0.0013 390 HOH A O   
636 O O   . HOH C .   ? 0.2104 0.2471 0.1958 -0.0007 -0.0050 0.0023  391 HOH A O   
637 O O   . HOH C .   ? 0.5731 0.5981 0.5779 0.0120  -0.0103 0.0120  392 HOH A O   
638 O O   . HOH C .   ? 0.6428 0.7022 0.6240 0.0256  0.0254  -0.0100 393 HOH A O   
639 O O   . HOH C .   ? 0.3328 0.3844 0.3561 -0.0035 0.0063  0.0219  394 HOH A O   
640 O O   . HOH C .   ? 0.6735 0.6744 0.6877 0.0775  -0.0164 -0.0140 395 HOH A O   
641 O O   . HOH C .   ? 0.2820 0.3082 0.2525 -0.0020 -0.0006 -0.0100 396 HOH A O   
642 O O   . HOH C .   ? 0.3096 0.3057 0.3063 0.0012  -0.0103 -0.0065 397 HOH A O   
643 O O   . HOH C .   ? 0.3770 0.4470 0.3738 -0.0776 -0.0070 0.0297  398 HOH A O   
644 O O   . HOH C .   ? 0.4786 0.4308 0.4552 -0.0181 -0.0091 -0.0030 399 HOH A O   
645 O O   . HOH C .   ? 0.5484 0.5304 0.5558 0.0223  -0.0045 0.0058  400 HOH A O   
646 O O   . HOH C .   ? 0.4378 0.4743 0.4386 0.0076  -0.0097 0.0103  401 HOH A O   
647 O O   . HOH C .   ? 0.2760 0.4172 0.3580 0.0502  0.0126  0.0245  402 HOH A O   
648 O O   . HOH C .   ? 0.3653 0.4065 0.3445 -0.0058 -0.0082 -0.0026 403 HOH A O   
649 O O   . HOH C .   ? 0.4662 0.4217 0.4339 -0.0237 -0.0111 -0.0145 404 HOH A O   
650 O O   . HOH C .   ? 0.5419 0.4694 0.5247 0.0901  0.0050  -0.0302 405 HOH A O   
# 
